data_6FYG
#
_entry.id   6FYG
#
_cell.length_a   164.806
_cell.length_b   174.229
_cell.length_c   131.773
_cell.angle_alpha   90.00
_cell.angle_beta   90.00
_cell.angle_gamma   90.00
#
_symmetry.space_group_name_H-M   'C 2 2 2'
#
loop_
_entity.id
_entity.type
_entity.pdbx_description
1 polymer 'Putative FAD-dependent oxygenase EncM'
2 non-polymer 'FLAVIN-ADENINE DINUCLEOTIDE'
3 water water
#
_entity_poly.entity_id   1
_entity_poly.type   'polypeptide(L)'
_entity_poly.pdbx_seq_one_letter_code
;MQFPQLDPATLAAFSAAFRGELIWPSDADYDEARRIWNGTIDRRPALIARCTSTPDVVAAVSFARKSGLLVAVRGGGHSM
AGHSVCDGGIVIDLSLMNSIKVSRRLRRARAQGGCLLGAFDTATQAHMLATPAGTVSHTGLGGLVLGGGFGWLSRKYGLS
IDNLTSVEIVTADGGVLTASDTENPDLFWAVRGGGGNFGVVTAFEFDLHRVGPVRFASTYYSLDEGPQVIRAWRDHMATA
PDELTWALYLRLAPPLPELPADMHGKPVICAMSCWIGDPHEGERQLESILHAGKPHGLTKATLPYRALQAYSFPGAVVPD
RIYTKSGYLNELSDEATDTVLEHAADIASPFTQLELLYLGGAVARVPDDATAYPNRQSPFVTNLAAAWMDPTEDARHTAW
AREGYRALAGHLSGGYVNFMNPGEADRTREAYGAAKFERLQGVKAKYDPTNLFRLNQNIPPSSP
;
_entity_poly.pdbx_strand_id   A,B,C,D
#
loop_
_chem_comp.id
_chem_comp.type
_chem_comp.name
_chem_comp.formula
FAD non-polymer 'FLAVIN-ADENINE DINUCLEOTIDE' 'C27 H33 N9 O15 P2'
#
# COMPACT_ATOMS: atom_id res chain seq x y z
N GLN A 2 -17.39 -16.67 -49.79
CA GLN A 2 -18.01 -15.48 -49.19
C GLN A 2 -19.54 -15.50 -49.31
N PHE A 3 -20.08 -16.49 -50.02
CA PHE A 3 -21.54 -16.71 -50.06
C PHE A 3 -21.92 -18.15 -49.72
N PRO A 4 -21.50 -18.67 -48.55
CA PRO A 4 -22.06 -19.95 -48.11
C PRO A 4 -23.56 -19.84 -47.83
N GLN A 5 -24.22 -20.98 -47.97
CA GLN A 5 -25.63 -21.08 -47.61
C GLN A 5 -25.77 -20.99 -46.08
N LEU A 6 -26.55 -20.01 -45.62
CA LEU A 6 -26.79 -19.86 -44.18
C LEU A 6 -28.22 -20.28 -43.85
N ASP A 7 -28.36 -21.07 -42.80
CA ASP A 7 -29.67 -21.58 -42.41
C ASP A 7 -30.53 -20.42 -41.92
N PRO A 8 -31.67 -20.13 -42.57
CA PRO A 8 -32.50 -18.98 -42.14
C PRO A 8 -32.89 -19.01 -40.68
N ALA A 9 -33.17 -20.18 -40.11
CA ALA A 9 -33.47 -20.27 -38.68
C ALA A 9 -32.32 -19.73 -37.85
N THR A 10 -31.12 -20.30 -38.02
CA THR A 10 -29.95 -19.86 -37.27
C THR A 10 -29.68 -18.37 -37.46
N LEU A 11 -29.84 -17.87 -38.67
CA LEU A 11 -29.60 -16.45 -38.92
C LEU A 11 -30.65 -15.58 -38.24
N ALA A 12 -31.92 -15.99 -38.31
CA ALA A 12 -32.99 -15.21 -37.68
C ALA A 12 -32.74 -15.06 -36.18
N ALA A 13 -32.46 -16.17 -35.49
CA ALA A 13 -32.17 -16.10 -34.07
C ALA A 13 -31.02 -15.15 -33.77
N PHE A 14 -30.02 -15.14 -34.65
CA PHE A 14 -28.85 -14.27 -34.48
C PHE A 14 -29.26 -12.80 -34.48
N SER A 15 -30.03 -12.37 -35.48
CA SER A 15 -30.43 -10.97 -35.56
C SER A 15 -31.39 -10.58 -34.45
N ALA A 16 -32.28 -11.49 -34.04
CA ALA A 16 -33.15 -11.21 -32.91
C ALA A 16 -32.36 -10.86 -31.68
N ALA A 17 -31.22 -11.54 -31.47
CA ALA A 17 -30.38 -11.36 -30.29
C ALA A 17 -29.26 -10.36 -30.50
N PHE A 18 -29.12 -9.79 -31.69
CA PHE A 18 -27.99 -8.94 -32.05
C PHE A 18 -28.48 -7.50 -32.19
N ARG A 19 -28.04 -6.63 -31.30
CA ARG A 19 -28.39 -5.22 -31.35
C ARG A 19 -27.40 -4.40 -32.16
N GLY A 20 -26.44 -5.04 -32.84
CA GLY A 20 -25.41 -4.34 -33.58
C GLY A 20 -25.73 -4.21 -35.06
N GLU A 21 -24.70 -3.85 -35.82
CA GLU A 21 -24.79 -3.65 -37.26
C GLU A 21 -24.07 -4.78 -37.97
N LEU A 22 -24.71 -5.32 -39.02
CA LEU A 22 -24.16 -6.40 -39.81
C LEU A 22 -23.81 -5.88 -41.20
N ILE A 23 -22.62 -6.21 -41.68
CA ILE A 23 -22.11 -5.73 -42.96
C ILE A 23 -21.91 -6.93 -43.87
N TRP A 24 -22.64 -6.95 -44.99
CA TRP A 24 -22.65 -8.03 -45.95
C TRP A 24 -21.81 -7.69 -47.17
N PRO A 25 -21.39 -8.69 -47.95
CA PRO A 25 -20.53 -8.40 -49.12
C PRO A 25 -21.16 -7.48 -50.15
N SER A 26 -22.48 -7.36 -50.19
CA SER A 26 -23.11 -6.46 -51.15
C SER A 26 -23.19 -5.02 -50.64
N ASP A 27 -22.97 -4.78 -49.35
CA ASP A 27 -23.11 -3.44 -48.81
C ASP A 27 -21.94 -2.54 -49.24
N ALA A 28 -22.24 -1.25 -49.36
CA ALA A 28 -21.24 -0.30 -49.87
C ALA A 28 -20.04 -0.18 -48.96
N ASP A 29 -20.22 -0.29 -47.64
CA ASP A 29 -19.09 -0.13 -46.73
C ASP A 29 -18.36 -1.45 -46.44
N TYR A 30 -18.63 -2.49 -47.23
CA TYR A 30 -18.01 -3.80 -46.99
C TYR A 30 -16.52 -3.75 -47.31
N ASP A 31 -16.14 -3.10 -48.41
CA ASP A 31 -14.72 -3.08 -48.79
C ASP A 31 -13.88 -2.29 -47.79
N GLU A 32 -14.40 -1.18 -47.28
CA GLU A 32 -13.65 -0.45 -46.26
C GLU A 32 -13.60 -1.23 -44.94
N ALA A 33 -14.69 -1.93 -44.61
CA ALA A 33 -14.77 -2.59 -43.31
C ALA A 33 -13.86 -3.81 -43.24
N ARG A 34 -13.60 -4.47 -44.36
CA ARG A 34 -12.73 -5.64 -44.33
C ARG A 34 -11.25 -5.29 -44.41
N ARG A 35 -10.90 -4.02 -44.58
CA ARG A 35 -9.49 -3.67 -44.63
C ARG A 35 -8.94 -3.50 -43.23
N ILE A 36 -7.75 -4.05 -43.00
CA ILE A 36 -7.06 -3.96 -41.72
C ILE A 36 -5.74 -3.24 -41.93
N TRP A 37 -5.00 -3.03 -40.85
CA TRP A 37 -3.79 -2.20 -40.92
C TRP A 37 -2.79 -2.77 -41.94
N ASN A 38 -2.59 -4.08 -41.94
CA ASN A 38 -1.72 -4.73 -42.92
C ASN A 38 -2.47 -4.81 -44.25
N GLY A 39 -2.26 -3.80 -45.09
CA GLY A 39 -2.94 -3.66 -46.36
C GLY A 39 -2.60 -4.70 -47.41
N THR A 40 -1.63 -5.59 -47.15
CA THR A 40 -1.37 -6.71 -48.04
C THR A 40 -2.37 -7.84 -47.84
N ILE A 41 -3.18 -7.78 -46.79
CA ILE A 41 -4.14 -8.82 -46.47
C ILE A 41 -5.47 -8.41 -47.11
N ASP A 42 -5.81 -9.08 -48.21
CA ASP A 42 -7.05 -8.83 -48.93
C ASP A 42 -7.92 -10.07 -48.79
N ARG A 43 -8.95 -9.99 -47.96
CA ARG A 43 -9.80 -11.14 -47.70
C ARG A 43 -11.25 -10.71 -47.59
N ARG A 44 -12.14 -11.61 -47.98
CA ARG A 44 -13.56 -11.32 -48.16
C ARG A 44 -14.36 -12.21 -47.22
N PRO A 45 -14.70 -11.73 -46.02
CA PRO A 45 -15.53 -12.52 -45.13
C PRO A 45 -16.95 -12.62 -45.66
N ALA A 46 -17.64 -13.69 -45.25
CA ALA A 46 -19.05 -13.80 -45.59
C ALA A 46 -19.89 -12.74 -44.91
N LEU A 47 -19.42 -12.18 -43.80
CA LEU A 47 -20.22 -11.34 -42.93
C LEU A 47 -19.30 -10.61 -41.95
N ILE A 48 -19.62 -9.35 -41.66
CA ILE A 48 -18.94 -8.58 -40.64
C ILE A 48 -19.96 -8.18 -39.58
N ALA A 49 -19.72 -8.57 -38.35
CA ALA A 49 -20.64 -8.30 -37.23
C ALA A 49 -19.99 -7.25 -36.33
N ARG A 50 -20.50 -6.02 -36.41
CA ARG A 50 -19.95 -4.91 -35.64
C ARG A 50 -20.59 -4.92 -34.26
N CYS A 51 -19.98 -5.66 -33.34
CA CYS A 51 -20.59 -5.86 -32.03
C CYS A 51 -20.58 -4.57 -31.21
N THR A 52 -21.63 -4.37 -30.42
CA THR A 52 -21.80 -3.17 -29.61
C THR A 52 -21.87 -3.45 -28.11
N SER A 53 -21.79 -4.72 -27.70
CA SER A 53 -21.94 -5.09 -26.30
C SER A 53 -21.54 -6.54 -26.12
N THR A 54 -21.35 -6.93 -24.86
CA THR A 54 -21.10 -8.35 -24.57
C THR A 54 -22.20 -9.26 -25.08
N PRO A 55 -23.50 -8.98 -24.88
CA PRO A 55 -24.52 -9.84 -25.50
C PRO A 55 -24.40 -9.92 -27.00
N ASP A 56 -23.95 -8.85 -27.67
CA ASP A 56 -23.71 -8.91 -29.11
C ASP A 56 -22.64 -9.94 -29.43
N VAL A 57 -21.56 -9.96 -28.65
CA VAL A 57 -20.47 -10.90 -28.91
C VAL A 57 -20.94 -12.33 -28.64
N VAL A 58 -21.80 -12.51 -27.63
CA VAL A 58 -22.39 -13.81 -27.37
C VAL A 58 -23.17 -14.27 -28.59
N ALA A 59 -24.05 -13.42 -29.11
CA ALA A 59 -24.86 -13.78 -30.26
C ALA A 59 -23.99 -14.13 -31.47
N ALA A 60 -22.91 -13.37 -31.68
CA ALA A 60 -22.07 -13.58 -32.86
C ALA A 60 -21.22 -14.85 -32.73
N VAL A 61 -20.62 -15.07 -31.56
CA VAL A 61 -19.84 -16.29 -31.36
C VAL A 61 -20.72 -17.52 -31.56
N SER A 62 -21.91 -17.52 -30.96
CA SER A 62 -22.79 -18.68 -31.08
C SER A 62 -23.35 -18.82 -32.49
N PHE A 63 -23.53 -17.71 -33.20
CA PHE A 63 -23.95 -17.81 -34.59
C PHE A 63 -22.83 -18.36 -35.46
N ALA A 64 -21.58 -18.07 -35.11
CA ALA A 64 -20.46 -18.60 -35.89
C ALA A 64 -20.26 -20.09 -35.62
N ARG A 65 -20.42 -20.51 -34.36
CA ARG A 65 -20.25 -21.91 -34.02
C ARG A 65 -21.34 -22.76 -34.65
N LYS A 66 -22.60 -22.32 -34.52
CA LYS A 66 -23.71 -23.08 -35.08
C LYS A 66 -23.63 -23.16 -36.61
N SER A 67 -23.25 -22.05 -37.25
CA SER A 67 -23.14 -21.98 -38.70
C SER A 67 -21.82 -22.54 -39.22
N GLY A 68 -20.91 -22.98 -38.34
CA GLY A 68 -19.63 -23.47 -38.80
C GLY A 68 -18.76 -22.45 -39.51
N LEU A 69 -18.99 -21.16 -39.27
CA LEU A 69 -18.23 -20.12 -39.96
C LEU A 69 -16.84 -19.96 -39.34
N LEU A 70 -15.84 -19.79 -40.19
CA LEU A 70 -14.51 -19.43 -39.69
C LEU A 70 -14.56 -18.07 -39.01
N VAL A 71 -13.96 -17.98 -37.83
CA VAL A 71 -14.11 -16.83 -36.94
C VAL A 71 -12.83 -15.99 -36.99
N ALA A 72 -12.97 -14.77 -37.49
CA ALA A 72 -11.99 -13.72 -37.23
C ALA A 72 -12.52 -12.81 -36.13
N VAL A 73 -11.66 -12.48 -35.18
CA VAL A 73 -11.97 -11.50 -34.15
C VAL A 73 -11.11 -10.26 -34.43
N ARG A 74 -11.68 -9.09 -34.23
CA ARG A 74 -10.99 -7.84 -34.56
C ARG A 74 -11.10 -6.88 -33.39
N GLY A 75 -9.94 -6.39 -32.92
CA GLY A 75 -9.84 -5.33 -31.94
C GLY A 75 -9.50 -4.02 -32.64
N GLY A 76 -8.21 -3.72 -32.76
CA GLY A 76 -7.80 -2.50 -33.43
C GLY A 76 -7.34 -2.72 -34.87
N GLY A 77 -7.27 -3.98 -35.29
CA GLY A 77 -6.94 -4.32 -36.66
C GLY A 77 -5.47 -4.36 -37.01
N HIS A 78 -4.57 -4.36 -36.02
CA HIS A 78 -3.15 -4.18 -36.28
C HIS A 78 -2.38 -5.49 -36.43
N SER A 79 -3.07 -6.63 -36.49
CA SER A 79 -2.40 -7.91 -36.68
C SER A 79 -1.46 -7.89 -37.88
N MET A 80 -0.16 -8.03 -37.62
CA MET A 80 0.80 -8.13 -38.70
C MET A 80 0.69 -9.45 -39.43
N ALA A 81 -0.04 -10.42 -38.89
CA ALA A 81 -0.37 -11.64 -39.60
C ALA A 81 -1.67 -11.55 -40.38
N GLY A 82 -2.41 -10.46 -40.23
CA GLY A 82 -3.71 -10.33 -40.88
C GLY A 82 -4.83 -11.13 -40.25
N HIS A 83 -4.71 -11.47 -38.97
CA HIS A 83 -5.66 -12.40 -38.34
C HIS A 83 -7.06 -11.83 -38.20
N SER A 84 -7.24 -10.53 -38.28
CA SER A 84 -8.52 -9.90 -37.95
C SER A 84 -9.46 -9.79 -39.14
N VAL A 85 -9.18 -10.51 -40.22
CA VAL A 85 -10.10 -10.63 -41.35
C VAL A 85 -9.86 -11.99 -41.98
N CYS A 86 -10.93 -12.57 -42.54
CA CYS A 86 -10.90 -13.94 -43.04
C CYS A 86 -11.58 -14.01 -44.41
N ASP A 87 -11.20 -15.04 -45.18
CA ASP A 87 -11.96 -15.42 -46.37
C ASP A 87 -13.11 -16.34 -45.94
N GLY A 88 -14.35 -15.93 -46.24
CA GLY A 88 -15.48 -16.82 -46.17
C GLY A 88 -16.17 -16.95 -44.81
N GLY A 89 -15.60 -16.38 -43.76
CA GLY A 89 -16.19 -16.56 -42.44
C GLY A 89 -16.84 -15.32 -41.88
N ILE A 90 -16.75 -15.13 -40.57
CA ILE A 90 -17.34 -13.99 -39.90
C ILE A 90 -16.23 -13.22 -39.21
N VAL A 91 -16.22 -11.91 -39.38
CA VAL A 91 -15.38 -11.02 -38.59
C VAL A 91 -16.21 -10.58 -37.39
N ILE A 92 -15.77 -10.95 -36.19
CA ILE A 92 -16.40 -10.48 -34.97
C ILE A 92 -15.68 -9.18 -34.61
N ASP A 93 -16.26 -8.07 -35.05
CA ASP A 93 -15.62 -6.76 -35.01
C ASP A 93 -15.96 -6.06 -33.70
N LEU A 94 -14.92 -5.75 -32.92
CA LEU A 94 -15.12 -5.13 -31.60
C LEU A 94 -14.91 -3.63 -31.59
N SER A 95 -14.61 -3.03 -32.75
CA SER A 95 -14.10 -1.66 -32.77
C SER A 95 -15.06 -0.67 -32.11
N LEU A 96 -16.37 -0.93 -32.19
CA LEU A 96 -17.33 -0.03 -31.57
C LEU A 96 -17.40 -0.18 -30.06
N MET A 97 -16.86 -1.27 -29.50
CA MET A 97 -16.86 -1.47 -28.04
C MET A 97 -15.61 -0.79 -27.49
N ASN A 98 -15.76 0.51 -27.24
CA ASN A 98 -14.66 1.43 -26.99
C ASN A 98 -14.75 2.09 -25.61
N SER A 99 -15.72 1.69 -24.79
CA SER A 99 -16.05 2.44 -23.58
C SER A 99 -15.16 2.04 -22.41
N ILE A 100 -14.72 3.06 -21.66
CA ILE A 100 -13.81 2.92 -20.53
C ILE A 100 -14.46 3.53 -19.30
N LYS A 101 -14.18 2.93 -18.13
CA LYS A 101 -14.52 3.51 -16.84
C LYS A 101 -13.26 3.59 -16.00
N VAL A 102 -13.00 4.74 -15.40
CA VAL A 102 -11.84 4.95 -14.55
C VAL A 102 -12.30 5.40 -13.18
N SER A 103 -11.83 4.70 -12.14
CA SER A 103 -11.94 5.19 -10.78
C SER A 103 -10.58 5.75 -10.37
N ARG A 104 -10.51 7.05 -10.14
CA ARG A 104 -9.26 7.64 -9.69
C ARG A 104 -8.91 7.19 -8.27
N ARG A 105 -9.93 7.04 -7.43
CA ARG A 105 -9.70 6.66 -6.02
C ARG A 105 -9.08 5.28 -5.91
N LEU A 106 -9.63 4.32 -6.65
CA LEU A 106 -9.17 2.94 -6.60
C LEU A 106 -8.03 2.67 -7.57
N ARG A 107 -7.69 3.64 -8.41
CA ARG A 107 -6.69 3.49 -9.48
C ARG A 107 -6.97 2.21 -10.28
N ARG A 108 -8.17 2.16 -10.83
CA ARG A 108 -8.59 1.05 -11.67
C ARG A 108 -9.25 1.58 -12.94
N ALA A 109 -9.05 0.85 -14.04
CA ALA A 109 -9.70 1.16 -15.31
C ALA A 109 -10.34 -0.10 -15.84
N ARG A 110 -11.61 -0.03 -16.20
CA ARG A 110 -12.31 -1.09 -16.92
C ARG A 110 -12.50 -0.63 -18.35
N ALA A 111 -11.95 -1.39 -19.30
CA ALA A 111 -11.98 -1.02 -20.71
C ALA A 111 -12.54 -2.16 -21.54
N GLN A 112 -13.44 -1.83 -22.47
CA GLN A 112 -14.01 -2.83 -23.35
C GLN A 112 -12.97 -3.37 -24.33
N GLY A 113 -13.28 -4.51 -24.93
CA GLY A 113 -12.30 -5.27 -25.70
C GLY A 113 -11.97 -4.69 -27.06
N GLY A 114 -12.68 -3.66 -27.51
CA GLY A 114 -12.39 -3.03 -28.78
C GLY A 114 -11.68 -1.70 -28.70
N CYS A 115 -11.23 -1.28 -27.52
CA CYS A 115 -10.65 0.05 -27.35
C CYS A 115 -9.39 0.21 -28.20
N LEU A 116 -9.16 1.45 -28.61
CA LEU A 116 -7.86 1.85 -29.12
C LEU A 116 -7.03 2.40 -27.96
N LEU A 117 -5.71 2.23 -28.04
CA LEU A 117 -4.83 2.68 -26.96
C LEU A 117 -5.09 4.13 -26.61
N GLY A 118 -5.21 5.00 -27.63
CA GLY A 118 -5.38 6.41 -27.38
C GLY A 118 -6.63 6.76 -26.61
N ALA A 119 -7.71 5.99 -26.82
CA ALA A 119 -8.93 6.22 -26.05
C ALA A 119 -8.73 5.83 -24.60
N PHE A 120 -8.04 4.71 -24.36
CA PHE A 120 -7.69 4.30 -23.01
C PHE A 120 -6.81 5.35 -22.33
N ASP A 121 -5.69 5.72 -22.98
CA ASP A 121 -4.77 6.69 -22.38
C ASP A 121 -5.46 8.02 -22.12
N THR A 122 -6.35 8.46 -23.02
CA THR A 122 -7.08 9.70 -22.79
C THR A 122 -7.93 9.60 -21.52
N ALA A 123 -8.62 8.48 -21.34
CA ALA A 123 -9.53 8.34 -20.21
C ALA A 123 -8.77 8.34 -18.89
N THR A 124 -7.69 7.57 -18.81
CA THR A 124 -6.96 7.46 -17.56
C THR A 124 -6.17 8.73 -17.26
N GLN A 125 -5.62 9.37 -18.29
CA GLN A 125 -4.82 10.57 -18.07
C GLN A 125 -5.67 11.76 -17.66
N ALA A 126 -6.99 11.68 -17.82
CA ALA A 126 -7.86 12.68 -17.20
C ALA A 126 -7.59 12.80 -15.70
N HIS A 127 -7.05 11.74 -15.09
CA HIS A 127 -6.75 11.70 -13.67
C HIS A 127 -5.26 11.51 -13.40
N MET A 128 -4.41 11.81 -14.39
CA MET A 128 -2.96 11.62 -14.28
C MET A 128 -2.60 10.17 -14.01
N LEU A 129 -3.40 9.23 -14.52
CA LEU A 129 -3.13 7.82 -14.37
C LEU A 129 -2.81 7.18 -15.71
N ALA A 130 -2.15 6.03 -15.65
CA ALA A 130 -1.79 5.32 -16.86
C ALA A 130 -1.48 3.88 -16.47
N THR A 131 -1.40 3.03 -17.49
CA THR A 131 -0.90 1.67 -17.34
C THR A 131 -0.22 1.30 -18.66
N PRO A 132 0.78 0.42 -18.63
CA PRO A 132 1.58 0.17 -19.84
C PRO A 132 0.74 -0.26 -21.02
N ALA A 133 1.05 0.30 -22.18
CA ALA A 133 0.49 -0.14 -23.45
C ALA A 133 1.53 0.12 -24.54
N GLY A 134 1.15 -0.15 -25.78
CA GLY A 134 2.04 0.07 -26.90
C GLY A 134 2.19 1.56 -27.24
N THR A 135 3.08 1.82 -28.18
CA THR A 135 3.56 3.18 -28.41
C THR A 135 2.78 3.94 -29.49
N VAL A 136 1.86 3.28 -30.20
CA VAL A 136 1.10 3.90 -31.29
C VAL A 136 -0.37 3.88 -30.93
N SER A 137 -0.99 5.06 -30.87
CA SER A 137 -2.29 5.25 -30.21
C SER A 137 -3.40 4.41 -30.84
N HIS A 138 -3.38 4.22 -32.15
CA HIS A 138 -4.49 3.54 -32.80
C HIS A 138 -4.33 2.02 -32.82
N THR A 139 -3.32 1.50 -32.14
CA THR A 139 -3.23 0.06 -31.93
C THR A 139 -4.38 -0.38 -31.04
N GLY A 140 -4.92 -1.57 -31.33
CA GLY A 140 -6.02 -2.09 -30.53
C GLY A 140 -5.53 -2.59 -29.20
N LEU A 141 -6.25 -2.21 -28.14
CA LEU A 141 -5.88 -2.65 -26.79
C LEU A 141 -6.09 -4.16 -26.62
N GLY A 142 -7.09 -4.73 -27.29
CA GLY A 142 -7.42 -6.12 -27.13
C GLY A 142 -6.34 -7.08 -27.56
N GLY A 143 -5.90 -6.98 -28.82
CA GLY A 143 -4.84 -7.84 -29.30
C GLY A 143 -3.52 -7.58 -28.61
N LEU A 144 -3.20 -6.31 -28.37
CA LEU A 144 -1.95 -5.96 -27.71
C LEU A 144 -1.85 -6.59 -26.32
N VAL A 145 -2.92 -6.48 -25.53
CA VAL A 145 -2.86 -6.99 -24.17
C VAL A 145 -2.77 -8.51 -24.15
N LEU A 146 -3.60 -9.18 -24.95
CA LEU A 146 -3.62 -10.64 -24.93
C LEU A 146 -2.30 -11.27 -25.39
N GLY A 147 -1.42 -10.51 -26.05
CA GLY A 147 -0.10 -10.98 -26.36
C GLY A 147 0.97 -10.59 -25.36
N GLY A 148 0.61 -9.80 -24.35
CA GLY A 148 1.57 -9.30 -23.40
C GLY A 148 1.51 -7.79 -23.30
N GLY A 149 2.05 -7.10 -24.32
CA GLY A 149 1.92 -5.66 -24.44
C GLY A 149 2.96 -4.85 -23.70
N PHE A 150 3.94 -4.28 -24.42
CA PHE A 150 4.97 -3.45 -23.81
C PHE A 150 5.05 -2.09 -24.47
N GLY A 151 5.41 -1.10 -23.67
CA GLY A 151 5.66 0.24 -24.19
C GLY A 151 6.48 1.09 -23.25
N TRP A 152 6.24 2.40 -23.31
CA TRP A 152 7.10 3.37 -22.61
C TRP A 152 7.16 3.10 -21.12
N LEU A 153 6.06 2.67 -20.53
CA LEU A 153 5.97 2.46 -19.09
C LEU A 153 6.43 1.08 -18.66
N SER A 154 6.82 0.21 -19.60
CA SER A 154 6.92 -1.20 -19.31
C SER A 154 8.12 -1.51 -18.42
N ARG A 155 9.25 -0.81 -18.62
CA ARG A 155 10.40 -1.02 -17.76
C ARG A 155 10.10 -0.61 -16.32
N LYS A 156 9.22 0.37 -16.13
CA LYS A 156 8.85 0.77 -14.78
C LYS A 156 7.69 -0.06 -14.22
N TYR A 157 6.66 -0.36 -15.03
CA TYR A 157 5.43 -0.95 -14.50
C TYR A 157 5.04 -2.27 -15.18
N GLY A 158 5.96 -2.93 -15.89
CA GLY A 158 5.70 -4.26 -16.43
C GLY A 158 4.99 -4.24 -17.77
N LEU A 159 4.68 -5.44 -18.26
CA LEU A 159 3.83 -5.55 -19.44
C LEU A 159 2.42 -5.08 -19.12
N SER A 160 1.61 -4.91 -20.17
CA SER A 160 0.19 -4.65 -19.93
C SER A 160 -0.42 -5.74 -19.06
N ILE A 161 -0.12 -7.00 -19.37
CA ILE A 161 -0.70 -8.12 -18.63
C ILE A 161 -0.27 -8.11 -17.17
N ASP A 162 0.85 -7.48 -16.85
CA ASP A 162 1.27 -7.41 -15.46
C ASP A 162 0.46 -6.40 -14.66
N ASN A 163 -0.41 -5.62 -15.31
CA ASN A 163 -1.32 -4.73 -14.63
C ASN A 163 -2.78 -5.15 -14.83
N LEU A 164 -3.01 -6.33 -15.39
CA LEU A 164 -4.36 -6.81 -15.70
C LEU A 164 -4.85 -7.68 -14.55
N THR A 165 -6.01 -7.32 -13.97
CA THR A 165 -6.50 -8.00 -12.78
C THR A 165 -7.66 -8.95 -13.05
N SER A 166 -8.41 -8.74 -14.12
CA SER A 166 -9.52 -9.62 -14.47
C SER A 166 -9.96 -9.32 -15.90
N VAL A 167 -10.75 -10.23 -16.47
CA VAL A 167 -11.33 -10.06 -17.79
C VAL A 167 -12.74 -10.63 -17.82
N GLU A 168 -13.56 -10.05 -18.68
CA GLU A 168 -14.80 -10.68 -19.14
C GLU A 168 -14.52 -11.26 -20.52
N ILE A 169 -14.76 -12.56 -20.69
CA ILE A 169 -14.39 -13.27 -21.90
C ILE A 169 -15.56 -14.16 -22.32
N VAL A 170 -15.87 -14.16 -23.61
CA VAL A 170 -16.93 -14.97 -24.18
C VAL A 170 -16.27 -16.18 -24.83
N THR A 171 -16.44 -17.36 -24.22
CA THR A 171 -15.83 -18.57 -24.72
C THR A 171 -16.63 -19.15 -25.89
N ALA A 172 -16.02 -20.16 -26.53
CA ALA A 172 -16.57 -20.71 -27.78
C ALA A 172 -17.98 -21.29 -27.59
N ASP A 173 -18.32 -21.77 -26.40
CA ASP A 173 -19.65 -22.35 -26.22
C ASP A 173 -20.74 -21.29 -26.07
N GLY A 174 -20.37 -20.01 -26.08
CA GLY A 174 -21.33 -18.94 -25.90
C GLY A 174 -21.48 -18.46 -24.48
N GLY A 175 -20.80 -19.08 -23.52
CA GLY A 175 -20.86 -18.61 -22.16
C GLY A 175 -20.01 -17.38 -21.93
N VAL A 176 -20.35 -16.66 -20.88
CA VAL A 176 -19.60 -15.47 -20.45
C VAL A 176 -18.97 -15.80 -19.10
N LEU A 177 -17.66 -15.65 -19.01
CA LEU A 177 -16.92 -15.96 -17.81
C LEU A 177 -16.13 -14.75 -17.34
N THR A 178 -15.90 -14.68 -16.03
CA THR A 178 -14.90 -13.81 -15.44
C THR A 178 -13.64 -14.62 -15.19
N ALA A 179 -12.49 -14.08 -15.57
CA ALA A 179 -11.21 -14.72 -15.31
C ALA A 179 -10.33 -13.76 -14.52
N SER A 180 -9.92 -14.19 -13.32
CA SER A 180 -9.05 -13.40 -12.46
C SER A 180 -8.16 -14.36 -11.68
N ASP A 181 -7.34 -13.80 -10.78
CA ASP A 181 -6.47 -14.62 -9.95
C ASP A 181 -7.25 -15.53 -9.00
N THR A 182 -8.53 -15.22 -8.74
CA THR A 182 -9.35 -16.00 -7.83
C THR A 182 -10.54 -16.67 -8.51
N GLU A 183 -10.64 -16.60 -9.83
CA GLU A 183 -11.81 -17.14 -10.50
C GLU A 183 -11.44 -17.58 -11.89
N ASN A 184 -11.58 -18.87 -12.18
CA ASN A 184 -11.02 -19.51 -13.36
C ASN A 184 -9.58 -19.05 -13.54
N PRO A 185 -8.72 -19.22 -12.54
CA PRO A 185 -7.35 -18.73 -12.65
C PRO A 185 -6.56 -19.45 -13.75
N ASP A 186 -7.01 -20.61 -14.21
CA ASP A 186 -6.29 -21.26 -15.30
C ASP A 186 -6.50 -20.52 -16.61
N LEU A 187 -7.72 -20.02 -16.85
CA LEU A 187 -7.97 -19.19 -18.02
C LEU A 187 -7.34 -17.81 -17.89
N PHE A 188 -7.22 -17.30 -16.66
CA PHE A 188 -6.59 -16.00 -16.45
C PHE A 188 -5.09 -16.05 -16.71
N TRP A 189 -4.47 -17.21 -16.52
CA TRP A 189 -3.07 -17.38 -16.90
C TRP A 189 -2.93 -17.42 -18.42
N ALA A 190 -3.89 -18.04 -19.10
CA ALA A 190 -3.76 -18.25 -20.54
C ALA A 190 -4.00 -16.98 -21.33
N VAL A 191 -4.99 -16.17 -20.93
CA VAL A 191 -5.26 -14.96 -21.70
C VAL A 191 -4.14 -13.92 -21.53
N ARG A 192 -3.36 -13.99 -20.45
CA ARG A 192 -2.23 -13.09 -20.25
C ARG A 192 -1.01 -13.63 -21.01
N GLY A 193 -1.10 -13.55 -22.34
CA GLY A 193 0.01 -13.94 -23.19
C GLY A 193 -0.34 -14.90 -24.30
N GLY A 194 -1.49 -15.56 -24.19
CA GLY A 194 -1.90 -16.59 -25.12
C GLY A 194 -2.80 -16.14 -26.25
N GLY A 195 -2.94 -14.83 -26.48
CA GLY A 195 -3.71 -14.35 -27.62
C GLY A 195 -5.22 -14.53 -27.46
N GLY A 196 -5.91 -14.39 -28.59
CA GLY A 196 -7.36 -14.58 -28.62
C GLY A 196 -7.78 -16.04 -28.67
N ASN A 197 -6.89 -16.94 -28.24
CA ASN A 197 -7.11 -18.37 -28.41
C ASN A 197 -8.28 -18.89 -27.56
N PHE A 198 -8.58 -18.23 -26.45
CA PHE A 198 -9.45 -18.80 -25.44
C PHE A 198 -10.82 -18.13 -25.35
N GLY A 199 -11.09 -17.19 -26.23
CA GLY A 199 -12.38 -16.53 -26.26
C GLY A 199 -12.21 -15.08 -26.66
N VAL A 200 -13.33 -14.37 -26.68
CA VAL A 200 -13.37 -12.95 -27.03
C VAL A 200 -13.48 -12.17 -25.73
N VAL A 201 -12.43 -11.44 -25.39
CA VAL A 201 -12.40 -10.64 -24.17
C VAL A 201 -13.20 -9.37 -24.42
N THR A 202 -14.35 -9.26 -23.77
CA THR A 202 -15.19 -8.07 -23.94
C THR A 202 -14.86 -6.95 -22.97
N ALA A 203 -14.01 -7.20 -21.96
CA ALA A 203 -13.69 -6.17 -20.98
C ALA A 203 -12.41 -6.54 -20.25
N PHE A 204 -11.45 -5.62 -20.23
CA PHE A 204 -10.23 -5.73 -19.42
C PHE A 204 -10.33 -4.80 -18.22
N GLU A 205 -9.82 -5.24 -17.06
CA GLU A 205 -9.71 -4.41 -15.86
C GLU A 205 -8.25 -4.26 -15.48
N PHE A 206 -7.80 -3.02 -15.27
CA PHE A 206 -6.39 -2.73 -15.05
C PHE A 206 -6.15 -2.00 -13.74
N ASP A 207 -5.01 -2.26 -13.13
CA ASP A 207 -4.47 -1.38 -12.11
C ASP A 207 -3.84 -0.18 -12.78
N LEU A 208 -3.93 0.98 -12.13
CA LEU A 208 -3.38 2.20 -12.70
C LEU A 208 -2.33 2.81 -11.78
N HIS A 209 -1.41 3.52 -12.42
CA HIS A 209 -0.29 4.19 -11.77
C HIS A 209 -0.33 5.67 -12.10
N ARG A 210 0.06 6.50 -11.13
CA ARG A 210 0.14 7.93 -11.35
C ARG A 210 1.40 8.24 -12.16
N VAL A 211 1.23 8.89 -13.31
CA VAL A 211 2.32 9.20 -14.21
C VAL A 211 2.19 10.68 -14.57
N GLY A 212 3.03 11.51 -13.98
CA GLY A 212 3.04 12.93 -14.28
C GLY A 212 3.83 13.21 -15.54
N PRO A 213 4.20 14.48 -15.74
CA PRO A 213 4.90 14.87 -16.97
C PRO A 213 6.19 14.08 -17.15
N VAL A 214 6.50 13.78 -18.41
CA VAL A 214 7.60 12.89 -18.80
C VAL A 214 8.61 13.71 -19.58
N ARG A 215 9.84 13.80 -19.05
CA ARG A 215 10.91 14.39 -19.83
C ARG A 215 11.26 13.44 -20.98
N PHE A 216 11.26 13.98 -22.20
CA PHE A 216 11.35 13.17 -23.41
C PHE A 216 12.37 13.76 -24.37
N ALA A 217 13.08 12.90 -25.09
CA ALA A 217 14.02 13.33 -26.10
C ALA A 217 14.00 12.38 -27.28
N SER A 218 14.07 12.95 -28.48
CA SER A 218 14.38 12.19 -29.68
C SER A 218 15.48 12.93 -30.43
N THR A 219 16.29 12.16 -31.16
CA THR A 219 17.39 12.70 -31.94
C THR A 219 17.78 11.69 -33.00
N TYR A 220 18.63 12.14 -33.92
CA TYR A 220 19.09 11.30 -35.02
C TYR A 220 20.61 11.34 -35.06
N TYR A 221 21.21 10.17 -35.30
CA TYR A 221 22.65 10.05 -35.45
C TYR A 221 22.98 9.60 -36.87
N SER A 222 24.13 10.05 -37.36
CA SER A 222 24.67 9.50 -38.59
C SER A 222 25.03 8.05 -38.38
N LEU A 223 24.87 7.23 -39.42
CA LEU A 223 25.21 5.82 -39.27
C LEU A 223 26.72 5.62 -39.20
N ASP A 224 27.50 6.59 -39.69
CA ASP A 224 28.94 6.57 -39.48
C ASP A 224 29.30 6.34 -38.02
N GLU A 225 28.40 6.66 -37.10
CA GLU A 225 28.61 6.43 -35.68
C GLU A 225 27.71 5.32 -35.14
N GLY A 226 27.11 4.53 -36.03
CA GLY A 226 26.36 3.36 -35.65
C GLY A 226 27.03 2.53 -34.59
N PRO A 227 28.28 2.10 -34.82
CA PRO A 227 28.95 1.23 -33.83
C PRO A 227 29.06 1.84 -32.45
N GLN A 228 29.50 3.10 -32.35
CA GLN A 228 29.61 3.73 -31.04
C GLN A 228 28.26 3.81 -30.35
N VAL A 229 27.24 4.26 -31.08
CA VAL A 229 25.93 4.53 -30.51
C VAL A 229 25.32 3.25 -29.94
N ILE A 230 25.14 2.23 -30.80
CA ILE A 230 24.49 1.01 -30.36
C ILE A 230 25.28 0.37 -29.22
N ARG A 231 26.61 0.39 -29.31
CA ARG A 231 27.43 -0.19 -28.25
C ARG A 231 27.21 0.56 -26.94
N ALA A 232 27.12 1.89 -26.98
CA ALA A 232 26.81 2.64 -25.77
C ALA A 232 25.38 2.38 -25.32
N TRP A 233 24.46 2.25 -26.27
CA TRP A 233 23.08 1.90 -25.94
C TRP A 233 23.00 0.54 -25.25
N ARG A 234 23.70 -0.45 -25.80
CA ARG A 234 23.66 -1.80 -25.23
C ARG A 234 24.25 -1.83 -23.83
N ASP A 235 25.43 -1.22 -23.66
CA ASP A 235 26.12 -1.28 -22.38
C ASP A 235 25.35 -0.53 -21.31
N HIS A 236 24.71 0.58 -21.68
CA HIS A 236 24.07 1.44 -20.69
C HIS A 236 22.77 0.84 -20.17
N MET A 237 21.98 0.20 -21.03
CA MET A 237 20.69 -0.32 -20.58
C MET A 237 20.81 -1.57 -19.72
N ALA A 238 21.95 -2.27 -19.76
CA ALA A 238 22.12 -3.45 -18.93
C ALA A 238 22.04 -3.09 -17.45
N THR A 239 22.54 -1.91 -17.08
CA THR A 239 22.53 -1.47 -15.69
C THR A 239 21.78 -0.16 -15.51
N ALA A 240 20.89 0.20 -16.45
CA ALA A 240 20.14 1.43 -16.37
C ALA A 240 18.97 1.30 -15.40
N PRO A 241 18.59 2.39 -14.73
CA PRO A 241 17.45 2.31 -13.80
C PRO A 241 16.16 2.10 -14.56
N ASP A 242 15.18 1.53 -13.85
CA ASP A 242 13.88 1.27 -14.47
C ASP A 242 13.30 2.54 -15.11
N GLU A 243 13.56 3.70 -14.51
CA GLU A 243 12.92 4.94 -14.93
C GLU A 243 13.40 5.42 -16.29
N LEU A 244 14.52 4.91 -16.80
CA LEU A 244 15.01 5.31 -18.11
C LEU A 244 14.56 4.31 -19.17
N THR A 245 13.90 4.80 -20.21
CA THR A 245 13.59 4.01 -21.38
C THR A 245 14.21 4.67 -22.60
N TRP A 246 14.94 3.88 -23.37
CA TRP A 246 15.76 4.36 -24.47
C TRP A 246 15.63 3.37 -25.61
N ALA A 247 15.33 3.84 -26.82
CA ALA A 247 15.08 2.95 -27.94
C ALA A 247 15.70 3.50 -29.21
N LEU A 248 16.16 2.60 -30.06
CA LEU A 248 16.78 2.92 -31.34
C LEU A 248 15.85 2.53 -32.48
N TYR A 249 15.66 3.45 -33.43
CA TYR A 249 14.89 3.19 -34.63
C TYR A 249 15.76 3.56 -35.82
N LEU A 250 16.29 2.57 -36.50
CA LEU A 250 17.11 2.79 -37.68
C LEU A 250 16.19 2.90 -38.89
N ARG A 251 16.41 3.92 -39.71
CA ARG A 251 15.42 4.34 -40.69
C ARG A 251 16.05 5.36 -41.62
N LEU A 252 15.36 5.64 -42.73
CA LEU A 252 15.71 6.79 -43.54
C LEU A 252 15.31 8.06 -42.80
N ALA A 253 16.21 9.05 -42.81
CA ALA A 253 15.99 10.26 -42.03
C ALA A 253 14.80 11.03 -42.62
N PRO A 254 13.81 11.38 -41.81
CA PRO A 254 12.66 12.10 -42.32
C PRO A 254 13.07 13.47 -42.85
N PRO A 255 12.45 13.95 -43.94
CA PRO A 255 12.79 15.25 -44.52
C PRO A 255 12.22 16.42 -43.71
N LEU A 256 12.50 16.42 -42.40
CA LEU A 256 11.96 17.31 -41.40
C LEU A 256 12.86 18.53 -41.22
N PRO A 257 12.33 19.64 -40.68
CA PRO A 257 13.16 20.85 -40.57
C PRO A 257 14.25 20.76 -39.52
N GLU A 258 13.98 20.11 -38.37
CA GLU A 258 15.02 19.96 -37.37
C GLU A 258 16.29 19.32 -37.92
N LEU A 259 16.18 18.56 -39.05
CA LEU A 259 17.28 17.77 -39.59
C LEU A 259 17.91 18.46 -40.80
N PRO A 260 19.24 18.42 -40.85
CA PRO A 260 19.95 18.97 -42.02
C PRO A 260 19.54 18.25 -43.30
N ALA A 261 19.16 19.05 -44.31
CA ALA A 261 18.71 18.48 -45.58
C ALA A 261 19.70 17.49 -46.15
N ASP A 262 20.97 17.64 -45.77
CA ASP A 262 22.00 16.71 -46.18
C ASP A 262 21.75 15.30 -45.69
N MET A 263 21.00 15.14 -44.60
CA MET A 263 20.67 13.82 -44.08
C MET A 263 19.35 13.27 -44.62
N HIS A 264 18.53 14.12 -45.24
CA HIS A 264 17.21 13.71 -45.69
C HIS A 264 17.31 12.48 -46.59
N GLY A 265 16.52 11.46 -46.26
CA GLY A 265 16.40 10.28 -47.10
C GLY A 265 17.52 9.28 -47.00
N LYS A 266 18.42 9.43 -46.04
CA LYS A 266 19.56 8.57 -45.80
C LYS A 266 19.37 7.75 -44.53
N PRO A 267 19.97 6.57 -44.44
CA PRO A 267 19.80 5.75 -43.23
C PRO A 267 20.44 6.40 -42.02
N VAL A 268 19.69 6.49 -40.93
CA VAL A 268 20.13 7.11 -39.68
C VAL A 268 19.66 6.26 -38.52
N ILE A 269 20.18 6.56 -37.33
CA ILE A 269 19.64 6.04 -36.08
C ILE A 269 18.82 7.13 -35.43
N CYS A 270 17.52 6.89 -35.29
CA CYS A 270 16.66 7.78 -34.52
C CYS A 270 16.54 7.19 -33.11
N ALA A 271 17.16 7.86 -32.14
CA ALA A 271 17.12 7.42 -30.75
C ALA A 271 16.04 8.20 -30.02
N MET A 272 15.11 7.49 -29.40
CA MET A 272 14.09 8.12 -28.58
C MET A 272 14.24 7.63 -27.14
N SER A 273 14.13 8.55 -26.19
CA SER A 273 14.29 8.22 -24.79
C SER A 273 13.35 9.06 -23.95
N CYS A 274 13.15 8.61 -22.71
CA CYS A 274 12.28 9.30 -21.78
C CYS A 274 12.63 8.83 -20.37
N TRP A 275 12.15 9.57 -19.37
CA TRP A 275 12.36 9.26 -17.97
C TRP A 275 11.01 9.23 -17.28
N ILE A 276 10.62 8.05 -16.79
CA ILE A 276 9.34 7.90 -16.10
C ILE A 276 9.61 8.24 -14.64
N GLY A 277 9.57 9.53 -14.35
CA GLY A 277 9.90 10.02 -13.03
C GLY A 277 10.00 11.53 -13.05
N ASP A 278 10.62 12.08 -12.02
CA ASP A 278 10.74 13.53 -11.91
C ASP A 278 11.45 14.09 -13.14
N PRO A 279 10.95 15.17 -13.74
CA PRO A 279 11.55 15.70 -14.98
C PRO A 279 12.91 16.35 -14.79
N HIS A 280 13.27 16.79 -13.57
CA HIS A 280 14.62 17.32 -13.36
C HIS A 280 15.65 16.20 -13.39
N GLU A 281 15.37 15.09 -12.70
CA GLU A 281 16.22 13.92 -12.81
C GLU A 281 16.30 13.45 -14.26
N GLY A 282 15.16 13.43 -14.95
CA GLY A 282 15.14 12.96 -16.32
C GLY A 282 15.97 13.81 -17.26
N GLU A 283 16.00 15.13 -17.03
CA GLU A 283 16.84 15.99 -17.84
C GLU A 283 18.31 15.61 -17.74
N ARG A 284 18.80 15.42 -16.50
CA ARG A 284 20.18 14.97 -16.31
C ARG A 284 20.36 13.57 -16.90
N GLN A 285 19.42 12.67 -16.61
CA GLN A 285 19.54 11.30 -17.11
C GLN A 285 19.57 11.27 -18.63
N LEU A 286 18.70 12.04 -19.28
CA LEU A 286 18.66 12.02 -20.74
C LEU A 286 19.92 12.62 -21.34
N GLU A 287 20.45 13.71 -20.77
CA GLU A 287 21.68 14.26 -21.31
C GLU A 287 22.86 13.29 -21.14
N SER A 288 22.83 12.47 -20.09
CA SER A 288 23.89 11.48 -19.91
C SER A 288 23.95 10.46 -21.05
N ILE A 289 22.85 10.26 -21.78
CA ILE A 289 22.78 9.23 -22.81
C ILE A 289 22.52 9.82 -24.19
N LEU A 290 22.65 11.13 -24.35
CA LEU A 290 22.34 11.75 -25.64
C LEU A 290 23.56 12.01 -26.50
N HIS A 291 24.77 11.87 -25.98
CA HIS A 291 25.97 12.15 -26.77
C HIS A 291 26.87 10.94 -26.93
N ALA A 292 26.33 9.72 -26.81
CA ALA A 292 27.04 8.55 -27.30
C ALA A 292 27.47 8.75 -28.75
N GLY A 293 26.73 9.56 -29.49
CA GLY A 293 27.15 10.05 -30.79
C GLY A 293 26.84 11.52 -30.88
N LYS A 294 26.99 12.13 -32.05
CA LYS A 294 26.73 13.56 -32.21
C LYS A 294 25.29 13.76 -32.64
N PRO A 295 24.43 14.35 -31.81
CA PRO A 295 22.98 14.31 -32.06
C PRO A 295 22.55 15.40 -33.02
N HIS A 296 21.77 15.01 -34.03
CA HIS A 296 21.16 15.92 -34.97
C HIS A 296 19.66 15.99 -34.71
N GLY A 297 19.05 17.07 -35.20
CA GLY A 297 17.63 17.33 -34.98
C GLY A 297 17.13 17.05 -33.57
N LEU A 298 17.95 17.39 -32.57
CA LEU A 298 17.62 17.04 -31.19
C LEU A 298 16.42 17.85 -30.72
N THR A 299 15.37 17.14 -30.28
CA THR A 299 14.18 17.75 -29.70
C THR A 299 13.95 17.17 -28.32
N LYS A 300 13.93 18.03 -27.30
CA LYS A 300 13.63 17.64 -25.94
C LYS A 300 12.36 18.36 -25.50
N ALA A 301 11.54 17.67 -24.69
CA ALA A 301 10.25 18.19 -24.29
C ALA A 301 9.82 17.56 -22.98
N THR A 302 9.09 18.33 -22.17
CA THR A 302 8.35 17.77 -21.05
C THR A 302 6.93 17.51 -21.52
N LEU A 303 6.54 16.23 -21.55
CA LEU A 303 5.25 15.89 -22.11
C LEU A 303 4.35 15.27 -21.06
N PRO A 304 3.06 15.59 -21.08
CA PRO A 304 2.08 14.71 -20.44
C PRO A 304 2.26 13.32 -21.00
N TYR A 305 2.06 12.30 -20.15
CA TYR A 305 2.22 10.93 -20.62
C TYR A 305 1.37 10.66 -21.86
N ARG A 306 0.17 11.24 -21.92
CA ARG A 306 -0.69 11.01 -23.08
C ARG A 306 -0.09 11.60 -24.35
N ALA A 307 0.69 12.68 -24.24
CA ALA A 307 1.37 13.20 -25.42
C ALA A 307 2.51 12.29 -25.85
N LEU A 308 3.27 11.75 -24.89
CA LEU A 308 4.29 10.76 -25.21
C LEU A 308 3.69 9.58 -25.97
N GLN A 309 2.53 9.09 -25.48
CA GLN A 309 1.84 7.97 -26.14
C GLN A 309 1.40 8.34 -27.55
N ALA A 310 1.10 9.62 -27.79
CA ALA A 310 0.63 10.06 -29.09
C ALA A 310 1.76 10.44 -30.04
N TYR A 311 3.02 10.41 -29.58
CA TYR A 311 4.11 10.96 -30.38
C TYR A 311 4.51 10.05 -31.54
N SER A 312 4.63 8.75 -31.29
CA SER A 312 5.18 7.84 -32.30
C SER A 312 4.16 7.57 -33.39
N PHE A 313 4.56 7.75 -34.66
CA PHE A 313 5.78 8.46 -35.02
C PHE A 313 5.32 9.59 -35.95
N PRO A 314 6.05 10.73 -36.00
CA PRO A 314 5.56 11.83 -36.86
C PRO A 314 5.88 11.61 -38.34
N GLY A 315 5.03 10.82 -38.98
CA GLY A 315 5.19 10.49 -40.39
C GLY A 315 4.27 11.32 -41.26
N ALA A 316 4.69 11.52 -42.52
CA ALA A 316 3.92 12.31 -43.46
C ALA A 316 2.84 11.51 -44.19
N VAL A 317 2.98 10.19 -44.26
CA VAL A 317 2.06 9.35 -45.02
C VAL A 317 1.81 8.07 -44.23
N VAL A 318 0.56 7.61 -44.19
CA VAL A 318 0.20 6.34 -43.57
C VAL A 318 0.64 5.21 -44.49
N PRO A 319 1.58 4.36 -44.08
CA PRO A 319 1.97 3.22 -44.93
C PRO A 319 0.82 2.24 -45.10
N ASP A 320 0.64 1.78 -46.34
CA ASP A 320 -0.41 0.82 -46.65
C ASP A 320 0.03 -0.62 -46.46
N ARG A 321 1.29 -0.93 -46.77
CA ARG A 321 1.74 -2.31 -46.88
C ARG A 321 2.92 -2.54 -45.93
N ILE A 322 2.87 -3.63 -45.18
CA ILE A 322 3.84 -3.91 -44.12
C ILE A 322 4.22 -5.38 -44.16
N TYR A 323 5.42 -5.67 -43.65
CA TYR A 323 5.89 -7.03 -43.43
C TYR A 323 6.92 -6.99 -42.32
N THR A 324 6.75 -7.87 -41.34
CA THR A 324 7.51 -7.84 -40.10
C THR A 324 8.30 -9.14 -39.92
N LYS A 325 9.50 -9.01 -39.37
CA LYS A 325 10.25 -10.15 -38.82
C LYS A 325 10.87 -9.67 -37.52
N SER A 326 10.55 -10.32 -36.41
CA SER A 326 11.06 -9.89 -35.12
C SER A 326 11.63 -11.07 -34.33
N GLY A 327 12.31 -10.72 -33.24
CA GLY A 327 12.91 -11.73 -32.38
C GLY A 327 13.55 -11.07 -31.18
N TYR A 328 13.74 -11.88 -30.14
CA TYR A 328 14.40 -11.44 -28.92
C TYR A 328 15.89 -11.82 -28.93
N LEU A 329 16.66 -11.10 -28.11
CA LEU A 329 18.06 -11.41 -27.90
C LEU A 329 18.36 -11.33 -26.41
N ASN A 330 19.09 -12.35 -25.92
CA ASN A 330 19.59 -12.32 -24.55
C ASN A 330 20.73 -11.32 -24.42
N GLU A 331 21.49 -11.13 -25.50
CA GLU A 331 22.69 -10.33 -25.57
C GLU A 331 22.69 -9.69 -26.95
N LEU A 332 23.38 -8.56 -27.09
CA LEU A 332 23.60 -7.98 -28.40
C LEU A 332 25.11 -7.84 -28.58
N SER A 333 25.70 -8.76 -29.34
CA SER A 333 27.15 -8.74 -29.46
C SER A 333 27.58 -7.70 -30.49
N ASP A 334 28.89 -7.41 -30.49
CA ASP A 334 29.44 -6.51 -31.50
C ASP A 334 29.21 -7.06 -32.90
N GLU A 335 29.19 -8.39 -33.04
CA GLU A 335 28.96 -8.98 -34.36
C GLU A 335 27.52 -8.77 -34.82
N ALA A 336 26.55 -8.93 -33.92
CA ALA A 336 25.16 -8.66 -34.27
C ALA A 336 24.94 -7.17 -34.56
N THR A 337 25.59 -6.31 -33.76
CA THR A 337 25.53 -4.87 -34.00
C THR A 337 26.00 -4.54 -35.40
N ASP A 338 27.10 -5.18 -35.84
CA ASP A 338 27.61 -4.89 -37.17
C ASP A 338 26.61 -5.34 -38.23
N THR A 339 26.00 -6.51 -38.05
CA THR A 339 25.02 -6.98 -39.03
C THR A 339 23.78 -6.09 -39.05
N VAL A 340 23.30 -5.69 -37.88
CA VAL A 340 22.20 -4.73 -37.79
C VAL A 340 22.53 -3.48 -38.60
N LEU A 341 23.77 -3.01 -38.50
CA LEU A 341 24.14 -1.79 -39.20
C LEU A 341 24.28 -2.01 -40.71
N GLU A 342 24.78 -3.19 -41.11
CA GLU A 342 24.88 -3.48 -42.55
C GLU A 342 23.52 -3.45 -43.21
N HIS A 343 22.52 -4.08 -42.59
CA HIS A 343 21.20 -4.18 -43.20
C HIS A 343 20.41 -2.88 -43.06
N ALA A 344 20.68 -2.11 -42.01
CA ALA A 344 20.07 -0.78 -41.88
C ALA A 344 20.49 0.14 -43.02
N ALA A 345 21.72 -0.01 -43.52
CA ALA A 345 22.20 0.88 -44.57
C ALA A 345 21.53 0.61 -45.91
N ASP A 346 20.90 -0.56 -46.07
CA ASP A 346 20.23 -0.92 -47.31
C ASP A 346 18.74 -0.62 -47.27
N ILE A 347 18.26 0.04 -46.20
CA ILE A 347 16.87 0.42 -46.10
C ILE A 347 16.49 1.29 -47.28
N ALA A 348 15.41 0.93 -47.96
CA ALA A 348 14.96 1.61 -49.17
C ALA A 348 13.73 2.49 -48.97
N SER A 349 12.75 2.04 -48.20
CA SER A 349 11.53 2.80 -48.01
C SER A 349 11.68 3.81 -46.87
N PRO A 350 11.07 4.99 -47.01
CA PRO A 350 11.07 5.95 -45.89
C PRO A 350 10.13 5.59 -44.74
N PHE A 351 9.38 4.50 -44.86
CA PHE A 351 8.47 4.04 -43.82
C PHE A 351 9.04 2.90 -42.99
N THR A 352 10.12 2.29 -43.46
CA THR A 352 10.69 1.09 -42.86
C THR A 352 11.60 1.45 -41.70
N GLN A 353 11.50 0.69 -40.62
CA GLN A 353 12.36 0.86 -39.45
C GLN A 353 12.94 -0.48 -39.03
N LEU A 354 14.24 -0.49 -38.72
CA LEU A 354 14.86 -1.56 -37.95
C LEU A 354 14.86 -1.10 -36.49
N GLU A 355 14.00 -1.69 -35.67
CA GLU A 355 13.79 -1.26 -34.30
C GLU A 355 14.65 -2.08 -33.34
N LEU A 356 15.29 -1.38 -32.40
CA LEU A 356 16.06 -2.00 -31.32
C LEU A 356 15.49 -1.49 -30.01
N LEU A 357 14.87 -2.38 -29.25
CA LEU A 357 14.24 -2.04 -27.99
C LEU A 357 14.98 -2.74 -26.85
N TYR A 358 14.83 -2.20 -25.65
CA TYR A 358 15.34 -2.82 -24.44
C TYR A 358 14.20 -2.90 -23.44
N LEU A 359 13.77 -4.12 -23.12
CA LEU A 359 12.74 -4.29 -22.11
C LEU A 359 13.41 -4.43 -20.75
N GLY A 360 13.39 -5.63 -20.17
CA GLY A 360 14.01 -5.78 -18.87
C GLY A 360 13.23 -5.03 -17.80
N GLY A 361 13.98 -4.41 -16.88
CA GLY A 361 13.33 -3.71 -15.78
C GLY A 361 12.31 -4.58 -15.09
N ALA A 362 11.13 -4.01 -14.84
CA ALA A 362 10.07 -4.72 -14.15
C ALA A 362 9.54 -5.91 -14.93
N VAL A 363 9.69 -5.92 -16.26
CA VAL A 363 9.20 -7.07 -17.03
C VAL A 363 9.93 -8.34 -16.61
N ALA A 364 11.26 -8.26 -16.44
CA ALA A 364 12.09 -9.41 -16.15
C ALA A 364 11.98 -9.91 -14.72
N ARG A 365 11.26 -9.20 -13.85
CA ARG A 365 11.16 -9.57 -12.45
C ARG A 365 9.90 -10.35 -12.11
N VAL A 366 8.98 -10.48 -13.07
CA VAL A 366 7.87 -11.43 -12.94
C VAL A 366 8.41 -12.84 -13.19
N PRO A 367 8.08 -13.81 -12.34
CA PRO A 367 8.52 -15.19 -12.60
C PRO A 367 8.05 -15.68 -13.97
N ASP A 368 8.96 -16.36 -14.68
CA ASP A 368 8.72 -16.88 -16.01
C ASP A 368 7.33 -17.51 -16.17
N ASP A 369 6.96 -18.40 -15.24
CA ASP A 369 5.73 -19.17 -15.36
C ASP A 369 4.51 -18.45 -14.80
N ALA A 370 4.62 -17.17 -14.45
CA ALA A 370 3.49 -16.45 -13.88
C ALA A 370 2.45 -16.08 -14.93
N THR A 371 2.86 -15.86 -16.17
CA THR A 371 1.95 -15.61 -17.28
C THR A 371 2.36 -16.51 -18.44
N ALA A 372 1.52 -16.53 -19.49
CA ALA A 372 1.86 -17.24 -20.70
C ALA A 372 2.82 -16.46 -21.60
N TYR A 373 3.22 -15.27 -21.19
CA TYR A 373 4.18 -14.48 -21.97
C TYR A 373 5.57 -15.08 -21.85
N PRO A 374 6.19 -15.48 -22.96
CA PRO A 374 7.54 -16.03 -22.91
C PRO A 374 8.58 -14.92 -23.05
N ASN A 375 9.83 -15.28 -22.78
CA ASN A 375 11.01 -14.46 -23.04
C ASN A 375 11.13 -13.27 -22.11
N ARG A 376 10.58 -13.32 -20.91
CA ARG A 376 10.76 -12.22 -19.97
C ARG A 376 12.24 -11.98 -19.67
N GLN A 377 13.06 -13.03 -19.70
CA GLN A 377 14.47 -12.90 -19.37
C GLN A 377 15.32 -12.43 -20.54
N SER A 378 14.76 -12.32 -21.73
CA SER A 378 15.47 -11.69 -22.84
C SER A 378 15.18 -10.20 -22.82
N PRO A 379 16.19 -9.34 -22.71
CA PRO A 379 15.92 -7.89 -22.66
C PRO A 379 15.81 -7.22 -24.03
N PHE A 380 16.50 -7.73 -25.04
CA PHE A 380 16.56 -7.06 -26.34
C PHE A 380 15.44 -7.53 -27.26
N VAL A 381 14.93 -6.60 -28.07
CA VAL A 381 13.96 -6.91 -29.11
C VAL A 381 14.45 -6.24 -30.39
N THR A 382 14.70 -7.02 -31.43
CA THR A 382 14.94 -6.49 -32.76
C THR A 382 13.75 -6.79 -33.66
N ASN A 383 13.31 -5.78 -34.39
CA ASN A 383 12.07 -5.83 -35.19
C ASN A 383 12.37 -5.18 -36.53
N LEU A 384 12.49 -6.00 -37.56
CA LEU A 384 12.68 -5.52 -38.93
C LEU A 384 11.31 -5.22 -39.51
N ALA A 385 10.91 -3.96 -39.50
CA ALA A 385 9.54 -3.54 -39.75
C ALA A 385 9.49 -2.80 -41.09
N ALA A 386 9.31 -3.56 -42.17
CA ALA A 386 9.20 -2.98 -43.49
C ALA A 386 7.79 -2.42 -43.70
N ALA A 387 7.72 -1.25 -44.35
CA ALA A 387 6.47 -0.56 -44.58
C ALA A 387 6.62 0.25 -45.86
N TRP A 388 5.60 0.21 -46.71
CA TRP A 388 5.72 0.83 -48.02
C TRP A 388 4.32 1.06 -48.57
N MET A 389 4.25 1.61 -49.78
CA MET A 389 2.99 2.01 -50.40
C MET A 389 2.67 1.25 -51.68
N ASP A 390 3.67 0.99 -52.52
CA ASP A 390 3.45 0.46 -53.86
C ASP A 390 3.27 -1.05 -53.82
N PRO A 391 2.11 -1.58 -54.24
CA PRO A 391 1.94 -3.04 -54.25
C PRO A 391 2.89 -3.75 -55.19
N THR A 392 3.44 -3.06 -56.18
CA THR A 392 4.38 -3.69 -57.11
C THR A 392 5.80 -3.72 -56.57
N GLU A 393 6.05 -3.27 -55.34
CA GLU A 393 7.37 -3.36 -54.72
C GLU A 393 7.39 -4.33 -53.55
N ASP A 394 6.37 -5.19 -53.40
CA ASP A 394 6.30 -6.10 -52.27
C ASP A 394 7.61 -6.86 -52.10
N ALA A 395 8.07 -7.53 -53.16
CA ALA A 395 9.22 -8.41 -53.08
C ALA A 395 10.43 -7.70 -52.50
N ARG A 396 10.68 -6.46 -52.92
CA ARG A 396 11.88 -5.75 -52.50
C ARG A 396 11.87 -5.45 -51.01
N HIS A 397 10.72 -5.02 -50.49
CA HIS A 397 10.63 -4.68 -49.07
C HIS A 397 10.54 -5.94 -48.20
N THR A 398 9.87 -6.98 -48.69
CA THR A 398 9.84 -8.24 -47.95
C THR A 398 11.22 -8.90 -47.95
N ALA A 399 11.94 -8.82 -49.07
CA ALA A 399 13.28 -9.40 -49.12
C ALA A 399 14.25 -8.71 -48.15
N TRP A 400 14.03 -7.42 -47.88
CA TRP A 400 14.89 -6.73 -46.93
C TRP A 400 14.70 -7.26 -45.52
N ALA A 401 13.44 -7.49 -45.11
CA ALA A 401 13.20 -8.00 -43.77
C ALA A 401 13.65 -9.45 -43.63
N ARG A 402 13.34 -10.28 -44.64
CA ARG A 402 13.75 -11.69 -44.60
C ARG A 402 15.25 -11.82 -44.41
N GLU A 403 16.04 -11.25 -45.33
CA GLU A 403 17.49 -11.43 -45.26
C GLU A 403 18.08 -10.74 -44.03
N GLY A 404 17.47 -9.64 -43.56
CA GLY A 404 17.88 -9.09 -42.29
C GLY A 404 17.68 -10.05 -41.14
N TYR A 405 16.49 -10.67 -41.09
CA TYR A 405 16.20 -11.67 -40.07
C TYR A 405 17.17 -12.85 -40.16
N ARG A 406 17.46 -13.30 -41.38
CA ARG A 406 18.27 -14.51 -41.54
C ARG A 406 19.70 -14.28 -41.09
N ALA A 407 20.27 -13.11 -41.38
CA ALA A 407 21.61 -12.82 -40.90
C ALA A 407 21.66 -12.56 -39.40
N LEU A 408 20.51 -12.35 -38.75
CA LEU A 408 20.45 -12.22 -37.30
C LEU A 408 19.97 -13.48 -36.60
N ALA A 409 19.47 -14.46 -37.36
CA ALA A 409 18.95 -15.72 -36.82
C ALA A 409 19.76 -16.29 -35.66
N GLY A 410 21.06 -16.45 -35.85
CA GLY A 410 21.90 -17.11 -34.85
C GLY A 410 21.86 -16.44 -33.50
N HIS A 411 21.61 -15.13 -33.48
CA HIS A 411 21.54 -14.39 -32.23
C HIS A 411 20.14 -14.38 -31.64
N LEU A 412 19.14 -14.52 -32.50
CA LEU A 412 17.76 -14.48 -32.03
C LEU A 412 17.41 -15.73 -31.23
N SER A 413 16.75 -15.42 -30.11
CA SER A 413 16.39 -16.37 -29.09
C SER A 413 14.94 -16.63 -28.84
N GLY A 414 14.06 -15.90 -29.50
CA GLY A 414 12.64 -16.13 -29.30
C GLY A 414 11.79 -15.16 -30.08
N GLY A 415 10.48 -15.26 -30.02
CA GLY A 415 9.65 -14.36 -30.76
C GLY A 415 8.47 -13.86 -30.02
N TYR A 416 8.05 -12.63 -30.28
CA TYR A 416 6.88 -12.00 -29.70
C TYR A 416 5.74 -12.42 -30.60
N VAL A 417 4.70 -12.98 -30.04
CA VAL A 417 3.58 -13.43 -30.88
C VAL A 417 2.93 -12.25 -31.59
N ASN A 418 2.90 -11.07 -30.95
CA ASN A 418 2.25 -9.91 -31.56
C ASN A 418 3.07 -9.28 -32.68
N PHE A 419 4.23 -9.84 -33.05
CA PHE A 419 5.00 -9.39 -34.20
C PHE A 419 5.09 -10.45 -35.29
N MET A 420 4.33 -11.54 -35.17
CA MET A 420 4.37 -12.60 -36.18
C MET A 420 3.68 -12.16 -37.46
N ASN A 421 4.26 -12.54 -38.59
CA ASN A 421 3.74 -12.21 -39.91
C ASN A 421 2.86 -13.35 -40.43
N PRO A 422 2.18 -13.15 -41.57
CA PRO A 422 1.24 -14.21 -42.03
C PRO A 422 1.92 -15.54 -42.34
N GLY A 423 3.22 -15.57 -42.60
CA GLY A 423 3.87 -16.83 -42.88
C GLY A 423 4.55 -17.46 -41.68
N GLU A 424 4.12 -17.11 -40.47
CA GLU A 424 4.85 -17.54 -39.28
C GLU A 424 3.97 -18.31 -38.29
N ALA A 425 2.89 -18.94 -38.76
CA ALA A 425 2.15 -19.89 -37.92
C ALA A 425 3.10 -20.97 -37.38
N ASP A 426 4.07 -21.37 -38.20
CA ASP A 426 5.08 -22.36 -37.85
C ASP A 426 5.80 -22.08 -36.55
N ARG A 427 5.91 -20.81 -36.16
CA ARG A 427 6.80 -20.41 -35.08
C ARG A 427 6.16 -20.52 -33.70
N THR A 428 4.92 -20.97 -33.61
CA THR A 428 4.14 -20.77 -32.39
C THR A 428 4.73 -21.51 -31.19
N ARG A 429 4.99 -22.80 -31.33
CA ARG A 429 5.44 -23.55 -30.19
C ARG A 429 6.83 -23.21 -29.79
N GLU A 430 7.63 -22.83 -30.75
CA GLU A 430 8.97 -22.41 -30.49
C GLU A 430 8.93 -21.11 -29.72
N ALA A 431 8.03 -20.23 -30.09
CA ALA A 431 7.88 -18.96 -29.45
C ALA A 431 7.51 -19.02 -27.98
N TYR A 432 6.63 -19.93 -27.60
CA TYR A 432 6.22 -20.04 -26.24
C TYR A 432 7.10 -20.98 -25.46
N GLY A 433 7.71 -21.96 -26.12
CA GLY A 433 8.51 -22.92 -25.38
C GLY A 433 7.68 -24.11 -24.94
N ALA A 434 8.36 -25.26 -24.83
CA ALA A 434 7.68 -26.54 -24.64
C ALA A 434 6.78 -26.52 -23.41
N ALA A 435 7.28 -26.03 -22.29
CA ALA A 435 6.51 -26.08 -21.05
C ALA A 435 5.27 -25.21 -21.13
N LYS A 436 5.43 -23.96 -21.57
CA LYS A 436 4.29 -23.05 -21.69
C LYS A 436 3.26 -23.58 -22.68
N PHE A 437 3.72 -24.01 -23.86
CA PHE A 437 2.81 -24.52 -24.88
C PHE A 437 1.95 -25.65 -24.34
N GLU A 438 2.56 -26.60 -23.63
CA GLU A 438 1.82 -27.74 -23.13
C GLU A 438 0.71 -27.30 -22.18
N ARG A 439 1.00 -26.34 -21.31
CA ARG A 439 -0.04 -25.86 -20.42
C ARG A 439 -1.13 -25.11 -21.19
N LEU A 440 -0.73 -24.38 -22.23
CA LEU A 440 -1.71 -23.67 -23.05
C LEU A 440 -2.65 -24.63 -23.76
N GLN A 441 -2.12 -25.76 -24.26
CA GLN A 441 -2.95 -26.75 -24.93
C GLN A 441 -4.01 -27.31 -24.00
N GLY A 442 -3.67 -27.53 -22.73
CA GLY A 442 -4.65 -28.02 -21.78
C GLY A 442 -5.73 -27.01 -21.49
N VAL A 443 -5.36 -25.73 -21.43
CA VAL A 443 -6.38 -24.68 -21.27
C VAL A 443 -7.23 -24.57 -22.53
N LYS A 444 -6.63 -24.78 -23.70
CA LYS A 444 -7.39 -24.81 -24.94
C LYS A 444 -8.35 -26.00 -24.97
N ALA A 445 -7.83 -27.20 -24.65
CA ALA A 445 -8.66 -28.39 -24.62
C ALA A 445 -9.91 -28.17 -23.77
N LYS A 446 -9.73 -27.48 -22.65
CA LYS A 446 -10.89 -27.23 -21.79
C LYS A 446 -11.79 -26.15 -22.37
N TYR A 447 -11.21 -25.01 -22.77
CA TYR A 447 -12.04 -23.86 -23.09
C TYR A 447 -12.40 -23.71 -24.55
N ASP A 448 -11.59 -24.23 -25.47
CA ASP A 448 -11.91 -24.17 -26.91
C ASP A 448 -11.49 -25.48 -27.57
N PRO A 449 -12.14 -26.59 -27.22
CA PRO A 449 -11.71 -27.90 -27.77
C PRO A 449 -11.90 -28.03 -29.26
N THR A 450 -12.85 -27.31 -29.86
CA THR A 450 -13.05 -27.34 -31.30
C THR A 450 -12.17 -26.35 -32.05
N ASN A 451 -11.31 -25.61 -31.34
CA ASN A 451 -10.43 -24.63 -31.97
C ASN A 451 -11.25 -23.61 -32.76
N LEU A 452 -12.40 -23.21 -32.20
CA LEU A 452 -13.23 -22.19 -32.83
C LEU A 452 -12.45 -20.93 -33.13
N PHE A 453 -11.45 -20.60 -32.31
CA PHE A 453 -10.68 -19.37 -32.42
C PHE A 453 -9.27 -19.72 -32.88
N ARG A 454 -9.12 -19.88 -34.19
CA ARG A 454 -7.86 -20.29 -34.79
C ARG A 454 -7.18 -19.16 -35.56
N LEU A 455 -7.79 -17.98 -35.65
CA LEU A 455 -7.15 -16.85 -36.33
C LEU A 455 -6.43 -16.02 -35.28
N ASN A 456 -5.26 -16.52 -34.92
CA ASN A 456 -4.35 -16.00 -33.90
C ASN A 456 -3.06 -16.79 -34.08
N GLN A 457 -2.05 -16.50 -33.25
CA GLN A 457 -0.92 -17.42 -33.10
C GLN A 457 -1.47 -18.66 -32.41
N ASN A 458 -1.84 -19.67 -33.19
CA ASN A 458 -2.79 -20.66 -32.75
C ASN A 458 -2.17 -21.72 -31.83
N ILE A 459 -2.93 -22.13 -30.84
CA ILE A 459 -2.60 -23.24 -29.98
C ILE A 459 -3.68 -24.30 -30.13
N PRO A 460 -3.42 -25.37 -30.87
CA PRO A 460 -4.42 -26.44 -31.03
C PRO A 460 -4.60 -27.18 -29.73
N PRO A 461 -5.84 -27.61 -29.41
CA PRO A 461 -6.19 -28.23 -28.12
C PRO A 461 -5.50 -29.58 -27.87
N GLN B 2 23.86 -2.47 -3.07
CA GLN B 2 24.31 -2.86 -1.75
C GLN B 2 25.79 -2.54 -1.53
N PHE B 3 26.51 -2.22 -2.61
CA PHE B 3 27.93 -1.88 -2.54
C PHE B 3 28.19 -0.56 -3.27
N PRO B 4 27.72 0.56 -2.73
CA PRO B 4 28.12 1.87 -3.25
C PRO B 4 29.48 2.26 -2.69
N GLN B 5 30.00 3.39 -3.20
CA GLN B 5 31.30 3.90 -2.78
C GLN B 5 31.12 4.83 -1.58
N LEU B 6 31.91 4.60 -0.54
CA LEU B 6 31.77 5.32 0.73
C LEU B 6 33.07 6.02 1.09
N ASP B 7 32.96 7.26 1.58
CA ASP B 7 34.15 8.10 1.78
C ASP B 7 34.86 7.85 3.10
N PRO B 8 36.05 7.23 3.06
CA PRO B 8 36.65 6.63 4.27
C PRO B 8 36.64 7.52 5.50
N ALA B 9 36.64 8.84 5.33
CA ALA B 9 36.68 9.75 6.47
C ALA B 9 35.31 9.84 7.15
N THR B 10 34.24 9.99 6.36
CA THR B 10 32.90 10.05 6.94
C THR B 10 32.56 8.76 7.67
N LEU B 11 33.04 7.62 7.16
CA LEU B 11 32.84 6.36 7.85
C LEU B 11 33.71 6.26 9.10
N ALA B 12 34.97 6.71 9.01
CA ALA B 12 35.83 6.70 10.18
C ALA B 12 35.28 7.61 11.28
N ALA B 13 34.68 8.74 10.88
CA ALA B 13 34.01 9.58 11.86
C ALA B 13 32.86 8.85 12.53
N PHE B 14 32.07 8.13 11.72
CA PHE B 14 30.99 7.29 12.23
C PHE B 14 31.50 6.39 13.36
N SER B 15 32.51 5.57 13.08
CA SER B 15 32.98 4.59 14.06
C SER B 15 33.68 5.23 15.25
N ALA B 16 34.08 6.50 15.16
CA ALA B 16 34.62 7.19 16.32
C ALA B 16 33.53 7.45 17.35
N ALA B 17 32.32 7.78 16.89
CA ALA B 17 31.20 8.09 17.77
C ALA B 17 30.22 6.93 17.92
N PHE B 18 30.43 5.81 17.23
CA PHE B 18 29.45 4.73 17.17
C PHE B 18 29.91 3.55 18.01
N ARG B 19 29.19 3.30 19.11
CA ARG B 19 29.52 2.23 20.05
C ARG B 19 28.67 0.97 19.83
N GLY B 20 27.96 0.88 18.72
CA GLY B 20 27.03 -0.20 18.46
C GLY B 20 27.60 -1.30 17.59
N GLU B 21 26.72 -2.00 16.89
CA GLU B 21 27.10 -3.12 16.02
C GLU B 21 26.65 -2.84 14.59
N LEU B 22 27.56 -3.02 13.64
CA LEU B 22 27.27 -2.85 12.23
C LEU B 22 27.23 -4.21 11.55
N ILE B 23 26.35 -4.35 10.58
CA ILE B 23 26.13 -5.61 9.86
C ILE B 23 26.23 -5.31 8.37
N TRP B 24 27.27 -5.81 7.74
CA TRP B 24 27.57 -5.48 6.36
C TRP B 24 27.12 -6.63 5.44
N PRO B 25 27.02 -6.39 4.12
CA PRO B 25 26.35 -7.37 3.25
C PRO B 25 27.06 -8.71 3.11
N SER B 26 28.30 -8.83 3.57
CA SER B 26 28.98 -10.11 3.56
C SER B 26 28.85 -10.86 4.88
N ASP B 27 28.54 -10.17 5.97
CA ASP B 27 28.44 -10.80 7.27
C ASP B 27 27.38 -11.91 7.26
N ALA B 28 27.57 -12.89 8.15
CA ALA B 28 26.66 -14.02 8.18
C ALA B 28 25.25 -13.61 8.57
N ASP B 29 25.11 -12.70 9.54
CA ASP B 29 23.79 -12.30 10.03
C ASP B 29 22.96 -11.55 9.00
N TYR B 30 23.58 -11.13 7.89
CA TYR B 30 22.98 -10.10 7.04
C TYR B 30 21.60 -10.51 6.53
N ASP B 31 21.46 -11.76 6.08
CA ASP B 31 20.19 -12.17 5.49
C ASP B 31 19.07 -12.19 6.51
N GLU B 32 19.37 -12.50 7.77
CA GLU B 32 18.32 -12.52 8.77
C GLU B 32 17.97 -11.12 9.26
N ALA B 33 18.98 -10.28 9.50
CA ALA B 33 18.74 -8.94 10.03
C ALA B 33 17.95 -8.08 9.06
N ARG B 34 18.07 -8.33 7.76
CA ARG B 34 17.37 -7.57 6.74
C ARG B 34 15.99 -8.13 6.43
N ARG B 35 15.59 -9.23 7.08
CA ARG B 35 14.24 -9.73 6.96
C ARG B 35 13.32 -9.03 7.95
N ILE B 36 12.14 -8.66 7.50
CA ILE B 36 11.15 -8.01 8.34
C ILE B 36 9.90 -8.87 8.37
N TRP B 37 8.88 -8.45 9.14
CA TRP B 37 7.71 -9.30 9.35
C TRP B 37 6.99 -9.59 8.04
N ASN B 38 6.82 -8.58 7.19
CA ASN B 38 6.23 -8.77 5.87
C ASN B 38 7.25 -9.49 4.99
N GLY B 39 6.99 -10.76 4.70
CA GLY B 39 7.95 -11.56 3.94
C GLY B 39 7.99 -11.32 2.45
N THR B 40 6.99 -10.63 1.88
CA THR B 40 7.06 -10.25 0.48
C THR B 40 8.15 -9.23 0.21
N ILE B 41 8.58 -8.48 1.22
CA ILE B 41 9.59 -7.45 1.04
C ILE B 41 10.96 -8.10 1.08
N ASP B 42 11.70 -8.04 -0.03
CA ASP B 42 13.05 -8.57 -0.11
C ASP B 42 13.97 -7.46 -0.60
N ARG B 43 14.83 -6.97 0.29
CA ARG B 43 15.63 -5.79 0.03
C ARG B 43 17.00 -5.96 0.66
N ARG B 44 18.00 -5.28 0.10
CA ARG B 44 19.39 -5.44 0.50
C ARG B 44 20.02 -4.09 0.82
N PRO B 45 20.06 -3.70 2.08
CA PRO B 45 20.76 -2.47 2.44
C PRO B 45 22.26 -2.63 2.26
N ALA B 46 22.93 -1.49 2.09
CA ALA B 46 24.38 -1.50 2.08
C ALA B 46 24.95 -1.72 3.47
N LEU B 47 24.16 -1.45 4.50
CA LEU B 47 24.63 -1.42 5.88
C LEU B 47 23.42 -1.62 6.78
N ILE B 48 23.64 -2.27 7.92
CA ILE B 48 22.64 -2.32 8.98
C ILE B 48 23.33 -1.87 10.25
N ALA B 49 22.89 -0.72 10.78
CA ALA B 49 23.44 -0.14 11.99
C ALA B 49 22.52 -0.50 13.14
N ARG B 50 22.99 -1.33 14.05
CA ARG B 50 22.21 -1.75 15.19
C ARG B 50 22.57 -0.85 16.36
N CYS B 51 21.88 0.28 16.44
CA CYS B 51 22.15 1.26 17.47
C CYS B 51 21.82 0.72 18.86
N THR B 52 22.52 1.25 19.86
CA THR B 52 22.35 0.82 21.24
C THR B 52 22.10 1.99 22.17
N SER B 53 21.98 3.21 21.65
CA SER B 53 21.92 4.41 22.45
C SER B 53 21.48 5.55 21.56
N THR B 54 20.94 6.60 22.16
CA THR B 54 20.70 7.83 21.42
C THR B 54 21.95 8.33 20.71
N PRO B 55 23.14 8.37 21.33
CA PRO B 55 24.34 8.75 20.57
C PRO B 55 24.59 7.88 19.34
N ASP B 56 24.30 6.59 19.42
CA ASP B 56 24.44 5.72 18.25
C ASP B 56 23.51 6.18 17.12
N VAL B 57 22.31 6.64 17.48
CA VAL B 57 21.36 7.06 16.47
C VAL B 57 21.76 8.41 15.87
N VAL B 58 22.28 9.30 16.70
CA VAL B 58 22.81 10.57 16.19
C VAL B 58 23.88 10.31 15.15
N ALA B 59 24.86 9.46 15.47
CA ALA B 59 25.92 9.15 14.53
C ALA B 59 25.38 8.47 13.28
N ALA B 60 24.39 7.58 13.44
CA ALA B 60 23.88 6.85 12.30
C ALA B 60 23.08 7.77 11.37
N VAL B 61 22.28 8.67 11.93
CA VAL B 61 21.58 9.65 11.10
C VAL B 61 22.59 10.53 10.37
N SER B 62 23.49 11.17 11.12
CA SER B 62 24.47 12.06 10.52
C SER B 62 25.27 11.35 9.44
N PHE B 63 25.66 10.10 9.70
CA PHE B 63 26.42 9.36 8.68
C PHE B 63 25.60 9.15 7.42
N ALA B 64 24.31 8.90 7.58
CA ALA B 64 23.48 8.71 6.38
C ALA B 64 23.16 10.03 5.68
N ARG B 65 23.09 11.13 6.42
CA ARG B 65 22.91 12.43 5.78
C ARG B 65 24.13 12.81 4.95
N LYS B 66 25.31 12.76 5.57
CA LYS B 66 26.54 13.14 4.86
C LYS B 66 26.79 12.23 3.66
N SER B 67 26.46 10.93 3.80
CA SER B 67 26.79 9.94 2.77
C SER B 67 25.69 9.76 1.72
N GLY B 68 24.57 10.46 1.84
CA GLY B 68 23.51 10.34 0.84
C GLY B 68 22.86 8.98 0.77
N LEU B 69 22.86 8.22 1.86
CA LEU B 69 22.28 6.88 1.88
C LEU B 69 20.80 6.96 2.24
N LEU B 70 20.00 6.11 1.60
CA LEU B 70 18.55 6.10 1.81
C LEU B 70 18.22 5.44 3.15
N VAL B 71 17.60 6.19 4.06
CA VAL B 71 17.45 5.77 5.44
C VAL B 71 16.17 4.97 5.62
N ALA B 72 16.31 3.72 6.04
CA ALA B 72 15.21 2.95 6.59
C ALA B 72 15.39 2.89 8.09
N VAL B 73 14.35 3.26 8.83
CA VAL B 73 14.35 3.17 10.28
C VAL B 73 13.56 1.93 10.67
N ARG B 74 14.01 1.23 11.70
CA ARG B 74 13.38 -0.04 12.07
C ARG B 74 13.24 -0.16 13.57
N GLY B 75 12.01 -0.36 14.02
CA GLY B 75 11.74 -0.69 15.41
C GLY B 75 11.52 -2.18 15.58
N GLY B 76 10.27 -2.61 15.68
CA GLY B 76 9.96 -4.02 15.74
C GLY B 76 9.82 -4.70 14.40
N GLY B 77 9.83 -3.91 13.31
CA GLY B 77 9.85 -4.46 11.96
C GLY B 77 8.53 -4.98 11.43
N HIS B 78 7.40 -4.49 11.94
CA HIS B 78 6.12 -5.03 11.53
C HIS B 78 5.44 -4.23 10.41
N SER B 79 6.16 -3.29 9.77
CA SER B 79 5.57 -2.48 8.72
C SER B 79 4.91 -3.35 7.67
N MET B 80 3.62 -3.12 7.45
CA MET B 80 2.91 -3.87 6.41
C MET B 80 3.13 -3.29 5.03
N ALA B 81 3.82 -2.16 4.92
CA ALA B 81 4.30 -1.65 3.66
C ALA B 81 5.78 -1.95 3.43
N GLY B 82 6.44 -2.56 4.41
CA GLY B 82 7.85 -2.92 4.28
C GLY B 82 8.82 -1.78 4.48
N HIS B 83 8.38 -0.64 5.02
CA HIS B 83 9.22 0.55 5.09
C HIS B 83 10.52 0.36 5.87
N SER B 84 10.61 -0.67 6.73
CA SER B 84 11.73 -0.80 7.64
C SER B 84 12.91 -1.58 7.07
N VAL B 85 12.94 -1.84 5.77
CA VAL B 85 14.14 -2.33 5.09
C VAL B 85 14.17 -1.72 3.70
N CYS B 86 15.37 -1.38 3.23
CA CYS B 86 15.57 -0.64 2.00
C CYS B 86 16.54 -1.38 1.10
N ASP B 87 16.63 -0.91 -0.15
CA ASP B 87 17.66 -1.35 -1.09
C ASP B 87 18.76 -0.29 -1.15
N GLY B 88 20.00 -0.71 -0.94
CA GLY B 88 21.15 0.14 -1.11
C GLY B 88 21.37 1.19 -0.06
N GLY B 89 20.42 1.41 0.83
CA GLY B 89 20.55 2.39 1.88
C GLY B 89 21.10 1.79 3.16
N ILE B 90 20.88 2.52 4.26
CA ILE B 90 21.27 2.11 5.60
C ILE B 90 20.01 1.80 6.37
N VAL B 91 20.06 0.78 7.22
CA VAL B 91 18.95 0.48 8.11
C VAL B 91 19.36 0.91 9.52
N ILE B 92 18.78 2.01 9.97
CA ILE B 92 18.92 2.42 11.37
C ILE B 92 17.98 1.51 12.16
N ASP B 93 18.55 0.46 12.75
CA ASP B 93 17.81 -0.61 13.40
C ASP B 93 17.88 -0.40 14.90
N LEU B 94 16.71 -0.19 15.52
CA LEU B 94 16.63 0.17 16.93
C LEU B 94 16.37 -1.04 17.84
N SER B 95 16.31 -2.25 17.29
CA SER B 95 15.77 -3.39 18.00
C SER B 95 16.53 -3.70 19.29
N LEU B 96 17.76 -3.21 19.44
CA LEU B 96 18.52 -3.39 20.67
C LEU B 96 18.26 -2.31 21.71
N MET B 97 17.62 -1.22 21.31
CA MET B 97 17.27 -0.14 22.24
C MET B 97 15.89 -0.49 22.80
N ASN B 98 15.91 -1.28 23.87
CA ASN B 98 14.73 -1.97 24.38
C ASN B 98 14.46 -1.66 25.85
N SER B 99 15.22 -0.75 26.45
CA SER B 99 15.10 -0.56 27.89
C SER B 99 13.90 0.30 28.24
N ILE B 100 13.34 0.02 29.42
CA ILE B 100 12.18 0.72 29.94
C ILE B 100 12.45 1.06 31.40
N LYS B 101 12.05 2.25 31.82
CA LYS B 101 12.02 2.62 33.23
C LYS B 101 10.60 2.99 33.60
N VAL B 102 10.16 2.54 34.77
CA VAL B 102 8.80 2.75 35.25
C VAL B 102 8.86 3.35 36.65
N SER B 103 8.06 4.38 36.88
CA SER B 103 7.86 4.94 38.22
C SER B 103 6.43 4.61 38.64
N ARG B 104 6.29 3.76 39.60
CA ARG B 104 5.03 3.40 40.14
C ARG B 104 4.33 4.56 40.83
N ARG B 105 5.07 5.42 41.49
CA ARG B 105 4.44 6.51 42.19
C ARG B 105 4.02 7.67 41.29
N LEU B 106 4.75 7.91 40.21
CA LEU B 106 4.37 8.94 39.27
C LEU B 106 3.51 8.40 38.15
N ARG B 107 3.40 7.08 38.10
CA ARG B 107 2.66 6.32 37.09
C ARG B 107 3.21 6.69 35.73
N ARG B 108 4.48 6.46 35.60
CA ARG B 108 5.14 6.81 34.35
C ARG B 108 6.11 5.75 33.85
N ALA B 109 6.16 5.58 32.52
CA ALA B 109 7.10 4.69 31.87
C ALA B 109 7.92 5.47 30.85
N ARG B 110 9.24 5.25 30.85
CA ARG B 110 10.11 5.75 29.79
C ARG B 110 10.66 4.56 29.04
N ALA B 111 10.45 4.52 27.73
CA ALA B 111 10.77 3.36 26.91
C ALA B 111 11.60 3.78 25.71
N GLN B 112 12.61 2.98 25.40
CA GLN B 112 13.45 3.29 24.25
C GLN B 112 12.68 3.05 22.94
N GLY B 113 13.20 3.63 21.86
CA GLY B 113 12.51 3.65 20.58
C GLY B 113 12.43 2.31 19.88
N GLY B 114 13.17 1.31 20.33
CA GLY B 114 13.15 0.00 19.71
C GLY B 114 12.39 -1.07 20.46
N CYS B 115 11.68 -0.72 21.52
CA CYS B 115 11.00 -1.70 22.35
C CYS B 115 9.94 -2.47 21.57
N LEU B 116 9.69 -3.70 22.00
CA LEU B 116 8.52 -4.45 21.57
C LEU B 116 7.44 -4.32 22.65
N LEU B 117 6.18 -4.45 22.22
CA LEU B 117 5.05 -4.23 23.12
C LEU B 117 5.17 -5.09 24.38
N GLY B 118 5.57 -6.35 24.22
CA GLY B 118 5.58 -7.26 25.35
C GLY B 118 6.64 -6.93 26.39
N ALA B 119 7.77 -6.37 25.94
CA ALA B 119 8.77 -5.89 26.89
C ALA B 119 8.22 -4.72 27.69
N PHE B 120 7.59 -3.77 27.00
CA PHE B 120 6.96 -2.64 27.67
C PHE B 120 5.88 -3.11 28.65
N ASP B 121 5.00 -4.01 28.20
CA ASP B 121 3.88 -4.42 29.04
C ASP B 121 4.34 -5.22 30.25
N THR B 122 5.37 -6.05 30.06
CA THR B 122 5.93 -6.79 31.19
C THR B 122 6.46 -5.86 32.26
N ALA B 123 7.08 -4.75 31.85
CA ALA B 123 7.72 -3.85 32.80
C ALA B 123 6.71 -3.00 33.56
N THR B 124 5.67 -2.50 32.88
CA THR B 124 4.67 -1.72 33.58
C THR B 124 3.74 -2.60 34.41
N GLN B 125 3.47 -3.82 33.95
CA GLN B 125 2.58 -4.70 34.71
C GLN B 125 3.25 -5.31 35.94
N ALA B 126 4.57 -5.14 36.10
CA ALA B 126 5.17 -5.44 37.40
C ALA B 126 4.58 -4.59 38.51
N HIS B 127 3.97 -3.45 38.18
CA HIS B 127 3.36 -2.57 39.15
C HIS B 127 1.87 -2.43 38.95
N MET B 128 1.24 -3.37 38.25
CA MET B 128 -0.18 -3.34 37.93
C MET B 128 -0.53 -2.20 36.97
N LEU B 129 0.46 -1.67 36.25
CA LEU B 129 0.27 -0.52 35.40
C LEU B 129 0.31 -0.93 33.93
N ALA B 130 -0.22 -0.05 33.09
CA ALA B 130 -0.26 -0.27 31.65
C ALA B 130 -0.66 1.03 30.97
N THR B 131 -0.43 1.08 29.66
CA THR B 131 -0.96 2.14 28.82
C THR B 131 -1.29 1.53 27.47
N PRO B 132 -2.25 2.12 26.74
CA PRO B 132 -2.73 1.50 25.50
C PRO B 132 -1.62 1.17 24.51
N ALA B 133 -1.74 0.00 23.88
CA ALA B 133 -0.83 -0.45 22.83
C ALA B 133 -1.52 -1.52 22.01
N GLY B 134 -0.82 -2.00 20.98
CA GLY B 134 -1.38 -2.99 20.08
C GLY B 134 -1.55 -4.36 20.71
N THR B 135 -2.25 -5.23 19.98
CA THR B 135 -2.69 -6.52 20.51
C THR B 135 -1.64 -7.63 20.46
N VAL B 136 -0.62 -7.51 19.60
CA VAL B 136 0.34 -8.59 19.38
C VAL B 136 1.67 -8.20 20.01
N SER B 137 2.21 -9.11 20.84
CA SER B 137 3.27 -8.75 21.78
C SER B 137 4.55 -8.31 21.07
N HIS B 138 4.89 -8.94 19.96
CA HIS B 138 6.16 -8.69 19.30
C HIS B 138 6.08 -7.62 18.22
N THR B 139 4.98 -6.87 18.18
CA THR B 139 4.95 -5.64 17.40
C THR B 139 5.85 -4.61 18.06
N GLY B 140 6.56 -3.84 17.23
CA GLY B 140 7.41 -2.81 17.77
C GLY B 140 6.59 -1.66 18.30
N LEU B 141 7.06 -1.06 19.39
CA LEU B 141 6.37 0.09 19.95
C LEU B 141 6.51 1.32 19.05
N GLY B 142 7.68 1.49 18.43
CA GLY B 142 7.99 2.68 17.67
C GLY B 142 7.04 2.99 16.53
N GLY B 143 6.99 2.14 15.51
CA GLY B 143 6.06 2.37 14.42
C GLY B 143 4.62 2.43 14.88
N LEU B 144 4.27 1.67 15.92
CA LEU B 144 2.89 1.63 16.39
C LEU B 144 2.47 2.96 17.01
N VAL B 145 3.26 3.49 17.93
CA VAL B 145 2.88 4.75 18.58
C VAL B 145 2.89 5.89 17.56
N LEU B 146 3.96 5.99 16.78
CA LEU B 146 4.06 7.12 15.85
C LEU B 146 2.89 7.18 14.89
N GLY B 147 2.24 6.05 14.62
CA GLY B 147 1.01 6.07 13.86
C GLY B 147 -0.23 6.30 14.70
N GLY B 148 -0.11 6.25 16.02
CA GLY B 148 -1.24 6.45 16.92
C GLY B 148 -1.39 5.34 17.93
N GLY B 149 -1.62 4.12 17.45
CA GLY B 149 -1.65 2.93 18.29
C GLY B 149 -2.94 2.69 19.03
N PHE B 150 -3.67 1.63 18.67
CA PHE B 150 -4.87 1.25 19.40
C PHE B 150 -4.86 -0.24 19.72
N GLY B 151 -5.51 -0.58 20.83
CA GLY B 151 -5.64 -1.96 21.26
C GLY B 151 -6.69 -2.11 22.34
N TRP B 152 -6.51 -3.10 23.23
CA TRP B 152 -7.54 -3.45 24.19
C TRP B 152 -7.90 -2.27 25.10
N LEU B 153 -6.92 -1.46 25.48
CA LEU B 153 -7.15 -0.38 26.45
C LEU B 153 -7.67 0.90 25.81
N SER B 154 -7.85 0.93 24.48
CA SER B 154 -8.02 2.21 23.81
C SER B 154 -9.38 2.84 24.06
N ARG B 155 -10.44 2.04 24.11
CA ARG B 155 -11.75 2.63 24.36
C ARG B 155 -11.83 3.25 25.75
N LYS B 156 -11.06 2.71 26.70
CA LYS B 156 -11.00 3.25 28.06
C LYS B 156 -10.02 4.41 28.17
N TYR B 157 -8.84 4.26 27.56
CA TYR B 157 -7.75 5.21 27.77
C TYR B 157 -7.20 5.85 26.50
N GLY B 158 -7.79 5.58 25.33
CA GLY B 158 -7.40 6.27 24.12
C GLY B 158 -6.29 5.58 23.36
N LEU B 159 -5.86 6.25 22.29
CA LEU B 159 -4.71 5.77 21.54
C LEU B 159 -3.43 5.84 22.39
N SER B 160 -2.40 5.14 21.92
CA SER B 160 -1.09 5.25 22.55
C SER B 160 -0.62 6.70 22.63
N ILE B 161 -0.85 7.46 21.56
CA ILE B 161 -0.38 8.84 21.53
C ILE B 161 -1.13 9.74 22.49
N ASP B 162 -2.33 9.32 22.92
CA ASP B 162 -3.10 10.04 23.92
C ASP B 162 -2.59 9.82 25.34
N ASN B 163 -1.58 8.97 25.51
CA ASN B 163 -0.89 8.84 26.79
C ASN B 163 0.59 9.17 26.68
N LEU B 164 1.01 9.77 25.56
CA LEU B 164 2.39 10.16 25.34
C LEU B 164 2.59 11.59 25.81
N THR B 165 3.53 11.79 26.75
CA THR B 165 3.79 13.12 27.29
C THR B 165 4.99 13.81 26.66
N SER B 166 5.94 13.07 26.11
CA SER B 166 7.12 13.66 25.50
C SER B 166 7.90 12.57 24.76
N VAL B 167 8.66 13.00 23.75
CA VAL B 167 9.57 12.11 23.03
C VAL B 167 10.96 12.74 23.03
N GLU B 168 11.97 11.88 23.01
CA GLU B 168 13.33 12.26 22.64
C GLU B 168 13.53 11.83 21.19
N ILE B 169 13.93 12.77 20.35
CA ILE B 169 13.93 12.54 18.91
C ILE B 169 15.20 13.10 18.30
N VAL B 170 15.84 12.31 17.44
CA VAL B 170 17.01 12.73 16.67
C VAL B 170 16.51 13.19 15.31
N THR B 171 16.72 14.46 14.99
CA THR B 171 16.24 14.99 13.72
C THR B 171 17.27 14.72 12.62
N ALA B 172 16.90 15.10 11.39
CA ALA B 172 17.73 14.78 10.23
C ALA B 172 19.08 15.49 10.30
N ASP B 173 19.15 16.68 10.89
CA ASP B 173 20.41 17.40 11.03
C ASP B 173 21.30 16.83 12.12
N GLY B 174 20.89 15.75 12.78
CA GLY B 174 21.70 15.11 13.80
C GLY B 174 21.48 15.62 15.21
N GLY B 175 20.63 16.63 15.40
CA GLY B 175 20.39 17.14 16.74
C GLY B 175 19.41 16.28 17.52
N VAL B 176 19.49 16.38 18.85
CA VAL B 176 18.57 15.70 19.73
C VAL B 176 17.61 16.73 20.33
N LEU B 177 16.32 16.44 20.24
CA LEU B 177 15.29 17.34 20.71
C LEU B 177 14.35 16.58 21.65
N THR B 178 13.85 17.31 22.65
CA THR B 178 12.68 16.89 23.39
C THR B 178 11.47 17.56 22.76
N ALA B 179 10.41 16.79 22.54
CA ALA B 179 9.16 17.32 22.01
C ALA B 179 8.03 16.97 22.99
N SER B 180 7.35 18.00 23.48
CA SER B 180 6.29 17.85 24.47
C SER B 180 5.28 18.97 24.23
N ASP B 181 4.30 19.10 25.13
CA ASP B 181 3.33 20.16 24.99
C ASP B 181 3.91 21.54 25.31
N THR B 182 5.02 21.59 26.05
CA THR B 182 5.65 22.85 26.42
C THR B 182 6.97 23.11 25.71
N GLU B 183 7.43 22.20 24.85
CA GLU B 183 8.75 22.36 24.25
C GLU B 183 8.71 21.79 22.84
N ASN B 184 8.87 22.68 21.86
CA ASN B 184 8.69 22.33 20.46
C ASN B 184 7.35 21.67 20.23
N PRO B 185 6.22 22.30 20.61
CA PRO B 185 4.92 21.63 20.53
C PRO B 185 4.51 21.26 19.12
N ASP B 186 5.01 21.97 18.10
CA ASP B 186 4.63 21.64 16.74
C ASP B 186 5.13 20.26 16.36
N LEU B 187 6.37 19.94 16.73
CA LEU B 187 6.91 18.61 16.50
C LEU B 187 6.14 17.55 17.31
N PHE B 188 5.90 17.83 18.59
CA PHE B 188 5.13 16.92 19.43
C PHE B 188 3.76 16.63 18.83
N TRP B 189 3.16 17.64 18.19
CA TRP B 189 1.88 17.41 17.52
C TRP B 189 2.05 16.42 16.36
N ALA B 190 3.13 16.56 15.59
CA ALA B 190 3.28 15.79 14.36
C ALA B 190 3.82 14.38 14.61
N VAL B 191 4.58 14.16 15.68
CA VAL B 191 4.99 12.79 15.97
C VAL B 191 3.81 11.95 16.44
N ARG B 192 2.75 12.59 16.95
CA ARG B 192 1.57 11.88 17.44
C ARG B 192 0.63 11.60 16.28
N GLY B 193 1.06 10.71 15.41
CA GLY B 193 0.27 10.33 14.25
C GLY B 193 1.02 10.38 12.95
N GLY B 194 2.10 11.15 12.89
CA GLY B 194 2.82 11.40 11.66
C GLY B 194 3.92 10.41 11.32
N GLY B 195 3.98 9.27 11.99
CA GLY B 195 4.99 8.27 11.68
C GLY B 195 6.41 8.79 11.86
N GLY B 196 7.34 8.11 11.19
CA GLY B 196 8.75 8.41 11.35
C GLY B 196 9.25 9.57 10.49
N ASN B 197 8.34 10.43 10.05
CA ASN B 197 8.69 11.46 9.07
C ASN B 197 9.63 12.50 9.64
N PHE B 198 9.60 12.75 10.95
CA PHE B 198 10.22 13.92 11.54
C PHE B 198 11.48 13.61 12.34
N GLY B 199 11.91 12.35 12.35
CA GLY B 199 13.12 11.98 13.07
C GLY B 199 12.98 10.60 13.67
N VAL B 200 14.09 10.13 14.22
CA VAL B 200 14.13 8.83 14.87
C VAL B 200 13.86 9.05 16.35
N VAL B 201 12.71 8.60 16.82
CA VAL B 201 12.36 8.72 18.24
C VAL B 201 13.14 7.66 19.01
N THR B 202 14.00 8.12 19.91
CA THR B 202 14.82 7.23 20.72
C THR B 202 14.22 6.91 22.08
N ALA B 203 13.24 7.70 22.52
CA ALA B 203 12.60 7.47 23.81
C ALA B 203 11.17 7.99 23.77
N PHE B 204 10.25 7.20 24.33
CA PHE B 204 8.88 7.62 24.56
C PHE B 204 8.64 7.74 26.05
N GLU B 205 7.81 8.71 26.44
CA GLU B 205 7.36 8.85 27.82
C GLU B 205 5.84 8.77 27.83
N PHE B 206 5.28 7.91 28.68
CA PHE B 206 3.85 7.66 28.71
C PHE B 206 3.27 7.81 30.11
N ASP B 207 2.03 8.29 30.18
CA ASP B 207 1.22 8.13 31.37
C ASP B 207 0.76 6.69 31.51
N LEU B 208 0.53 6.26 32.76
CA LEU B 208 0.14 4.89 33.03
C LEU B 208 -1.13 4.84 33.87
N HIS B 209 -1.87 3.75 33.70
CA HIS B 209 -3.12 3.53 34.39
C HIS B 209 -3.05 2.19 35.10
N ARG B 210 -3.71 2.10 36.26
CA ARG B 210 -3.82 0.83 36.95
C ARG B 210 -4.82 -0.05 36.21
N VAL B 211 -4.40 -1.27 35.88
CA VAL B 211 -5.22 -2.22 35.14
C VAL B 211 -5.07 -3.57 35.84
N GLY B 212 -6.08 -3.96 36.62
CA GLY B 212 -6.06 -5.22 37.32
C GLY B 212 -6.44 -6.37 36.40
N PRO B 213 -6.87 -7.49 36.98
CA PRO B 213 -7.25 -8.63 36.14
C PRO B 213 -8.48 -8.30 35.30
N VAL B 214 -8.44 -8.73 34.04
CA VAL B 214 -9.46 -8.43 33.07
C VAL B 214 -10.25 -9.71 32.78
N ARG B 215 -11.57 -9.60 32.77
CA ARG B 215 -12.41 -10.69 32.28
C ARG B 215 -12.39 -10.70 30.76
N PHE B 216 -12.03 -11.84 30.19
CA PHE B 216 -11.75 -11.97 28.76
C PHE B 216 -12.54 -13.14 28.19
N ALA B 217 -12.99 -12.99 26.94
CA ALA B 217 -13.74 -14.04 26.27
C ALA B 217 -13.45 -14.05 24.78
N SER B 218 -13.26 -15.26 24.23
CA SER B 218 -13.15 -15.47 22.80
C SER B 218 -14.01 -16.67 22.40
N THR B 219 -14.70 -16.56 21.27
CA THR B 219 -15.61 -17.60 20.82
C THR B 219 -15.83 -17.44 19.32
N TYR B 220 -16.39 -18.49 18.71
CA TYR B 220 -16.52 -18.56 17.26
C TYR B 220 -17.97 -18.83 16.89
N TYR B 221 -18.44 -18.17 15.84
CA TYR B 221 -19.80 -18.33 15.32
C TYR B 221 -19.76 -18.77 13.87
N SER B 222 -20.67 -19.66 13.58
CA SER B 222 -20.85 -20.15 12.27
C SER B 222 -21.23 -18.96 11.43
N LEU B 223 -20.90 -19.00 10.15
CA LEU B 223 -21.21 -17.93 9.22
C LEU B 223 -22.69 -17.82 8.88
N ASP B 224 -23.44 -18.89 9.14
CA ASP B 224 -24.86 -19.00 9.06
C ASP B 224 -25.38 -17.80 9.77
N GLU B 225 -25.08 -17.70 11.05
CA GLU B 225 -25.51 -16.61 11.88
C GLU B 225 -24.65 -15.38 11.87
N GLY B 226 -24.00 -15.08 10.77
CA GLY B 226 -23.17 -13.91 10.71
C GLY B 226 -23.98 -12.66 10.78
N PRO B 227 -25.01 -12.54 9.95
CA PRO B 227 -25.87 -11.35 9.90
C PRO B 227 -26.40 -11.00 11.24
N GLN B 228 -26.84 -11.96 11.99
CA GLN B 228 -27.30 -11.66 13.34
C GLN B 228 -26.15 -11.20 14.22
N VAL B 229 -24.98 -11.81 14.09
CA VAL B 229 -23.87 -11.51 15.00
C VAL B 229 -23.30 -10.13 14.72
N ILE B 230 -22.92 -9.86 13.45
CA ILE B 230 -22.37 -8.56 13.11
C ILE B 230 -23.37 -7.45 13.42
N ARG B 231 -24.66 -7.69 13.15
CA ARG B 231 -25.66 -6.67 13.38
C ARG B 231 -25.85 -6.41 14.86
N ALA B 232 -25.77 -7.46 15.69
CA ALA B 232 -25.76 -7.22 17.12
C ALA B 232 -24.49 -6.51 17.55
N TRP B 233 -23.38 -6.78 16.87
CA TRP B 233 -22.13 -6.13 17.21
C TRP B 233 -22.18 -4.64 16.89
N ARG B 234 -22.65 -4.28 15.70
CA ARG B 234 -22.72 -2.86 15.31
C ARG B 234 -23.72 -2.10 16.18
N ASP B 235 -24.84 -2.73 16.54
CA ASP B 235 -25.85 -2.03 17.33
C ASP B 235 -25.38 -1.87 18.76
N HIS B 236 -24.78 -2.91 19.34
CA HIS B 236 -24.41 -2.85 20.74
C HIS B 236 -23.26 -1.88 20.97
N MET B 237 -22.27 -1.86 20.07
CA MET B 237 -21.10 -1.01 20.29
C MET B 237 -21.41 0.47 20.13
N ALA B 238 -22.50 0.83 19.44
CA ALA B 238 -22.83 2.24 19.27
C ALA B 238 -23.08 2.94 20.60
N THR B 239 -23.62 2.20 21.58
CA THR B 239 -23.93 2.77 22.90
C THR B 239 -23.21 2.04 24.03
N ALA B 240 -22.17 1.26 23.73
CA ALA B 240 -21.61 0.45 24.81
C ALA B 240 -20.66 1.30 25.67
N PRO B 241 -20.56 1.00 26.96
CA PRO B 241 -19.67 1.78 27.82
C PRO B 241 -18.22 1.57 27.46
N ASP B 242 -17.40 2.58 27.78
CA ASP B 242 -15.97 2.54 27.43
C ASP B 242 -15.31 1.23 27.85
N GLU B 243 -15.70 0.71 29.02
CA GLU B 243 -15.02 -0.44 29.60
C GLU B 243 -15.11 -1.70 28.75
N LEU B 244 -16.08 -1.78 27.85
CA LEU B 244 -16.23 -2.95 27.00
C LEU B 244 -15.48 -2.75 25.69
N THR B 245 -14.66 -3.73 25.33
CA THR B 245 -14.06 -3.80 24.01
C THR B 245 -14.45 -5.15 23.40
N TRP B 246 -14.91 -5.10 22.15
CA TRP B 246 -15.49 -6.27 21.49
C TRP B 246 -15.10 -6.18 20.02
N ALA B 247 -14.42 -7.20 19.51
CA ALA B 247 -13.90 -7.18 18.17
C ALA B 247 -14.22 -8.49 17.45
N LEU B 248 -14.45 -8.38 16.15
CA LEU B 248 -14.82 -9.53 15.33
C LEU B 248 -13.75 -9.75 14.28
N TYR B 249 -13.25 -10.98 14.21
CA TYR B 249 -12.21 -11.38 13.27
C TYR B 249 -12.79 -12.52 12.44
N LEU B 250 -13.06 -12.27 11.17
CA LEU B 250 -13.62 -13.29 10.28
C LEU B 250 -12.48 -14.04 9.62
N ARG B 251 -12.52 -15.37 9.74
CA ARG B 251 -11.35 -16.18 9.41
C ARG B 251 -11.78 -17.63 9.26
N LEU B 252 -10.87 -18.44 8.73
CA LEU B 252 -11.04 -19.88 8.81
C LEU B 252 -10.84 -20.34 10.25
N ALA B 253 -11.71 -21.22 10.70
CA ALA B 253 -11.68 -21.64 12.09
C ALA B 253 -10.41 -22.42 12.38
N PRO B 254 -9.60 -22.02 13.36
CA PRO B 254 -8.34 -22.72 13.60
C PRO B 254 -8.60 -24.10 14.18
N PRO B 255 -7.63 -25.19 13.88
CA PRO B 255 -7.90 -26.56 14.35
C PRO B 255 -7.60 -26.69 15.84
N LEU B 256 -8.42 -26.04 16.61
CA LEU B 256 -8.18 -26.05 18.06
C LEU B 256 -9.17 -26.99 18.75
N PRO B 257 -8.76 -27.56 19.90
CA PRO B 257 -9.62 -28.58 20.53
C PRO B 257 -10.93 -28.04 21.10
N GLU B 258 -11.01 -26.74 21.38
CA GLU B 258 -12.28 -26.18 21.86
C GLU B 258 -13.31 -26.12 20.75
N LEU B 259 -12.88 -25.99 19.50
CA LEU B 259 -13.83 -26.03 18.41
C LEU B 259 -14.10 -27.48 18.02
N PRO B 260 -15.32 -27.79 17.55
CA PRO B 260 -15.58 -29.10 16.98
C PRO B 260 -14.82 -29.27 15.67
N ALA B 261 -14.55 -30.53 15.32
CA ALA B 261 -13.68 -30.79 14.18
C ALA B 261 -14.35 -30.43 12.86
N ASP B 262 -15.68 -30.49 12.78
CA ASP B 262 -16.37 -30.10 11.55
C ASP B 262 -16.21 -28.62 11.22
N MET B 263 -15.73 -27.81 12.17
CA MET B 263 -15.60 -26.38 11.95
C MET B 263 -14.21 -25.96 11.48
N HIS B 264 -13.19 -26.78 11.72
CA HIS B 264 -11.84 -26.43 11.31
C HIS B 264 -11.79 -26.16 9.80
N GLY B 265 -10.97 -25.18 9.40
CA GLY B 265 -10.80 -24.86 8.00
C GLY B 265 -11.95 -24.12 7.36
N LYS B 266 -13.06 -23.90 8.10
CA LYS B 266 -14.26 -23.24 7.60
C LYS B 266 -14.32 -21.78 8.02
N PRO B 267 -14.84 -20.93 7.14
CA PRO B 267 -15.08 -19.53 7.52
C PRO B 267 -15.95 -19.44 8.77
N VAL B 268 -15.49 -18.61 9.72
CA VAL B 268 -16.25 -18.32 10.94
C VAL B 268 -16.05 -16.86 11.31
N ILE B 269 -16.82 -16.42 12.29
CA ILE B 269 -16.58 -15.17 13.00
C ILE B 269 -15.92 -15.53 14.32
N CYS B 270 -14.69 -15.09 14.52
CA CYS B 270 -14.04 -15.16 15.83
C CYS B 270 -14.30 -13.84 16.56
N ALA B 271 -14.92 -13.92 17.72
CA ALA B 271 -15.29 -12.74 18.50
C ALA B 271 -14.48 -12.73 19.79
N MET B 272 -13.71 -11.66 19.99
CA MET B 272 -12.91 -11.48 21.18
C MET B 272 -13.38 -10.23 21.89
N SER B 273 -13.54 -10.33 23.22
CA SER B 273 -14.09 -9.23 23.99
C SER B 273 -13.46 -9.24 25.38
N CYS B 274 -13.45 -8.06 25.99
CA CYS B 274 -12.89 -7.93 27.33
C CYS B 274 -13.52 -6.73 28.01
N TRP B 275 -13.42 -6.73 29.33
CA TRP B 275 -13.98 -5.65 30.15
C TRP B 275 -12.86 -5.10 31.02
N ILE B 276 -12.45 -3.86 30.74
CA ILE B 276 -11.43 -3.18 31.51
C ILE B 276 -12.13 -2.61 32.74
N GLY B 277 -12.09 -3.37 33.84
CA GLY B 277 -12.76 -2.97 35.06
C GLY B 277 -12.96 -4.17 35.97
N ASP B 278 -13.98 -4.07 36.80
CA ASP B 278 -14.27 -5.12 37.77
C ASP B 278 -14.64 -6.41 37.06
N PRO B 279 -14.02 -7.55 37.38
CA PRO B 279 -14.29 -8.78 36.64
C PRO B 279 -15.70 -9.32 36.83
N HIS B 280 -16.34 -9.08 37.98
CA HIS B 280 -17.72 -9.51 38.16
C HIS B 280 -18.65 -8.77 37.20
N GLU B 281 -18.50 -7.44 37.11
CA GLU B 281 -19.23 -6.68 36.10
C GLU B 281 -18.84 -7.15 34.71
N GLY B 282 -17.56 -7.48 34.52
CA GLY B 282 -17.11 -7.98 33.22
C GLY B 282 -17.82 -9.27 32.83
N GLU B 283 -17.98 -10.20 33.78
CA GLU B 283 -18.65 -11.46 33.49
C GLU B 283 -20.05 -11.22 32.95
N ARG B 284 -20.77 -10.25 33.52
CA ARG B 284 -22.13 -9.97 33.09
C ARG B 284 -22.16 -9.21 31.78
N GLN B 285 -21.25 -8.26 31.60
CA GLN B 285 -21.19 -7.54 30.34
C GLN B 285 -20.81 -8.47 29.20
N LEU B 286 -19.87 -9.37 29.43
CA LEU B 286 -19.45 -10.29 28.38
C LEU B 286 -20.54 -11.31 28.06
N GLU B 287 -21.22 -11.83 29.09
CA GLU B 287 -22.29 -12.79 28.85
C GLU B 287 -23.42 -12.17 28.05
N SER B 288 -23.64 -10.87 28.19
CA SER B 288 -24.72 -10.19 27.47
C SER B 288 -24.37 -9.86 26.02
N ILE B 289 -23.18 -10.23 25.54
CA ILE B 289 -22.82 -10.04 24.14
C ILE B 289 -22.28 -11.34 23.54
N LEU B 290 -22.38 -12.43 24.27
CA LEU B 290 -21.86 -13.71 23.80
C LEU B 290 -22.91 -14.58 23.11
N HIS B 291 -24.15 -14.09 22.93
CA HIS B 291 -25.21 -14.97 22.43
C HIS B 291 -26.05 -14.32 21.33
N ALA B 292 -25.48 -13.37 20.58
CA ALA B 292 -26.15 -12.91 19.37
C ALA B 292 -26.33 -14.05 18.39
N GLY B 293 -25.39 -14.99 18.39
CA GLY B 293 -25.51 -16.26 17.70
C GLY B 293 -25.13 -17.37 18.65
N LYS B 294 -24.87 -18.56 18.11
CA LYS B 294 -24.56 -19.72 18.95
C LYS B 294 -23.05 -19.84 19.13
N PRO B 295 -22.52 -19.67 20.34
CA PRO B 295 -21.06 -19.67 20.51
C PRO B 295 -20.46 -21.06 20.49
N HIS B 296 -19.28 -21.16 19.88
CA HIS B 296 -18.53 -22.40 19.80
C HIS B 296 -17.10 -22.14 20.26
N GLY B 297 -16.48 -23.16 20.84
CA GLY B 297 -15.12 -23.01 21.35
C GLY B 297 -14.96 -21.88 22.33
N LEU B 298 -15.98 -21.64 23.15
CA LEU B 298 -15.95 -20.53 24.10
C LEU B 298 -14.81 -20.70 25.10
N THR B 299 -13.90 -19.74 25.11
CA THR B 299 -12.87 -19.61 26.13
C THR B 299 -13.15 -18.35 26.94
N LYS B 300 -13.21 -18.49 28.26
CA LYS B 300 -13.51 -17.35 29.12
C LYS B 300 -12.61 -17.42 30.33
N ALA B 301 -11.98 -16.29 30.68
CA ALA B 301 -10.97 -16.32 31.73
C ALA B 301 -10.81 -14.93 32.32
N THR B 302 -10.32 -14.90 33.55
CA THR B 302 -9.85 -13.68 34.19
C THR B 302 -8.35 -13.62 34.00
N LEU B 303 -7.88 -12.60 33.27
CA LEU B 303 -6.50 -12.54 32.85
C LEU B 303 -5.81 -11.30 33.41
N PRO B 304 -4.58 -11.42 33.89
CA PRO B 304 -3.76 -10.21 34.05
C PRO B 304 -3.60 -9.57 32.68
N TYR B 305 -3.65 -8.23 32.66
CA TYR B 305 -3.65 -7.52 31.39
C TYR B 305 -2.49 -7.94 30.50
N ARG B 306 -1.33 -8.23 31.12
CA ARG B 306 -0.19 -8.71 30.33
C ARG B 306 -0.49 -10.02 29.62
N ALA B 307 -1.28 -10.90 30.24
CA ALA B 307 -1.67 -12.13 29.57
C ALA B 307 -2.69 -11.86 28.47
N LEU B 308 -3.63 -10.94 28.72
CA LEU B 308 -4.51 -10.45 27.67
C LEU B 308 -3.70 -9.99 26.46
N GLN B 309 -2.62 -9.23 26.71
CA GLN B 309 -1.80 -8.72 25.62
C GLN B 309 -1.11 -9.84 24.84
N ALA B 310 -0.73 -10.92 25.54
CA ALA B 310 -0.01 -12.03 24.92
C ALA B 310 -0.93 -13.06 24.30
N TYR B 311 -2.26 -12.87 24.40
CA TYR B 311 -3.18 -13.90 23.93
C TYR B 311 -3.20 -13.99 22.41
N SER B 312 -3.27 -12.85 21.72
CA SER B 312 -3.49 -12.87 20.28
C SER B 312 -2.24 -13.36 19.55
N PHE B 313 -2.40 -14.36 18.68
CA PHE B 313 -3.53 -15.29 18.66
C PHE B 313 -2.85 -16.66 18.79
N PRO B 314 -3.61 -17.73 19.28
CA PRO B 314 -2.96 -19.04 19.49
C PRO B 314 -2.88 -19.88 18.22
N GLY B 315 -2.30 -19.32 17.18
CA GLY B 315 -2.00 -20.11 16.01
C GLY B 315 -0.73 -20.92 16.20
N ALA B 316 -0.57 -21.94 15.36
CA ALA B 316 0.59 -22.81 15.45
C ALA B 316 1.71 -22.42 14.49
N VAL B 317 1.46 -21.51 13.55
CA VAL B 317 2.43 -21.16 12.51
C VAL B 317 2.47 -19.65 12.37
N VAL B 318 3.67 -19.09 12.34
CA VAL B 318 3.81 -17.67 12.00
C VAL B 318 3.72 -17.52 10.48
N PRO B 319 2.83 -16.67 9.98
CA PRO B 319 2.75 -16.49 8.52
C PRO B 319 3.93 -15.69 8.01
N ASP B 320 4.27 -15.94 6.75
CA ASP B 320 5.42 -15.27 6.17
C ASP B 320 5.04 -14.12 5.25
N ARG B 321 3.89 -14.20 4.59
CA ARG B 321 3.51 -13.25 3.54
C ARG B 321 2.19 -12.58 3.90
N ILE B 322 2.13 -11.26 3.70
CA ILE B 322 0.96 -10.48 4.08
C ILE B 322 0.67 -9.42 3.03
N TYR B 323 -0.61 -9.09 2.90
CA TYR B 323 -1.09 -7.94 2.15
C TYR B 323 -2.32 -7.45 2.87
N THR B 324 -2.40 -6.15 3.11
CA THR B 324 -3.53 -5.58 3.84
C THR B 324 -4.14 -4.42 3.07
N LYS B 325 -5.46 -4.32 3.15
CA LYS B 325 -6.22 -3.16 2.68
C LYS B 325 -7.17 -2.78 3.81
N SER B 326 -7.04 -1.56 4.32
CA SER B 326 -7.85 -1.12 5.45
C SER B 326 -8.49 0.23 5.17
N GLY B 327 -9.62 0.46 5.85
CA GLY B 327 -10.30 1.74 5.84
C GLY B 327 -11.21 1.86 7.04
N TYR B 328 -11.67 3.08 7.28
CA TYR B 328 -12.62 3.37 8.36
C TYR B 328 -14.05 3.39 7.82
N LEU B 329 -15.00 3.28 8.75
CA LEU B 329 -16.42 3.43 8.43
C LEU B 329 -17.07 4.27 9.52
N ASN B 330 -17.79 5.31 9.12
CA ASN B 330 -18.59 6.05 10.08
C ASN B 330 -19.83 5.27 10.48
N GLU B 331 -20.18 4.25 9.71
CA GLU B 331 -21.42 3.51 9.83
C GLU B 331 -21.24 2.18 9.12
N LEU B 332 -21.92 1.14 9.59
CA LEU B 332 -21.83 -0.20 9.00
C LEU B 332 -23.23 -0.68 8.65
N SER B 333 -23.68 -0.36 7.44
CA SER B 333 -25.04 -0.64 7.03
C SER B 333 -25.28 -2.15 6.98
N ASP B 334 -26.56 -2.51 6.84
CA ASP B 334 -26.92 -3.90 6.54
C ASP B 334 -26.28 -4.36 5.25
N GLU B 335 -26.21 -3.46 4.25
CA GLU B 335 -25.62 -3.84 2.97
C GLU B 335 -24.13 -4.06 3.10
N ALA B 336 -23.45 -3.19 3.85
CA ALA B 336 -22.03 -3.40 4.10
C ALA B 336 -21.80 -4.73 4.82
N THR B 337 -22.66 -5.05 5.79
CA THR B 337 -22.54 -6.32 6.51
C THR B 337 -22.64 -7.50 5.55
N ASP B 338 -23.63 -7.47 4.65
CA ASP B 338 -23.77 -8.54 3.67
C ASP B 338 -22.50 -8.71 2.85
N THR B 339 -21.95 -7.61 2.35
CA THR B 339 -20.74 -7.66 1.53
C THR B 339 -19.59 -8.29 2.30
N VAL B 340 -19.37 -7.84 3.54
CA VAL B 340 -18.30 -8.41 4.35
C VAL B 340 -18.50 -9.91 4.51
N LEU B 341 -19.74 -10.36 4.60
CA LEU B 341 -20.02 -11.76 4.89
C LEU B 341 -19.84 -12.66 3.67
N GLU B 342 -20.31 -12.24 2.50
CA GLU B 342 -20.04 -13.07 1.33
C GLU B 342 -18.55 -13.11 1.03
N HIS B 343 -17.83 -12.04 1.34
CA HIS B 343 -16.41 -12.03 1.05
C HIS B 343 -15.59 -12.84 2.05
N ALA B 344 -16.01 -12.88 3.31
CA ALA B 344 -15.33 -13.74 4.27
C ALA B 344 -15.48 -15.20 3.90
N ALA B 345 -16.56 -15.55 3.20
CA ALA B 345 -16.76 -16.93 2.78
C ALA B 345 -15.70 -17.38 1.78
N ASP B 346 -15.16 -16.47 0.97
CA ASP B 346 -14.14 -16.83 0.00
C ASP B 346 -12.73 -16.93 0.60
N ILE B 347 -12.59 -16.79 1.91
CA ILE B 347 -11.25 -16.79 2.52
C ILE B 347 -10.56 -18.11 2.27
N ALA B 348 -9.35 -18.05 1.71
CA ALA B 348 -8.60 -19.26 1.36
C ALA B 348 -7.49 -19.58 2.35
N SER B 349 -6.70 -18.60 2.76
CA SER B 349 -5.63 -18.95 3.67
C SER B 349 -6.13 -19.09 5.10
N PRO B 350 -5.56 -20.02 5.86
CA PRO B 350 -5.91 -20.14 7.29
C PRO B 350 -5.29 -19.06 8.17
N PHE B 351 -4.57 -18.09 7.61
CA PHE B 351 -4.04 -16.97 8.38
C PHE B 351 -4.73 -15.66 8.02
N THR B 352 -5.61 -15.69 7.04
CA THR B 352 -6.21 -14.48 6.51
C THR B 352 -7.37 -14.07 7.40
N GLN B 353 -7.42 -12.79 7.76
CA GLN B 353 -8.46 -12.26 8.62
C GLN B 353 -9.11 -11.06 7.96
N LEU B 354 -10.44 -11.04 7.97
CA LEU B 354 -11.22 -9.83 7.76
C LEU B 354 -11.58 -9.31 9.15
N GLU B 355 -10.85 -8.32 9.64
CA GLU B 355 -11.06 -7.79 10.97
C GLU B 355 -12.11 -6.69 10.93
N LEU B 356 -12.98 -6.68 11.94
CA LEU B 356 -13.95 -5.61 12.16
C LEU B 356 -13.74 -5.09 13.58
N LEU B 357 -13.17 -3.90 13.70
CA LEU B 357 -12.83 -3.30 14.97
C LEU B 357 -13.72 -2.10 15.26
N TYR B 358 -14.01 -1.89 16.54
CA TYR B 358 -14.75 -0.71 16.98
C TYR B 358 -13.87 0.07 17.95
N LEU B 359 -13.44 1.26 17.53
CA LEU B 359 -12.72 2.18 18.39
C LEU B 359 -13.74 3.01 19.16
N GLY B 360 -13.84 4.29 18.83
CA GLY B 360 -14.77 5.15 19.52
C GLY B 360 -14.32 5.36 20.96
N GLY B 361 -15.31 5.53 21.84
CA GLY B 361 -15.01 5.71 23.25
C GLY B 361 -14.04 6.85 23.48
N ALA B 362 -13.00 6.58 24.27
CA ALA B 362 -12.04 7.62 24.64
C ALA B 362 -11.29 8.16 23.43
N VAL B 363 -11.05 7.31 22.43
CA VAL B 363 -10.38 7.77 21.21
C VAL B 363 -11.14 8.93 20.59
N ALA B 364 -12.47 8.84 20.56
CA ALA B 364 -13.30 9.82 19.87
C ALA B 364 -13.48 11.12 20.64
N ARG B 365 -13.19 11.13 21.95
CA ARG B 365 -13.40 12.33 22.74
C ARG B 365 -12.21 13.29 22.73
N VAL B 366 -11.07 12.87 22.18
CA VAL B 366 -9.95 13.80 21.97
C VAL B 366 -10.26 14.66 20.75
N PRO B 367 -10.16 15.99 20.86
CA PRO B 367 -10.44 16.86 19.72
C PRO B 367 -9.66 16.43 18.47
N ASP B 368 -10.33 16.50 17.32
CA ASP B 368 -9.74 16.03 16.07
C ASP B 368 -8.41 16.70 15.76
N ASP B 369 -8.25 17.95 16.19
CA ASP B 369 -7.07 18.75 15.83
C ASP B 369 -5.96 18.68 16.88
N ALA B 370 -6.11 17.84 17.90
CA ALA B 370 -5.17 17.79 19.01
C ALA B 370 -3.91 17.01 18.68
N THR B 371 -4.00 16.03 17.78
CA THR B 371 -2.87 15.25 17.30
C THR B 371 -2.95 15.15 15.78
N ALA B 372 -1.92 14.53 15.18
CA ALA B 372 -1.90 14.30 13.74
C ALA B 372 -2.70 13.06 13.35
N TYR B 373 -3.15 12.28 14.31
CA TYR B 373 -3.94 11.10 14.00
C TYR B 373 -5.28 11.51 13.41
N PRO B 374 -5.65 11.00 12.24
CA PRO B 374 -6.94 11.33 11.64
C PRO B 374 -8.02 10.31 12.02
N ASN B 375 -9.26 10.70 11.74
CA ASN B 375 -10.40 9.79 11.75
C ASN B 375 -10.76 9.32 13.16
N ARG B 376 -10.64 10.20 14.16
CA ARG B 376 -11.11 9.82 15.49
C ARG B 376 -12.62 9.65 15.53
N GLN B 377 -13.35 10.27 14.61
CA GLN B 377 -14.81 10.24 14.64
C GLN B 377 -15.40 9.10 13.82
N SER B 378 -14.59 8.34 13.09
CA SER B 378 -15.04 7.11 12.44
C SER B 378 -14.82 5.95 13.40
N PRO B 379 -15.88 5.31 13.91
CA PRO B 379 -15.68 4.30 14.95
C PRO B 379 -15.32 2.92 14.45
N PHE B 380 -15.61 2.59 13.18
CA PHE B 380 -15.34 1.26 12.65
C PHE B 380 -14.02 1.26 11.89
N VAL B 381 -13.26 0.18 12.07
CA VAL B 381 -12.11 -0.13 11.24
C VAL B 381 -12.35 -1.50 10.64
N THR B 382 -12.30 -1.61 9.32
CA THR B 382 -12.21 -2.91 8.71
C THR B 382 -10.86 -3.07 8.04
N ASN B 383 -10.29 -4.25 8.18
CA ASN B 383 -8.93 -4.53 7.77
C ASN B 383 -8.95 -5.88 7.08
N LEU B 384 -8.74 -5.87 5.76
CA LEU B 384 -8.67 -7.09 4.96
C LEU B 384 -7.21 -7.55 4.99
N ALA B 385 -6.89 -8.43 5.93
CA ALA B 385 -5.52 -8.79 6.25
C ALA B 385 -5.23 -10.18 5.72
N ALA B 386 -4.87 -10.25 4.44
CA ALA B 386 -4.45 -11.51 3.85
C ALA B 386 -3.08 -11.91 4.39
N ALA B 387 -2.93 -13.19 4.72
CA ALA B 387 -1.67 -13.72 5.21
C ALA B 387 -1.54 -15.17 4.76
N TRP B 388 -0.36 -15.55 4.28
CA TRP B 388 -0.17 -16.84 3.65
C TRP B 388 1.32 -17.21 3.70
N MET B 389 1.65 -18.37 3.15
CA MET B 389 2.98 -18.94 3.27
C MET B 389 3.78 -19.02 1.98
N ASP B 390 3.13 -19.27 0.84
CA ASP B 390 3.83 -19.71 -0.36
C ASP B 390 3.91 -18.62 -1.42
N PRO B 391 5.12 -18.13 -1.77
CA PRO B 391 5.24 -16.99 -2.70
C PRO B 391 4.58 -17.21 -4.05
N THR B 392 4.25 -18.46 -4.35
CA THR B 392 3.58 -18.76 -5.61
C THR B 392 2.08 -18.47 -5.58
N GLU B 393 1.54 -18.04 -4.44
CA GLU B 393 0.12 -17.69 -4.35
C GLU B 393 -0.10 -16.25 -3.94
N ASP B 394 0.91 -15.39 -4.04
CA ASP B 394 0.73 -13.97 -3.75
C ASP B 394 -0.55 -13.45 -4.41
N ALA B 395 -0.69 -13.72 -5.71
CA ALA B 395 -1.66 -13.00 -6.53
C ALA B 395 -3.09 -13.26 -6.09
N ARG B 396 -3.39 -14.46 -5.62
CA ARG B 396 -4.78 -14.75 -5.26
C ARG B 396 -5.13 -14.30 -3.85
N HIS B 397 -4.14 -14.23 -2.95
CA HIS B 397 -4.41 -13.66 -1.64
C HIS B 397 -4.43 -12.14 -1.70
N THR B 398 -3.50 -11.55 -2.45
CA THR B 398 -3.58 -10.12 -2.73
C THR B 398 -4.92 -9.78 -3.38
N ALA B 399 -5.32 -10.56 -4.38
CA ALA B 399 -6.59 -10.29 -5.06
C ALA B 399 -7.76 -10.40 -4.10
N TRP B 400 -7.68 -11.27 -3.10
CA TRP B 400 -8.79 -11.36 -2.14
C TRP B 400 -8.92 -10.06 -1.35
N ALA B 401 -7.80 -9.47 -0.94
CA ALA B 401 -7.88 -8.24 -0.17
C ALA B 401 -8.34 -7.08 -1.04
N ARG B 402 -7.72 -6.90 -2.22
CA ARG B 402 -8.11 -5.79 -3.10
C ARG B 402 -9.60 -5.85 -3.43
N GLU B 403 -10.07 -7.02 -3.86
CA GLU B 403 -11.46 -7.13 -4.28
C GLU B 403 -12.43 -6.99 -3.12
N GLY B 404 -11.98 -7.28 -1.90
CA GLY B 404 -12.81 -7.01 -0.74
C GLY B 404 -12.90 -5.53 -0.44
N TYR B 405 -11.76 -4.83 -0.49
CA TYR B 405 -11.75 -3.39 -0.31
C TYR B 405 -12.62 -2.70 -1.36
N ARG B 406 -12.43 -3.07 -2.64
CA ARG B 406 -13.20 -2.43 -3.71
C ARG B 406 -14.70 -2.60 -3.50
N ALA B 407 -15.12 -3.80 -3.08
CA ALA B 407 -16.54 -4.03 -2.85
C ALA B 407 -17.08 -3.16 -1.72
N LEU B 408 -16.22 -2.72 -0.81
CA LEU B 408 -16.62 -1.90 0.33
C LEU B 408 -16.25 -0.44 0.15
N ALA B 409 -15.92 -0.02 -1.07
CA ALA B 409 -15.41 1.33 -1.30
C ALA B 409 -16.44 2.39 -0.88
N GLY B 410 -17.72 2.10 -1.09
CA GLY B 410 -18.76 3.07 -0.77
C GLY B 410 -19.01 3.29 0.71
N HIS B 411 -18.42 2.46 1.58
CA HIS B 411 -18.53 2.64 3.02
C HIS B 411 -17.20 3.01 3.68
N LEU B 412 -16.11 2.96 2.96
CA LEU B 412 -14.79 3.21 3.53
C LEU B 412 -14.36 4.64 3.29
N SER B 413 -13.82 5.26 4.34
CA SER B 413 -13.22 6.59 4.26
C SER B 413 -11.87 6.55 4.97
N GLY B 414 -11.00 7.48 4.60
CA GLY B 414 -9.69 7.62 5.18
C GLY B 414 -8.91 6.32 5.22
N GLY B 415 -8.11 6.18 6.27
CA GLY B 415 -7.31 4.99 6.44
C GLY B 415 -6.22 5.14 7.48
N TYR B 416 -5.96 4.08 8.24
CA TYR B 416 -4.95 4.09 9.28
C TYR B 416 -3.57 3.90 8.65
N VAL B 417 -2.64 4.81 8.93
CA VAL B 417 -1.34 4.73 8.27
C VAL B 417 -0.64 3.42 8.61
N ASN B 418 -0.86 2.90 9.80
CA ASN B 418 -0.18 1.67 10.20
C ASN B 418 -0.77 0.42 9.59
N PHE B 419 -1.76 0.52 8.71
CA PHE B 419 -2.30 -0.64 7.99
C PHE B 419 -2.03 -0.56 6.48
N MET B 420 -1.33 0.47 6.00
CA MET B 420 -1.06 0.63 4.59
C MET B 420 -0.14 -0.47 4.07
N ASN B 421 -0.32 -0.83 2.81
CA ASN B 421 0.48 -1.84 2.14
C ASN B 421 1.53 -1.18 1.25
N PRO B 422 2.48 -1.95 0.70
CA PRO B 422 3.59 -1.32 -0.04
C PRO B 422 3.16 -0.52 -1.26
N GLY B 423 1.95 -0.73 -1.79
CA GLY B 423 1.52 0.02 -2.94
C GLY B 423 0.52 1.13 -2.60
N GLU B 424 0.64 1.72 -1.42
CA GLU B 424 -0.36 2.68 -0.98
C GLU B 424 0.26 4.02 -0.57
N ALA B 425 1.36 4.41 -1.21
CA ALA B 425 1.90 5.75 -0.98
C ALA B 425 0.91 6.83 -1.42
N ASP B 426 0.04 6.50 -2.37
CA ASP B 426 -0.99 7.42 -2.88
C ASP B 426 -2.03 7.80 -1.83
N ARG B 427 -2.11 7.09 -0.71
CA ARG B 427 -3.21 7.23 0.21
C ARG B 427 -2.92 8.15 1.40
N THR B 428 -1.71 8.70 1.50
CA THR B 428 -1.36 9.54 2.63
C THR B 428 -2.32 10.73 2.76
N ARG B 429 -2.46 11.52 1.69
CA ARG B 429 -3.33 12.69 1.73
C ARG B 429 -4.76 12.29 2.06
N GLU B 430 -5.25 11.24 1.42
CA GLU B 430 -6.58 10.71 1.73
C GLU B 430 -6.69 10.36 3.20
N ALA B 431 -5.67 9.70 3.76
CA ALA B 431 -5.75 9.22 5.13
C ALA B 431 -5.76 10.37 6.13
N TYR B 432 -4.95 11.40 5.90
CA TYR B 432 -4.87 12.50 6.84
C TYR B 432 -5.97 13.54 6.62
N GLY B 433 -6.31 13.80 5.36
CA GLY B 433 -7.14 14.93 5.00
C GLY B 433 -6.31 16.14 4.61
N ALA B 434 -6.99 17.14 4.07
CA ALA B 434 -6.31 18.34 3.58
C ALA B 434 -5.71 19.15 4.72
N ALA B 435 -6.49 19.40 5.77
CA ALA B 435 -6.02 20.23 6.88
C ALA B 435 -4.79 19.61 7.53
N LYS B 436 -4.94 18.39 8.07
CA LYS B 436 -3.82 17.76 8.77
C LYS B 436 -2.62 17.60 7.86
N PHE B 437 -2.84 17.39 6.57
CA PHE B 437 -1.72 17.17 5.66
C PHE B 437 -0.85 18.42 5.52
N GLU B 438 -1.46 19.60 5.33
CA GLU B 438 -0.65 20.81 5.17
C GLU B 438 0.09 21.14 6.46
N ARG B 439 -0.58 21.01 7.61
CA ARG B 439 0.14 21.22 8.86
C ARG B 439 1.34 20.28 8.96
N LEU B 440 1.18 19.05 8.46
CA LEU B 440 2.29 18.09 8.51
C LEU B 440 3.40 18.45 7.53
N GLN B 441 3.07 19.11 6.40
CA GLN B 441 4.10 19.59 5.50
C GLN B 441 4.85 20.79 6.08
N GLY B 442 4.15 21.64 6.83
CA GLY B 442 4.84 22.72 7.52
C GLY B 442 5.80 22.21 8.57
N VAL B 443 5.38 21.22 9.36
CA VAL B 443 6.28 20.65 10.35
C VAL B 443 7.40 19.88 9.67
N LYS B 444 7.12 19.27 8.52
CA LYS B 444 8.17 18.59 7.77
C LYS B 444 9.18 19.56 7.19
N ALA B 445 8.71 20.74 6.75
CA ALA B 445 9.62 21.72 6.17
C ALA B 445 10.60 22.23 7.22
N LYS B 446 10.14 22.39 8.46
CA LYS B 446 11.01 22.91 9.52
C LYS B 446 12.02 21.85 9.98
N TYR B 447 11.55 20.62 10.22
CA TYR B 447 12.35 19.64 10.94
C TYR B 447 13.00 18.58 10.04
N ASP B 448 12.53 18.40 8.81
CA ASP B 448 13.20 17.51 7.87
C ASP B 448 13.05 18.09 6.46
N PRO B 449 13.63 19.26 6.18
CA PRO B 449 13.45 19.85 4.84
C PRO B 449 13.97 18.98 3.71
N THR B 450 14.94 18.11 4.01
CA THR B 450 15.59 17.25 3.02
C THR B 450 14.80 16.00 2.68
N ASN B 451 13.72 15.71 3.42
CA ASN B 451 13.05 14.40 3.37
C ASN B 451 14.05 13.26 3.55
N LEU B 452 14.95 13.42 4.53
CA LEU B 452 15.85 12.33 4.89
C LEU B 452 15.06 11.08 5.31
N PHE B 453 13.92 11.27 5.97
CA PHE B 453 13.13 10.17 6.50
C PHE B 453 11.92 9.98 5.58
N ARG B 454 12.11 9.19 4.53
CA ARG B 454 11.12 9.06 3.47
C ARG B 454 10.53 7.66 3.32
N LEU B 455 10.87 6.71 4.19
CA LEU B 455 10.37 5.34 4.08
C LEU B 455 9.39 5.12 5.23
N ASN B 456 8.18 5.58 5.02
CA ASN B 456 7.07 5.72 5.96
C ASN B 456 5.87 6.09 5.09
N GLN B 457 4.72 6.31 5.71
CA GLN B 457 3.67 7.02 4.98
C GLN B 457 4.17 8.45 4.81
N ASN B 458 4.76 8.73 3.66
CA ASN B 458 5.63 9.87 3.50
C ASN B 458 4.84 11.17 3.37
N ILE B 459 5.31 12.20 4.06
CA ILE B 459 4.85 13.58 3.91
C ILE B 459 6.01 14.37 3.29
N PRO B 460 5.89 14.85 2.05
CA PRO B 460 6.92 15.74 1.51
C PRO B 460 6.77 17.13 2.10
N PRO B 461 7.90 17.81 2.40
CA PRO B 461 7.93 19.12 3.09
C PRO B 461 7.03 20.18 2.44
N GLN C 2 25.65 5.47 53.93
CA GLN C 2 25.12 5.88 52.63
C GLN C 2 25.84 7.11 52.07
N PHE C 3 26.76 7.70 52.84
CA PHE C 3 27.61 8.81 52.37
C PHE C 3 29.09 8.57 52.66
N PRO C 4 29.69 7.51 52.12
CA PRO C 4 31.12 7.28 52.37
C PRO C 4 32.02 8.32 51.69
N GLN C 5 33.28 8.31 52.14
CA GLN C 5 34.33 9.12 51.52
C GLN C 5 34.76 8.47 50.22
N LEU C 6 34.49 9.12 49.09
CA LEU C 6 34.95 8.64 47.80
C LEU C 6 36.11 9.51 47.32
N ASP C 7 37.12 8.87 46.78
CA ASP C 7 38.27 9.60 46.26
C ASP C 7 37.88 10.33 44.99
N PRO C 8 38.00 11.65 44.91
CA PRO C 8 37.57 12.38 43.70
C PRO C 8 38.15 11.80 42.42
N ALA C 9 39.42 11.40 42.44
CA ALA C 9 40.05 10.85 41.24
C ALA C 9 39.37 9.56 40.79
N THR C 10 39.13 8.65 41.74
CA THR C 10 38.48 7.38 41.39
C THR C 10 37.08 7.60 40.86
N LEU C 11 36.35 8.54 41.46
CA LEU C 11 34.99 8.85 41.00
C LEU C 11 35.01 9.57 39.66
N ALA C 12 36.00 10.43 39.44
CA ALA C 12 36.11 11.13 38.16
C ALA C 12 36.36 10.15 37.04
N ALA C 13 37.30 9.21 37.26
CA ALA C 13 37.58 8.20 36.24
C ALA C 13 36.34 7.35 35.97
N PHE C 14 35.54 7.10 36.99
CA PHE C 14 34.31 6.34 36.82
C PHE C 14 33.35 7.06 35.89
N SER C 15 33.15 8.36 36.09
CA SER C 15 32.20 9.12 35.27
C SER C 15 32.70 9.30 33.84
N ALA C 16 34.01 9.37 33.63
CA ALA C 16 34.53 9.45 32.27
C ALA C 16 34.34 8.13 31.54
N ALA C 17 34.33 7.02 32.27
CA ALA C 17 34.20 5.68 31.70
C ALA C 17 32.77 5.19 31.63
N PHE C 18 31.84 5.86 32.31
CA PHE C 18 30.49 5.35 32.55
C PHE C 18 29.49 6.19 31.77
N ARG C 19 28.83 5.56 30.79
CA ARG C 19 27.85 6.22 29.94
C ARG C 19 26.43 6.07 30.45
N GLY C 20 26.22 5.30 31.50
CA GLY C 20 24.90 5.09 32.05
C GLY C 20 24.47 6.22 32.97
N GLU C 21 23.43 5.94 33.75
CA GLU C 21 22.83 6.90 34.67
C GLU C 21 23.22 6.54 36.09
N LEU C 22 23.60 7.54 36.88
CA LEU C 22 23.93 7.32 38.28
C LEU C 22 22.90 8.01 39.16
N ILE C 23 22.57 7.36 40.28
CA ILE C 23 21.48 7.76 41.15
C ILE C 23 22.02 7.85 42.57
N TRP C 24 22.16 9.06 43.07
CA TRP C 24 22.73 9.30 44.37
C TRP C 24 21.64 9.36 45.44
N PRO C 25 22.00 9.26 46.72
CA PRO C 25 21.00 9.37 47.78
C PRO C 25 20.11 10.61 47.68
N SER C 26 20.69 11.77 47.36
CA SER C 26 19.94 13.02 47.30
C SER C 26 19.00 13.09 46.09
N ASP C 27 19.09 12.16 45.15
CA ASP C 27 18.33 12.26 43.91
C ASP C 27 16.86 11.86 44.13
N ALA C 28 15.99 12.46 43.32
CA ALA C 28 14.56 12.32 43.51
C ALA C 28 14.10 10.88 43.31
N ASP C 29 14.75 10.17 42.40
CA ASP C 29 14.41 8.81 42.00
C ASP C 29 15.12 7.77 42.85
N TYR C 30 15.78 8.18 43.92
CA TYR C 30 16.59 7.26 44.73
C TYR C 30 15.70 6.31 45.50
N ASP C 31 14.63 6.83 46.12
CA ASP C 31 13.77 6.01 46.95
C ASP C 31 13.10 4.90 46.14
N GLU C 32 12.63 5.22 44.93
CA GLU C 32 11.98 4.19 44.13
C GLU C 32 13.00 3.25 43.47
N ALA C 33 14.23 3.72 43.25
CA ALA C 33 15.24 2.86 42.64
C ALA C 33 15.82 1.86 43.63
N ARG C 34 15.79 2.17 44.92
CA ARG C 34 16.37 1.25 45.90
C ARG C 34 15.37 0.20 46.38
N ARG C 35 14.10 0.35 46.03
CA ARG C 35 13.11 -0.66 46.38
C ARG C 35 13.26 -1.89 45.49
N ILE C 36 13.19 -3.06 46.10
CA ILE C 36 13.18 -4.31 45.33
C ILE C 36 11.83 -4.99 45.57
N TRP C 37 11.63 -6.15 44.97
CA TRP C 37 10.34 -6.82 45.04
C TRP C 37 9.98 -7.18 46.48
N ASN C 38 10.91 -7.77 47.22
CA ASN C 38 10.70 -8.06 48.64
C ASN C 38 10.75 -6.76 49.42
N GLY C 39 9.58 -6.18 49.68
CA GLY C 39 9.49 -4.85 50.26
C GLY C 39 9.86 -4.77 51.73
N THR C 40 10.07 -5.91 52.38
CA THR C 40 10.61 -5.90 53.73
C THR C 40 12.08 -5.49 53.77
N ILE C 41 12.74 -5.39 52.62
CA ILE C 41 14.14 -5.02 52.55
C ILE C 41 14.21 -3.53 52.26
N ASP C 42 14.54 -2.75 53.28
CA ASP C 42 14.63 -1.29 53.23
C ASP C 42 16.08 -0.91 53.51
N ARG C 43 16.86 -0.79 52.44
CA ARG C 43 18.27 -0.43 52.52
C ARG C 43 18.55 0.78 51.64
N ARG C 44 19.65 1.46 51.94
CA ARG C 44 20.01 2.70 51.26
C ARG C 44 21.44 2.59 50.75
N PRO C 45 21.62 2.28 49.47
CA PRO C 45 22.97 2.28 48.89
C PRO C 45 23.56 3.68 48.85
N ALA C 46 24.89 3.72 48.81
CA ALA C 46 25.56 4.98 48.56
C ALA C 46 25.39 5.43 47.13
N LEU C 47 25.22 4.48 46.21
CA LEU C 47 25.17 4.78 44.79
C LEU C 47 24.41 3.67 44.08
N ILE C 48 23.60 4.04 43.10
CA ILE C 48 23.00 3.08 42.17
C ILE C 48 23.50 3.42 40.78
N ALA C 49 24.23 2.49 40.17
CA ALA C 49 24.78 2.67 38.83
C ALA C 49 23.92 1.87 37.85
N ARG C 50 23.11 2.57 37.05
CA ARG C 50 22.27 1.93 36.06
C ARG C 50 23.10 1.73 34.80
N CYS C 51 23.69 0.55 34.67
CA CYS C 51 24.53 0.26 33.51
C CYS C 51 23.67 0.10 32.25
N THR C 52 24.22 0.56 31.13
CA THR C 52 23.55 0.44 29.84
C THR C 52 24.30 -0.45 28.86
N SER C 53 25.42 -1.04 29.27
CA SER C 53 26.30 -1.75 28.35
C SER C 53 27.31 -2.55 29.16
N THR C 54 28.05 -3.40 28.44
CA THR C 54 29.11 -4.16 29.09
C THR C 54 30.24 -3.27 29.59
N PRO C 55 30.78 -2.33 28.80
CA PRO C 55 31.78 -1.40 29.36
C PRO C 55 31.31 -0.71 30.63
N ASP C 56 30.01 -0.46 30.74
CA ASP C 56 29.47 0.16 31.95
C ASP C 56 29.62 -0.74 33.17
N VAL C 57 29.39 -2.04 33.01
CA VAL C 57 29.55 -2.96 34.13
C VAL C 57 31.03 -3.11 34.46
N VAL C 58 31.91 -3.05 33.46
CA VAL C 58 33.35 -3.06 33.72
C VAL C 58 33.72 -1.89 34.63
N ALA C 59 33.33 -0.68 34.23
CA ALA C 59 33.64 0.51 35.04
C ALA C 59 32.96 0.45 36.39
N ALA C 60 31.72 -0.06 36.43
CA ALA C 60 31.03 -0.17 37.72
C ALA C 60 31.74 -1.16 38.63
N VAL C 61 32.11 -2.32 38.11
CA VAL C 61 32.81 -3.31 38.92
C VAL C 61 34.16 -2.77 39.37
N SER C 62 34.91 -2.16 38.45
CA SER C 62 36.21 -1.62 38.82
C SER C 62 36.08 -0.51 39.85
N PHE C 63 35.11 0.40 39.66
CA PHE C 63 34.93 1.49 40.62
C PHE C 63 34.67 0.96 42.01
N ALA C 64 33.85 -0.09 42.13
CA ALA C 64 33.55 -0.63 43.45
C ALA C 64 34.76 -1.35 44.04
N ARG C 65 35.52 -2.06 43.20
CA ARG C 65 36.72 -2.72 43.68
C ARG C 65 37.72 -1.71 44.23
N LYS C 66 38.05 -0.69 43.42
CA LYS C 66 38.98 0.34 43.89
C LYS C 66 38.45 1.03 45.14
N SER C 67 37.16 1.38 45.15
CA SER C 67 36.61 2.20 46.22
C SER C 67 36.20 1.41 47.46
N GLY C 68 36.32 0.08 47.45
CA GLY C 68 35.92 -0.71 48.59
C GLY C 68 34.43 -0.76 48.87
N LEU C 69 33.60 -0.38 47.90
CA LEU C 69 32.15 -0.38 48.09
C LEU C 69 31.61 -1.79 48.01
N LEU C 70 30.78 -2.16 48.98
CA LEU C 70 30.13 -3.47 48.96
C LEU C 70 29.16 -3.55 47.80
N VAL C 71 29.28 -4.61 47.00
CA VAL C 71 28.63 -4.68 45.69
C VAL C 71 27.32 -5.44 45.79
N ALA C 72 26.23 -4.80 45.36
CA ALA C 72 24.98 -5.48 45.07
C ALA C 72 24.77 -5.45 43.55
N VAL C 73 24.42 -6.60 42.99
CA VAL C 73 24.06 -6.71 41.57
C VAL C 73 22.55 -6.88 41.50
N ARG C 74 21.92 -6.17 40.56
CA ARG C 74 20.48 -6.23 40.39
C ARG C 74 20.14 -6.54 38.95
N GLY C 75 19.42 -7.63 38.74
CA GLY C 75 18.79 -7.95 37.47
C GLY C 75 17.34 -7.50 37.49
N GLY C 76 16.45 -8.39 37.93
CA GLY C 76 15.04 -8.05 38.02
C GLY C 76 14.60 -7.72 39.43
N GLY C 77 15.48 -7.92 40.41
CA GLY C 77 15.19 -7.52 41.77
C GLY C 77 14.24 -8.43 42.52
N HIS C 78 14.04 -9.67 42.08
CA HIS C 78 13.11 -10.56 42.77
C HIS C 78 13.78 -11.40 43.84
N SER C 79 14.99 -11.02 44.28
CA SER C 79 15.69 -11.80 45.30
C SER C 79 14.86 -11.92 46.56
N MET C 80 14.48 -13.15 46.91
CA MET C 80 13.69 -13.38 48.11
C MET C 80 14.51 -13.16 49.37
N ALA C 81 15.83 -13.15 49.26
CA ALA C 81 16.69 -12.79 50.39
C ALA C 81 16.93 -11.30 50.48
N GLY C 82 16.67 -10.55 49.41
CA GLY C 82 16.97 -9.13 49.39
C GLY C 82 18.35 -8.76 48.92
N HIS C 83 18.94 -9.56 48.02
CA HIS C 83 20.36 -9.41 47.67
C HIS C 83 20.64 -8.30 46.66
N SER C 84 19.63 -7.76 45.99
CA SER C 84 19.89 -6.81 44.92
C SER C 84 19.93 -5.35 45.37
N VAL C 85 19.93 -5.10 46.69
CA VAL C 85 20.11 -3.74 47.21
C VAL C 85 20.88 -3.83 48.52
N CYS C 86 21.77 -2.88 48.74
CA CYS C 86 22.69 -2.91 49.86
C CYS C 86 22.61 -1.60 50.65
N ASP C 87 23.00 -1.68 51.92
CA ASP C 87 23.27 -0.50 52.73
C ASP C 87 24.72 -0.08 52.52
N GLY C 88 24.93 1.17 52.11
CA GLY C 88 26.26 1.77 52.06
C GLY C 88 27.13 1.38 50.89
N GLY C 89 26.68 0.50 50.01
CA GLY C 89 27.48 0.05 48.89
C GLY C 89 27.07 0.69 47.58
N ILE C 90 27.39 -0.02 46.49
CA ILE C 90 26.97 0.35 45.15
C ILE C 90 26.03 -0.74 44.63
N VAL C 91 24.93 -0.32 44.02
CA VAL C 91 24.06 -1.26 43.30
C VAL C 91 24.46 -1.21 41.84
N ILE C 92 24.99 -2.32 41.34
CA ILE C 92 25.29 -2.44 39.91
C ILE C 92 23.99 -2.89 39.26
N ASP C 93 23.18 -1.90 38.86
CA ASP C 93 21.83 -2.13 38.37
C ASP C 93 21.89 -2.46 36.88
N LEU C 94 21.31 -3.60 36.50
CA LEU C 94 21.34 -4.07 35.13
C LEU C 94 20.02 -3.87 34.41
N SER C 95 19.02 -3.27 35.07
CA SER C 95 17.65 -3.30 34.55
C SER C 95 17.52 -2.64 33.19
N LEU C 96 18.41 -1.72 32.82
CA LEU C 96 18.37 -1.11 31.49
C LEU C 96 19.07 -1.94 30.42
N MET C 97 19.80 -2.99 30.80
CA MET C 97 20.42 -3.89 29.83
C MET C 97 19.40 -5.00 29.54
N ASN C 98 18.54 -4.72 28.57
CA ASN C 98 17.28 -5.41 28.36
C ASN C 98 17.19 -6.03 26.98
N SER C 99 18.20 -5.85 26.13
CA SER C 99 18.08 -6.15 24.71
C SER C 99 18.28 -7.64 24.44
N ILE C 100 17.63 -8.11 23.37
CA ILE C 100 17.65 -9.52 22.99
C ILE C 100 17.84 -9.62 21.48
N LYS C 101 18.73 -10.51 21.06
CA LYS C 101 18.86 -10.91 19.66
C LYS C 101 18.40 -12.36 19.56
N VAL C 102 17.42 -12.61 18.68
CA VAL C 102 16.91 -13.95 18.43
C VAL C 102 17.18 -14.30 16.98
N SER C 103 17.66 -15.52 16.74
CA SER C 103 17.87 -16.04 15.39
C SER C 103 16.87 -17.15 15.15
N ARG C 104 15.86 -16.91 14.37
CA ARG C 104 14.90 -17.93 14.09
C ARG C 104 15.53 -19.13 13.45
N ARG C 105 16.47 -18.92 12.56
CA ARG C 105 17.07 -20.04 11.90
C ARG C 105 18.04 -20.87 12.69
N LEU C 106 18.72 -20.28 13.64
CA LEU C 106 19.63 -21.05 14.41
C LEU C 106 18.97 -21.45 15.68
N ARG C 107 17.77 -20.94 15.91
CA ARG C 107 17.08 -21.21 17.17
C ARG C 107 17.95 -20.82 18.37
N ARG C 108 18.51 -19.61 18.28
CA ARG C 108 19.41 -19.08 19.29
C ARG C 108 18.89 -17.72 19.74
N ALA C 109 19.13 -17.41 21.01
CA ALA C 109 18.76 -16.13 21.58
C ALA C 109 19.88 -15.63 22.48
N ARG C 110 20.26 -14.36 22.30
CA ARG C 110 21.24 -13.72 23.17
C ARG C 110 20.51 -12.62 23.94
N ALA C 111 20.55 -12.70 25.26
CA ALA C 111 19.83 -11.78 26.14
C ALA C 111 20.80 -11.14 27.11
N GLN C 112 20.66 -9.83 27.30
CA GLN C 112 21.51 -9.13 28.25
C GLN C 112 21.15 -9.53 29.68
N GLY C 113 22.06 -9.25 30.60
CA GLY C 113 21.90 -9.70 31.99
C GLY C 113 20.80 -9.01 32.77
N GLY C 114 20.18 -7.97 32.22
CA GLY C 114 19.12 -7.28 32.93
C GLY C 114 17.71 -7.63 32.50
N CYS C 115 17.55 -8.48 31.48
CA CYS C 115 16.25 -8.76 30.89
C CYS C 115 15.23 -9.21 31.92
N LEU C 116 13.99 -8.83 31.70
CA LEU C 116 12.87 -9.48 32.37
C LEU C 116 12.44 -10.70 31.56
N LEU C 117 11.93 -11.70 32.27
CA LEU C 117 11.43 -12.90 31.60
C LEU C 117 10.45 -12.56 30.48
N GLY C 118 9.58 -11.57 30.71
CA GLY C 118 8.56 -11.24 29.74
C GLY C 118 9.13 -10.69 28.45
N ALA C 119 10.16 -9.86 28.56
CA ALA C 119 10.81 -9.34 27.36
C ALA C 119 11.46 -10.46 26.56
N PHE C 120 12.13 -11.38 27.25
CA PHE C 120 12.75 -12.53 26.60
C PHE C 120 11.70 -13.38 25.87
N ASP C 121 10.61 -13.71 26.57
CA ASP C 121 9.57 -14.55 25.97
C ASP C 121 8.88 -13.85 24.81
N THR C 122 8.77 -12.51 24.87
CA THR C 122 8.16 -11.78 23.76
C THR C 122 9.00 -11.90 22.49
N ALA C 123 10.33 -11.83 22.64
CA ALA C 123 11.20 -11.81 21.48
C ALA C 123 11.31 -13.18 20.84
N THR C 124 11.41 -14.24 21.65
CA THR C 124 11.53 -15.58 21.07
C THR C 124 10.20 -16.08 20.51
N GLN C 125 9.08 -15.66 21.10
CA GLN C 125 7.79 -16.11 20.57
C GLN C 125 7.34 -15.35 19.32
N ALA C 126 8.04 -14.27 18.94
CA ALA C 126 7.83 -13.69 17.62
C ALA C 126 8.22 -14.67 16.52
N HIS C 127 9.08 -15.63 16.83
CA HIS C 127 9.48 -16.68 15.91
C HIS C 127 9.00 -18.04 16.38
N MET C 128 8.00 -18.07 17.27
CA MET C 128 7.40 -19.27 17.82
C MET C 128 8.39 -20.09 18.64
N LEU C 129 9.45 -19.47 19.13
CA LEU C 129 10.47 -20.16 19.92
C LEU C 129 10.31 -19.86 21.40
N ALA C 130 11.02 -20.63 22.21
CA ALA C 130 10.93 -20.50 23.65
C ALA C 130 12.03 -21.33 24.28
N THR C 131 12.30 -21.04 25.54
CA THR C 131 13.25 -21.83 26.32
C THR C 131 12.84 -21.71 27.79
N PRO C 132 13.20 -22.69 28.62
CA PRO C 132 12.68 -22.72 29.99
C PRO C 132 13.08 -21.50 30.82
N ALA C 133 12.11 -21.01 31.58
CA ALA C 133 12.32 -19.93 32.54
C ALA C 133 11.16 -19.95 33.53
N GLY C 134 11.18 -19.02 34.49
CA GLY C 134 10.17 -18.98 35.52
C GLY C 134 8.79 -18.60 35.00
N THR C 135 7.82 -18.62 35.91
CA THR C 135 6.41 -18.49 35.56
C THR C 135 5.84 -17.08 35.74
N VAL C 136 6.62 -16.13 36.26
CA VAL C 136 6.15 -14.76 36.46
C VAL C 136 6.98 -13.80 35.60
N SER C 137 6.29 -13.05 34.74
CA SER C 137 6.95 -12.32 33.65
C SER C 137 8.00 -11.34 34.16
N HIS C 138 7.71 -10.62 35.23
CA HIS C 138 8.61 -9.55 35.66
C HIS C 138 9.73 -10.04 36.58
N THR C 139 9.91 -11.36 36.70
CA THR C 139 11.14 -11.89 37.25
C THR C 139 12.31 -11.57 36.32
N GLY C 140 13.47 -11.33 36.91
CA GLY C 140 14.67 -11.07 36.12
C GLY C 140 15.27 -12.38 35.62
N LEU C 141 15.70 -12.35 34.36
CA LEU C 141 16.37 -13.51 33.76
C LEU C 141 17.67 -13.82 34.48
N GLY C 142 18.39 -12.79 34.91
CA GLY C 142 19.71 -12.93 35.49
C GLY C 142 19.79 -13.77 36.76
N GLY C 143 19.07 -13.36 37.80
CA GLY C 143 19.08 -14.13 39.03
C GLY C 143 18.49 -15.52 38.86
N LEU C 144 17.51 -15.66 37.97
CA LEU C 144 16.82 -16.93 37.82
C LEU C 144 17.67 -17.95 37.04
N VAL C 145 18.30 -17.52 35.95
CA VAL C 145 19.15 -18.45 35.22
C VAL C 145 20.35 -18.86 36.07
N LEU C 146 20.98 -17.89 36.74
CA LEU C 146 22.19 -18.18 37.50
C LEU C 146 21.95 -19.14 38.66
N GLY C 147 20.70 -19.34 39.07
CA GLY C 147 20.38 -20.31 40.10
C GLY C 147 19.84 -21.61 39.57
N GLY C 148 19.66 -21.73 38.26
CA GLY C 148 19.07 -22.92 37.68
C GLY C 148 17.89 -22.58 36.80
N GLY C 149 16.77 -22.19 37.42
CA GLY C 149 15.61 -21.69 36.70
C GLY C 149 14.68 -22.76 36.14
N PHE C 150 13.46 -22.83 36.67
CA PHE C 150 12.48 -23.79 36.16
C PHE C 150 11.11 -23.14 36.04
N GLY C 151 10.32 -23.67 35.12
CA GLY C 151 8.95 -23.27 34.91
C GLY C 151 8.19 -24.26 34.06
N TRP C 152 7.31 -23.74 33.19
CA TRP C 152 6.38 -24.60 32.47
C TRP C 152 7.08 -25.58 31.52
N LEU C 153 8.17 -25.13 30.88
CA LEU C 153 8.86 -25.96 29.90
C LEU C 153 9.94 -26.86 30.49
N SER C 154 10.07 -26.89 31.82
CA SER C 154 11.23 -27.55 32.40
C SER C 154 11.13 -29.08 32.35
N ARG C 155 9.92 -29.63 32.52
CA ARG C 155 9.77 -31.07 32.39
C ARG C 155 10.03 -31.53 30.96
N LYS C 156 9.74 -30.68 29.97
CA LYS C 156 9.97 -31.06 28.57
C LYS C 156 11.40 -30.76 28.11
N TYR C 157 12.00 -29.64 28.56
CA TYR C 157 13.22 -29.13 27.95
C TYR C 157 14.31 -28.76 28.97
N GLY C 158 14.16 -29.11 30.24
CA GLY C 158 15.20 -28.87 31.23
C GLY C 158 15.07 -27.55 31.97
N LEU C 159 16.06 -27.29 32.82
CA LEU C 159 16.16 -25.98 33.46
C LEU C 159 16.64 -24.95 32.45
N SER C 160 16.55 -23.67 32.85
CA SER C 160 17.13 -22.62 32.02
C SER C 160 18.60 -22.91 31.74
N ILE C 161 19.35 -23.34 32.77
CA ILE C 161 20.77 -23.58 32.59
C ILE C 161 21.01 -24.77 31.66
N ASP C 162 20.05 -25.69 31.55
CA ASP C 162 20.19 -26.82 30.65
C ASP C 162 20.11 -26.42 29.18
N ASN C 163 19.71 -25.18 28.89
CA ASN C 163 19.64 -24.69 27.53
C ASN C 163 20.63 -23.55 27.29
N LEU C 164 21.46 -23.23 28.28
CA LEU C 164 22.41 -22.12 28.23
C LEU C 164 23.72 -22.62 27.62
N THR C 165 24.18 -21.92 26.57
CA THR C 165 25.37 -22.35 25.85
C THR C 165 26.60 -21.49 26.13
N SER C 166 26.44 -20.29 26.67
CA SER C 166 27.58 -19.43 27.01
C SER C 166 27.08 -18.20 27.76
N VAL C 167 28.02 -17.53 28.42
CA VAL C 167 27.75 -16.25 29.07
C VAL C 167 28.92 -15.30 28.80
N GLU C 168 28.60 -14.02 28.66
CA GLU C 168 29.58 -12.96 28.84
C GLU C 168 29.53 -12.55 30.29
N ILE C 169 30.70 -12.46 30.92
CA ILE C 169 30.76 -12.24 32.37
C ILE C 169 31.92 -11.31 32.69
N VAL C 170 31.61 -10.24 33.43
CA VAL C 170 32.62 -9.33 33.95
C VAL C 170 33.04 -9.84 35.32
N THR C 171 34.33 -10.14 35.49
CA THR C 171 34.79 -10.67 36.76
C THR C 171 35.25 -9.53 37.67
N ALA C 172 35.64 -9.89 38.89
CA ALA C 172 35.93 -8.89 39.91
C ALA C 172 37.13 -8.02 39.54
N ASP C 173 38.08 -8.55 38.77
CA ASP C 173 39.22 -7.76 38.35
C ASP C 173 38.93 -6.89 37.13
N GLY C 174 37.66 -6.72 36.77
CA GLY C 174 37.27 -5.85 35.67
C GLY C 174 37.39 -6.46 34.30
N GLY C 175 37.86 -7.70 34.19
CA GLY C 175 38.01 -8.33 32.89
C GLY C 175 36.69 -8.91 32.39
N VAL C 176 36.57 -8.95 31.06
CA VAL C 176 35.40 -9.51 30.40
C VAL C 176 35.78 -10.86 29.83
N LEU C 177 35.09 -11.90 30.28
CA LEU C 177 35.35 -13.25 29.83
C LEU C 177 34.11 -13.82 29.16
N THR C 178 34.34 -14.66 28.16
CA THR C 178 33.34 -15.57 27.65
C THR C 178 33.50 -16.92 28.35
N ALA C 179 32.38 -17.56 28.65
CA ALA C 179 32.38 -18.83 29.37
C ALA C 179 31.40 -19.78 28.69
N SER C 180 31.87 -20.97 28.32
CA SER C 180 31.09 -21.91 27.54
C SER C 180 31.60 -23.32 27.80
N ASP C 181 31.14 -24.28 27.00
CA ASP C 181 31.66 -25.64 27.08
C ASP C 181 33.07 -25.75 26.55
N THR C 182 33.53 -24.78 25.75
CA THR C 182 34.84 -24.81 25.12
C THR C 182 35.81 -23.75 25.63
N GLU C 183 35.34 -22.78 26.41
CA GLU C 183 36.14 -21.65 26.84
C GLU C 183 35.84 -21.40 28.31
N ASN C 184 36.87 -21.43 29.15
CA ASN C 184 36.72 -21.33 30.59
C ASN C 184 35.60 -22.25 31.10
N PRO C 185 35.66 -23.55 30.78
CA PRO C 185 34.53 -24.44 31.15
C PRO C 185 34.35 -24.58 32.65
N ASP C 186 35.38 -24.32 33.45
CA ASP C 186 35.20 -24.34 34.91
C ASP C 186 34.28 -23.21 35.35
N LEU C 187 34.41 -22.02 34.75
CA LEU C 187 33.48 -20.93 35.03
C LEU C 187 32.08 -21.27 34.51
N PHE C 188 32.00 -21.78 33.29
CA PHE C 188 30.69 -22.12 32.72
C PHE C 188 29.98 -23.17 33.53
N TRP C 189 30.73 -24.05 34.20
CA TRP C 189 30.08 -25.00 35.08
C TRP C 189 29.53 -24.33 36.33
N ALA C 190 30.22 -23.28 36.82
CA ALA C 190 29.83 -22.66 38.09
C ALA C 190 28.67 -21.67 37.94
N VAL C 191 28.60 -20.94 36.82
CA VAL C 191 27.49 -20.00 36.65
C VAL C 191 26.17 -20.73 36.44
N ARG C 192 26.20 -21.98 35.99
CA ARG C 192 24.98 -22.75 35.77
C ARG C 192 24.54 -23.38 37.09
N GLY C 193 24.05 -22.52 37.98
CA GLY C 193 23.54 -22.93 39.28
C GLY C 193 24.22 -22.28 40.47
N GLY C 194 25.35 -21.59 40.28
CA GLY C 194 26.11 -21.01 41.36
C GLY C 194 25.81 -19.57 41.71
N GLY C 195 24.90 -18.91 41.00
CA GLY C 195 24.50 -17.56 41.37
C GLY C 195 25.44 -16.50 40.85
N GLY C 196 25.38 -15.34 41.49
CA GLY C 196 26.19 -14.20 41.13
C GLY C 196 27.60 -14.22 41.69
N ASN C 197 28.06 -15.39 42.16
CA ASN C 197 29.30 -15.49 42.92
C ASN C 197 30.54 -15.17 42.11
N PHE C 198 30.47 -15.20 40.78
CA PHE C 198 31.68 -15.25 39.98
C PHE C 198 31.85 -14.06 39.06
N GLY C 199 30.95 -13.08 39.15
CA GLY C 199 30.98 -11.93 38.27
C GLY C 199 29.59 -11.63 37.73
N VAL C 200 29.51 -10.51 37.03
CA VAL C 200 28.25 -10.00 36.51
C VAL C 200 28.06 -10.53 35.10
N VAL C 201 27.07 -11.39 34.91
CA VAL C 201 26.76 -11.87 33.56
C VAL C 201 26.07 -10.74 32.80
N THR C 202 26.73 -10.26 31.75
CA THR C 202 26.20 -9.19 30.93
C THR C 202 25.40 -9.70 29.73
N ALA C 203 25.50 -10.99 29.41
CA ALA C 203 24.78 -11.56 28.28
C ALA C 203 24.72 -13.07 28.43
N PHE C 204 23.54 -13.64 28.18
CA PHE C 204 23.33 -15.08 28.12
C PHE C 204 23.00 -15.49 26.69
N GLU C 205 23.45 -16.69 26.31
CA GLU C 205 23.07 -17.29 25.02
C GLU C 205 22.35 -18.61 25.28
N PHE C 206 21.20 -18.78 24.63
CA PHE C 206 20.36 -19.96 24.83
C PHE C 206 20.04 -20.63 23.51
N ASP C 207 19.93 -21.96 23.56
CA ASP C 207 19.21 -22.69 22.52
C ASP C 207 17.72 -22.56 22.78
N LEU C 208 16.95 -22.50 21.70
CA LEU C 208 15.50 -22.37 21.81
C LEU C 208 14.83 -23.57 21.15
N HIS C 209 13.58 -23.79 21.50
CA HIS C 209 12.77 -24.85 20.96
C HIS C 209 11.52 -24.27 20.39
N ARG C 210 10.90 -25.04 19.50
CA ARG C 210 9.66 -24.66 18.85
C ARG C 210 8.47 -25.10 19.70
N VAL C 211 7.77 -24.11 20.27
CA VAL C 211 6.64 -24.35 21.11
C VAL C 211 5.41 -23.62 20.60
N GLY C 212 4.41 -24.40 20.28
CA GLY C 212 3.16 -23.88 19.77
C GLY C 212 2.09 -23.66 20.82
N PRO C 213 0.85 -23.55 20.37
CA PRO C 213 -0.28 -23.37 21.24
C PRO C 213 -0.30 -24.46 22.28
N VAL C 214 -0.35 -24.01 23.50
CA VAL C 214 -0.26 -24.84 24.69
C VAL C 214 -1.67 -24.96 25.27
N ARG C 215 -2.17 -26.19 25.40
CA ARG C 215 -3.44 -26.39 26.08
C ARG C 215 -3.23 -26.26 27.58
N PHE C 216 -4.03 -25.40 28.21
CA PHE C 216 -3.80 -24.95 29.57
C PHE C 216 -5.09 -25.04 30.38
N ALA C 217 -4.98 -25.40 31.65
CA ALA C 217 -6.15 -25.50 32.51
C ALA C 217 -5.85 -25.02 33.91
N SER C 218 -6.77 -24.20 34.44
CA SER C 218 -6.71 -23.70 35.82
C SER C 218 -8.05 -23.97 36.49
N THR C 219 -8.01 -24.49 37.71
CA THR C 219 -9.22 -24.86 38.43
C THR C 219 -8.95 -24.88 39.92
N TYR C 220 -10.03 -24.80 40.69
CA TYR C 220 -9.94 -24.73 42.15
C TYR C 220 -10.70 -25.91 42.76
N TYR C 221 -10.06 -26.59 43.71
CA TYR C 221 -10.67 -27.71 44.42
C TYR C 221 -10.88 -27.31 45.88
N SER C 222 -12.06 -27.66 46.40
CA SER C 222 -12.33 -27.41 47.82
C SER C 222 -11.37 -28.23 48.68
N LEU C 223 -11.02 -27.67 49.85
CA LEU C 223 -9.94 -28.24 50.63
C LEU C 223 -10.30 -29.52 51.35
N ASP C 224 -11.59 -29.84 51.48
CA ASP C 224 -11.92 -31.15 52.03
C ASP C 224 -11.64 -32.28 51.05
N GLU C 225 -11.44 -31.97 49.77
CA GLU C 225 -10.97 -32.95 48.80
C GLU C 225 -9.45 -32.96 48.69
N GLY C 226 -8.76 -32.15 49.52
CA GLY C 226 -7.32 -32.07 49.46
C GLY C 226 -6.57 -33.38 49.53
N PRO C 227 -6.97 -34.28 50.41
CA PRO C 227 -6.25 -35.52 50.48
C PRO C 227 -6.29 -36.31 49.20
N GLN C 228 -7.43 -36.42 48.57
CA GLN C 228 -7.48 -37.14 47.35
C GLN C 228 -6.83 -36.37 46.22
N VAL C 229 -7.00 -35.07 46.19
CA VAL C 229 -6.43 -34.29 45.15
C VAL C 229 -4.94 -34.39 45.16
N ILE C 230 -4.31 -34.26 46.31
CA ILE C 230 -2.88 -34.32 46.37
C ILE C 230 -2.26 -35.66 46.09
N ARG C 231 -2.99 -36.72 46.32
CA ARG C 231 -2.55 -38.08 46.07
C ARG C 231 -2.59 -38.37 44.61
N ALA C 232 -3.73 -38.18 43.97
CA ALA C 232 -3.84 -38.26 42.53
C ALA C 232 -2.67 -37.53 41.87
N TRP C 233 -2.38 -36.31 42.37
CA TRP C 233 -1.29 -35.51 41.82
C TRP C 233 0.05 -36.21 41.98
N ARG C 234 0.38 -36.63 43.20
CA ARG C 234 1.69 -37.24 43.44
C ARG C 234 1.84 -38.59 42.74
N ASP C 235 0.75 -39.34 42.59
CA ASP C 235 0.83 -40.65 41.94
C ASP C 235 0.93 -40.49 40.44
N HIS C 236 0.15 -39.58 39.87
CA HIS C 236 0.15 -39.37 38.42
C HIS C 236 1.50 -38.87 37.94
N MET C 237 2.11 -37.93 38.68
CA MET C 237 3.30 -37.26 38.19
C MET C 237 4.52 -38.16 38.25
N ALA C 238 4.51 -39.20 39.09
CA ALA C 238 5.63 -40.14 39.12
C ALA C 238 5.82 -40.84 37.78
N THR C 239 4.75 -40.98 37.00
CA THR C 239 4.80 -41.71 35.75
C THR C 239 4.30 -40.91 34.55
N ALA C 240 3.97 -39.62 34.74
CA ALA C 240 3.39 -38.84 33.67
C ALA C 240 4.42 -38.51 32.59
N PRO C 241 3.99 -38.32 31.35
CA PRO C 241 4.92 -37.90 30.30
C PRO C 241 5.60 -36.58 30.64
N ASP C 242 6.69 -36.28 29.91
CA ASP C 242 7.28 -34.96 30.02
C ASP C 242 6.31 -33.87 29.59
N GLU C 243 5.45 -34.17 28.61
CA GLU C 243 4.62 -33.14 28.00
C GLU C 243 3.62 -32.54 28.99
N LEU C 244 3.41 -33.20 30.12
CA LEU C 244 2.44 -32.76 31.11
C LEU C 244 3.14 -32.07 32.27
N THR C 245 2.72 -30.85 32.57
CA THR C 245 3.15 -30.15 33.78
C THR C 245 1.91 -29.80 34.59
N TRP C 246 1.99 -30.04 35.90
CA TRP C 246 0.84 -29.98 36.78
C TRP C 246 1.31 -29.45 38.13
N ALA C 247 0.76 -28.31 38.54
CA ALA C 247 1.19 -27.67 39.77
C ALA C 247 -0.01 -27.40 40.67
N LEU C 248 0.22 -27.46 41.97
CA LEU C 248 -0.81 -27.22 42.97
C LEU C 248 -0.41 -26.02 43.82
N TYR C 249 -1.26 -25.01 43.86
CA TYR C 249 -1.04 -23.80 44.64
C TYR C 249 -2.18 -23.71 45.66
N LEU C 250 -1.85 -23.85 46.94
CA LEU C 250 -2.86 -23.77 47.99
C LEU C 250 -2.93 -22.34 48.51
N ARG C 251 -4.13 -21.78 48.49
CA ARG C 251 -4.30 -20.34 48.71
C ARG C 251 -5.71 -20.07 49.21
N LEU C 252 -5.97 -18.82 49.53
CA LEU C 252 -7.35 -18.38 49.73
C LEU C 252 -7.97 -18.08 48.36
N ALA C 253 -9.19 -18.58 48.15
CA ALA C 253 -9.83 -18.45 46.86
C ALA C 253 -9.96 -16.97 46.48
N PRO C 254 -9.57 -16.58 45.28
CA PRO C 254 -9.78 -15.20 44.86
C PRO C 254 -11.26 -14.92 44.68
N PRO C 255 -11.69 -13.73 44.88
CA PRO C 255 -13.09 -13.35 44.63
C PRO C 255 -13.37 -13.07 43.15
N LEU C 256 -13.20 -14.13 42.32
CA LEU C 256 -13.37 -14.04 40.87
C LEU C 256 -14.76 -14.54 40.47
N PRO C 257 -15.30 -14.08 39.33
CA PRO C 257 -16.66 -14.47 38.96
C PRO C 257 -16.79 -15.96 38.70
N GLU C 258 -15.77 -16.59 38.13
CA GLU C 258 -15.84 -18.00 37.77
C GLU C 258 -15.90 -18.93 38.99
N LEU C 259 -15.86 -18.38 40.20
CA LEU C 259 -15.81 -19.15 41.42
C LEU C 259 -17.00 -18.79 42.31
N PRO C 260 -17.69 -19.77 42.88
CA PRO C 260 -18.91 -19.47 43.66
C PRO C 260 -18.56 -18.59 44.85
N ALA C 261 -19.23 -17.44 44.94
CA ALA C 261 -19.02 -16.46 46.00
C ALA C 261 -18.88 -17.13 47.36
N ASP C 262 -19.49 -18.31 47.46
CA ASP C 262 -19.44 -19.11 48.68
C ASP C 262 -18.04 -19.66 48.95
N MET C 263 -17.21 -19.85 47.92
CA MET C 263 -15.82 -20.25 48.15
C MET C 263 -14.91 -19.07 48.45
N HIS C 264 -15.36 -17.83 48.19
CA HIS C 264 -14.47 -16.68 48.14
C HIS C 264 -13.72 -16.47 49.44
N GLY C 265 -12.38 -16.43 49.35
CA GLY C 265 -11.55 -16.15 50.49
C GLY C 265 -11.28 -17.34 51.40
N LYS C 266 -11.80 -18.51 51.08
CA LYS C 266 -11.52 -19.69 51.88
C LYS C 266 -10.35 -20.47 51.29
N PRO C 267 -9.64 -21.23 52.12
CA PRO C 267 -8.49 -22.01 51.63
C PRO C 267 -8.92 -23.10 50.65
N VAL C 268 -8.28 -23.08 49.48
CA VAL C 268 -8.58 -24.01 48.40
C VAL C 268 -7.27 -24.54 47.85
N ILE C 269 -7.38 -25.45 46.88
CA ILE C 269 -6.27 -25.85 46.03
C ILE C 269 -6.53 -25.26 44.66
N CYS C 270 -5.65 -24.38 44.20
CA CYS C 270 -5.62 -23.97 42.81
C CYS C 270 -4.68 -24.91 42.06
N ALA C 271 -5.23 -25.66 41.12
CA ALA C 271 -4.46 -26.59 40.31
C ALA C 271 -4.33 -26.01 38.91
N MET C 272 -3.09 -25.83 38.46
CA MET C 272 -2.82 -25.38 37.10
C MET C 272 -2.03 -26.46 36.37
N SER C 273 -2.33 -26.61 35.10
CA SER C 273 -1.74 -27.70 34.33
C SER C 273 -1.68 -27.29 32.87
N CYS C 274 -0.76 -27.91 32.14
CA CYS C 274 -0.66 -27.64 30.72
C CYS C 274 0.02 -28.82 30.04
N TRP C 275 -0.14 -28.87 28.73
CA TRP C 275 0.48 -29.90 27.90
C TRP C 275 1.36 -29.21 26.87
N ILE C 276 2.66 -29.39 27.00
CA ILE C 276 3.59 -28.89 25.99
C ILE C 276 3.61 -29.92 24.88
N GLY C 277 2.78 -29.70 23.86
CA GLY C 277 2.59 -30.67 22.80
C GLY C 277 1.37 -30.31 21.99
N ASP C 278 0.90 -31.26 21.19
CA ASP C 278 -0.25 -31.05 20.35
C ASP C 278 -1.45 -30.66 21.23
N PRO C 279 -2.18 -29.59 20.90
CA PRO C 279 -3.30 -29.17 21.76
C PRO C 279 -4.39 -30.22 21.90
N HIS C 280 -4.67 -30.97 20.83
CA HIS C 280 -5.73 -31.97 20.90
C HIS C 280 -5.35 -33.12 21.82
N GLU C 281 -4.10 -33.57 21.75
CA GLU C 281 -3.61 -34.50 22.76
C GLU C 281 -3.61 -33.84 24.13
N GLY C 282 -3.32 -32.54 24.18
CA GLY C 282 -3.35 -31.82 25.45
C GLY C 282 -4.73 -31.83 26.09
N GLU C 283 -5.76 -31.63 25.28
CA GLU C 283 -7.13 -31.68 25.82
C GLU C 283 -7.43 -33.04 26.43
N ARG C 284 -7.07 -34.11 25.74
CA ARG C 284 -7.28 -35.45 26.28
C ARG C 284 -6.51 -35.64 27.58
N GLN C 285 -5.29 -35.11 27.65
CA GLN C 285 -4.46 -35.34 28.83
C GLN C 285 -4.95 -34.52 30.02
N LEU C 286 -5.32 -33.26 29.79
CA LEU C 286 -5.73 -32.41 30.90
C LEU C 286 -7.07 -32.85 31.48
N GLU C 287 -8.04 -33.20 30.63
CA GLU C 287 -9.30 -33.73 31.13
C GLU C 287 -9.07 -34.92 32.04
N SER C 288 -8.11 -35.78 31.69
CA SER C 288 -7.84 -37.00 32.47
C SER C 288 -7.33 -36.70 33.87
N ILE C 289 -6.80 -35.51 34.14
CA ILE C 289 -6.29 -35.17 35.46
C ILE C 289 -7.09 -34.08 36.16
N LEU C 290 -8.07 -33.48 35.49
CA LEU C 290 -8.77 -32.31 36.03
C LEU C 290 -9.81 -32.66 37.09
N HIS C 291 -10.27 -33.91 37.16
CA HIS C 291 -11.41 -34.25 38.00
C HIS C 291 -11.01 -35.10 39.21
N ALA C 292 -9.76 -34.98 39.67
CA ALA C 292 -9.35 -35.68 40.88
C ALA C 292 -10.19 -35.24 42.08
N GLY C 293 -10.68 -34.01 42.04
CA GLY C 293 -11.75 -33.55 42.90
C GLY C 293 -12.78 -32.85 42.04
N LYS C 294 -13.74 -32.17 42.65
CA LYS C 294 -14.75 -31.48 41.86
C LYS C 294 -14.24 -30.13 41.38
N PRO C 295 -14.01 -29.96 40.08
CA PRO C 295 -13.40 -28.71 39.60
C PRO C 295 -14.35 -27.53 39.77
N HIS C 296 -13.90 -26.51 40.49
CA HIS C 296 -14.55 -25.22 40.53
C HIS C 296 -13.76 -24.23 39.68
N GLY C 297 -14.47 -23.24 39.15
CA GLY C 297 -13.81 -22.21 38.35
C GLY C 297 -12.90 -22.75 37.27
N LEU C 298 -13.32 -23.81 36.60
CA LEU C 298 -12.49 -24.44 35.57
C LEU C 298 -12.30 -23.46 34.41
N THR C 299 -11.05 -23.16 34.10
CA THR C 299 -10.70 -22.35 32.93
C THR C 299 -9.79 -23.16 32.03
N LYS C 300 -10.23 -23.38 30.80
CA LYS C 300 -9.45 -24.09 29.79
C LYS C 300 -9.23 -23.16 28.61
N ALA C 301 -7.99 -23.08 28.14
CA ALA C 301 -7.66 -22.25 26.99
C ALA C 301 -6.57 -22.94 26.18
N THR C 302 -6.54 -22.64 24.89
CA THR C 302 -5.38 -22.90 24.06
C THR C 302 -4.63 -21.58 23.94
N LEU C 303 -3.41 -21.54 24.49
CA LEU C 303 -2.70 -20.30 24.66
C LEU C 303 -1.39 -20.28 23.90
N PRO C 304 -1.06 -19.17 23.25
CA PRO C 304 0.35 -18.93 22.89
C PRO C 304 1.21 -19.12 24.12
N TYR C 305 2.39 -19.70 23.93
CA TYR C 305 3.28 -19.92 25.07
C TYR C 305 3.59 -18.61 25.79
N ARG C 306 3.69 -17.50 25.05
CA ARG C 306 3.91 -16.20 25.68
C ARG C 306 2.78 -15.86 26.65
N ALA C 307 1.54 -16.28 26.33
CA ALA C 307 0.41 -15.98 27.20
C ALA C 307 0.39 -16.88 28.43
N LEU C 308 0.79 -18.14 28.27
CA LEU C 308 0.96 -19.01 29.44
C LEU C 308 1.98 -18.42 30.40
N GLN C 309 3.06 -17.86 29.87
CA GLN C 309 4.07 -17.22 30.71
C GLN C 309 3.49 -16.02 31.45
N ALA C 310 2.64 -15.25 30.78
CA ALA C 310 2.08 -14.05 31.36
C ALA C 310 0.87 -14.32 32.26
N TYR C 311 0.47 -15.57 32.42
CA TYR C 311 -0.75 -15.85 33.17
C TYR C 311 -0.55 -15.69 34.67
N SER C 312 0.51 -16.28 35.22
CA SER C 312 0.66 -16.34 36.67
C SER C 312 1.05 -14.98 37.24
N PHE C 313 0.27 -14.48 38.20
CA PHE C 313 -1.02 -15.04 38.59
C PHE C 313 -2.02 -13.89 38.49
N PRO C 314 -3.31 -14.20 38.31
CA PRO C 314 -4.30 -13.13 38.12
C PRO C 314 -4.79 -12.51 39.42
N GLY C 315 -3.98 -11.62 39.98
CA GLY C 315 -4.31 -10.99 41.24
C GLY C 315 -4.71 -9.53 41.11
N ALA C 316 -5.36 -8.99 42.14
CA ALA C 316 -5.83 -7.61 42.13
C ALA C 316 -4.84 -6.62 42.71
N VAL C 317 -3.91 -7.07 43.55
CA VAL C 317 -2.88 -6.21 44.13
C VAL C 317 -1.53 -6.92 44.01
N VAL C 318 -0.48 -6.13 43.75
CA VAL C 318 0.88 -6.61 43.85
C VAL C 318 1.25 -6.68 45.33
N PRO C 319 1.59 -7.84 45.86
CA PRO C 319 1.95 -7.92 47.28
C PRO C 319 3.21 -7.11 47.56
N ASP C 320 3.17 -6.36 48.67
CA ASP C 320 4.29 -5.51 49.05
C ASP C 320 5.34 -6.29 49.85
N ARG C 321 4.89 -7.21 50.70
CA ARG C 321 5.76 -7.83 51.69
C ARG C 321 5.69 -9.36 51.57
N ILE C 322 6.85 -9.99 51.54
CA ILE C 322 6.94 -11.43 51.28
C ILE C 322 7.94 -12.08 52.23
N TYR C 323 7.74 -13.38 52.45
CA TYR C 323 8.65 -14.22 53.22
C TYR C 323 8.47 -15.64 52.74
N THR C 324 9.57 -16.31 52.38
CA THR C 324 9.49 -17.61 51.75
C THR C 324 10.36 -18.64 52.48
N LYS C 325 9.83 -19.84 52.65
CA LYS C 325 10.56 -21.01 53.14
C LYS C 325 10.33 -22.14 52.16
N SER C 326 11.40 -22.66 51.56
CA SER C 326 11.28 -23.71 50.57
C SER C 326 12.18 -24.89 50.89
N GLY C 327 11.81 -26.03 50.30
CA GLY C 327 12.64 -27.22 50.32
C GLY C 327 12.18 -28.17 49.23
N TYR C 328 13.05 -29.10 48.90
CA TYR C 328 12.77 -30.10 47.93
C TYR C 328 12.35 -31.39 48.65
N LEU C 329 11.74 -32.28 47.94
CA LEU C 329 11.36 -33.57 48.48
C LEU C 329 11.58 -34.65 47.46
N ASN C 330 12.03 -35.81 47.92
CA ASN C 330 12.22 -36.97 47.09
C ASN C 330 10.93 -37.70 46.99
N GLU C 331 10.11 -37.63 48.01
CA GLU C 331 8.84 -38.30 48.05
C GLU C 331 7.87 -37.41 48.78
N LEU C 332 6.60 -37.49 48.45
CA LEU C 332 5.62 -36.71 49.17
C LEU C 332 4.75 -37.71 49.87
N SER C 333 5.08 -37.94 51.11
CA SER C 333 4.41 -38.93 51.88
C SER C 333 3.07 -38.53 52.39
N ASP C 334 2.32 -39.50 52.83
CA ASP C 334 1.01 -39.27 53.39
C ASP C 334 1.09 -38.34 54.58
N GLU C 335 2.08 -38.52 55.44
CA GLU C 335 2.35 -37.63 56.54
C GLU C 335 2.77 -36.21 56.06
N ALA C 336 3.48 -36.08 54.94
CA ALA C 336 3.75 -34.73 54.43
C ALA C 336 2.48 -34.10 53.88
N THR C 337 1.67 -34.90 53.17
CA THR C 337 0.41 -34.39 52.62
C THR C 337 -0.51 -33.89 53.73
N ASP C 338 -0.63 -34.67 54.82
CA ASP C 338 -1.46 -34.24 55.94
C ASP C 338 -0.95 -32.95 56.54
N THR C 339 0.38 -32.80 56.64
CA THR C 339 0.95 -31.60 57.21
C THR C 339 0.74 -30.40 56.29
N VAL C 340 0.95 -30.58 54.99
CA VAL C 340 0.71 -29.51 54.03
C VAL C 340 -0.72 -29.00 54.13
N LEU C 341 -1.69 -29.92 54.07
CA LEU C 341 -3.10 -29.56 54.14
C LEU C 341 -3.42 -28.82 55.43
N GLU C 342 -2.80 -29.23 56.53
CA GLU C 342 -3.14 -28.68 57.84
C GLU C 342 -2.68 -27.24 57.98
N HIS C 343 -1.55 -26.88 57.38
CA HIS C 343 -1.09 -25.50 57.45
C HIS C 343 -1.71 -24.63 56.37
N ALA C 344 -2.12 -25.24 55.25
CA ALA C 344 -2.87 -24.49 54.25
C ALA C 344 -4.17 -23.94 54.84
N ALA C 345 -4.85 -24.74 55.66
CA ALA C 345 -6.11 -24.30 56.26
C ALA C 345 -5.92 -23.12 57.20
N ASP C 346 -4.67 -22.76 57.53
CA ASP C 346 -4.39 -21.63 58.40
C ASP C 346 -3.89 -20.42 57.64
N ILE C 347 -3.87 -20.46 56.30
CA ILE C 347 -3.44 -19.30 55.53
C ILE C 347 -4.31 -18.10 55.93
N ALA C 348 -3.67 -16.93 56.01
CA ALA C 348 -4.31 -15.71 56.47
C ALA C 348 -4.45 -14.66 55.37
N SER C 349 -3.37 -14.37 54.66
CA SER C 349 -3.40 -13.38 53.60
C SER C 349 -3.92 -13.99 52.31
N PRO C 350 -4.65 -13.21 51.50
CA PRO C 350 -5.07 -13.69 50.18
C PRO C 350 -3.97 -13.66 49.13
N PHE C 351 -2.76 -13.26 49.50
CA PHE C 351 -1.61 -13.31 48.59
C PHE C 351 -0.66 -14.45 48.91
N THR C 352 -0.86 -15.14 50.03
CA THR C 352 0.01 -16.24 50.42
C THR C 352 -0.38 -17.52 49.70
N GLN C 353 0.63 -18.27 49.27
CA GLN C 353 0.43 -19.58 48.65
C GLN C 353 1.39 -20.59 49.27
N LEU C 354 0.90 -21.82 49.46
CA LEU C 354 1.75 -22.98 49.68
C LEU C 354 1.83 -23.72 48.35
N GLU C 355 3.00 -23.66 47.71
CA GLU C 355 3.16 -24.19 46.36
C GLU C 355 3.64 -25.63 46.42
N LEU C 356 3.01 -26.49 45.62
CA LEU C 356 3.45 -27.86 45.42
C LEU C 356 3.82 -28.00 43.94
N LEU C 357 5.12 -28.12 43.67
CA LEU C 357 5.63 -28.19 42.30
C LEU C 357 6.23 -29.58 42.06
N TYR C 358 6.05 -30.10 40.86
CA TYR C 358 6.66 -31.38 40.47
C TYR C 358 7.59 -31.14 39.29
N LEU C 359 8.90 -31.11 39.57
CA LEU C 359 9.90 -31.04 38.52
C LEU C 359 10.06 -32.43 37.90
N GLY C 360 11.25 -33.02 38.06
CA GLY C 360 11.50 -34.27 37.37
C GLY C 360 11.67 -34.03 35.87
N GLY C 361 11.21 -34.98 35.08
CA GLY C 361 11.29 -34.84 33.63
C GLY C 361 12.71 -34.74 33.15
N ALA C 362 12.93 -33.88 32.15
CA ALA C 362 14.27 -33.67 31.63
C ALA C 362 15.22 -33.07 32.67
N VAL C 363 14.68 -32.38 33.68
CA VAL C 363 15.51 -31.88 34.76
C VAL C 363 16.27 -33.03 35.43
N ALA C 364 15.59 -34.16 35.62
CA ALA C 364 16.19 -35.26 36.37
C ALA C 364 17.05 -36.17 35.51
N ARG C 365 17.07 -35.98 34.19
CA ARG C 365 17.87 -36.81 33.30
C ARG C 365 19.21 -36.17 32.93
N VAL C 366 19.45 -34.96 33.37
CA VAL C 366 20.80 -34.39 33.26
C VAL C 366 21.65 -34.97 34.38
N PRO C 367 22.88 -35.40 34.09
CA PRO C 367 23.74 -35.90 35.18
C PRO C 367 23.97 -34.84 36.24
N ASP C 368 23.92 -35.27 37.50
CA ASP C 368 24.02 -34.37 38.64
C ASP C 368 25.29 -33.51 38.59
N ASP C 369 26.41 -34.10 38.16
CA ASP C 369 27.70 -33.42 38.12
C ASP C 369 27.80 -32.40 37.00
N ALA C 370 26.85 -32.38 36.05
CA ALA C 370 27.05 -31.63 34.83
C ALA C 370 26.97 -30.13 35.07
N THR C 371 26.19 -29.70 36.05
CA THR C 371 26.05 -28.29 36.40
C THR C 371 26.18 -28.14 37.91
N ALA C 372 26.25 -26.88 38.35
CA ALA C 372 26.28 -26.60 39.78
C ALA C 372 24.91 -26.72 40.43
N TYR C 373 23.86 -26.96 39.67
CA TYR C 373 22.52 -27.01 40.24
C TYR C 373 22.34 -28.28 41.06
N PRO C 374 21.97 -28.18 42.33
CA PRO C 374 21.73 -29.38 43.14
C PRO C 374 20.28 -29.83 43.07
N ASN C 375 20.08 -31.09 43.45
CA ASN C 375 18.77 -31.69 43.71
C ASN C 375 18.01 -32.09 42.44
N ARG C 376 18.73 -32.42 41.37
CA ARG C 376 18.06 -32.87 40.15
C ARG C 376 17.22 -34.12 40.39
N GLN C 377 17.56 -34.91 41.40
CA GLN C 377 16.87 -36.18 41.64
C GLN C 377 15.79 -36.06 42.70
N SER C 378 15.44 -34.84 43.12
CA SER C 378 14.23 -34.62 43.90
C SER C 378 13.17 -34.01 42.98
N PRO C 379 12.03 -34.66 42.78
CA PRO C 379 11.02 -34.10 41.88
C PRO C 379 10.05 -33.12 42.53
N PHE C 380 9.93 -33.15 43.86
CA PHE C 380 8.97 -32.32 44.59
C PHE C 380 9.65 -31.05 45.10
N VAL C 381 8.98 -29.91 44.91
CA VAL C 381 9.36 -28.65 45.53
C VAL C 381 8.16 -28.13 46.31
N THR C 382 8.35 -27.86 47.59
CA THR C 382 7.31 -27.23 48.40
C THR C 382 7.79 -25.84 48.79
N ASN C 383 6.98 -24.83 48.46
CA ASN C 383 7.34 -23.44 48.65
C ASN C 383 6.26 -22.77 49.49
N LEU C 384 6.63 -22.29 50.67
CA LEU C 384 5.71 -21.59 51.55
C LEU C 384 5.93 -20.10 51.30
N ALA C 385 5.17 -19.55 50.36
CA ALA C 385 5.37 -18.19 49.85
C ALA C 385 4.36 -17.27 50.53
N ALA C 386 4.72 -16.77 51.71
CA ALA C 386 3.88 -15.82 52.43
C ALA C 386 4.01 -14.44 51.78
N ALA C 387 2.87 -13.79 51.55
CA ALA C 387 2.82 -12.45 50.98
C ALA C 387 1.67 -11.69 51.61
N TRP C 388 1.87 -10.38 51.80
CA TRP C 388 0.89 -9.55 52.49
C TRP C 388 1.25 -8.09 52.25
N MET C 389 0.38 -7.20 52.73
CA MET C 389 0.48 -5.76 52.52
C MET C 389 0.96 -4.99 53.74
N ASP C 390 0.30 -5.21 54.88
CA ASP C 390 0.38 -4.41 56.09
C ASP C 390 1.68 -4.67 56.86
N PRO C 391 2.55 -3.66 56.97
CA PRO C 391 3.81 -3.85 57.71
C PRO C 391 3.57 -4.23 59.17
N THR C 392 2.37 -3.99 59.70
CA THR C 392 2.09 -4.32 61.10
C THR C 392 1.95 -5.81 61.32
N GLU C 393 1.36 -6.50 60.39
CA GLU C 393 1.10 -7.88 60.57
C GLU C 393 2.20 -8.82 60.10
N ASP C 394 3.43 -8.36 60.12
CA ASP C 394 4.58 -9.12 59.68
C ASP C 394 4.85 -10.45 60.36
N ALA C 395 4.71 -10.47 61.67
CA ALA C 395 4.94 -11.64 62.48
C ALA C 395 3.96 -12.77 62.26
N ARG C 396 2.70 -12.46 62.08
CA ARG C 396 1.75 -13.51 61.84
C ARG C 396 2.00 -14.20 60.50
N HIS C 397 2.46 -13.48 59.50
CA HIS C 397 2.71 -14.07 58.22
C HIS C 397 4.00 -14.84 58.19
N THR C 398 5.07 -14.22 58.64
CA THR C 398 6.35 -14.90 58.69
C THR C 398 6.27 -16.17 59.54
N ALA C 399 5.54 -16.12 60.64
CA ALA C 399 5.42 -17.29 61.50
C ALA C 399 4.67 -18.42 60.81
N TRP C 400 3.73 -18.11 59.91
CA TRP C 400 3.03 -19.16 59.17
C TRP C 400 4.03 -19.98 58.35
N ALA C 401 4.90 -19.31 57.61
CA ALA C 401 5.86 -20.01 56.76
C ALA C 401 6.90 -20.73 57.60
N ARG C 402 7.27 -20.15 58.74
CA ARG C 402 8.27 -20.75 59.61
C ARG C 402 7.76 -22.02 60.25
N GLU C 403 6.51 -22.01 60.72
CA GLU C 403 5.95 -23.20 61.35
C GLU C 403 5.72 -24.29 60.31
N GLY C 404 5.12 -23.94 59.18
CA GLY C 404 4.94 -24.92 58.12
C GLY C 404 6.24 -25.60 57.74
N TYR C 405 7.29 -24.81 57.55
CA TYR C 405 8.61 -25.37 57.25
C TYR C 405 9.07 -26.33 58.33
N ARG C 406 8.90 -25.94 59.61
CA ARG C 406 9.38 -26.81 60.68
C ARG C 406 8.59 -28.10 60.75
N ALA C 407 7.28 -28.03 60.56
CA ALA C 407 6.47 -29.25 60.56
C ALA C 407 6.84 -30.17 59.40
N LEU C 408 7.45 -29.63 58.35
CA LEU C 408 7.80 -30.40 57.15
C LEU C 408 9.28 -30.74 57.06
N ALA C 409 10.13 -30.12 57.89
CA ALA C 409 11.56 -30.08 57.61
C ALA C 409 12.18 -31.46 57.53
N GLY C 410 11.68 -32.42 58.31
CA GLY C 410 12.25 -33.76 58.29
C GLY C 410 12.05 -34.49 56.98
N HIS C 411 10.99 -34.14 56.24
CA HIS C 411 10.77 -34.72 54.92
C HIS C 411 11.51 -33.99 53.82
N LEU C 412 12.08 -32.82 54.11
CA LEU C 412 12.74 -32.03 53.09
C LEU C 412 14.17 -32.49 52.88
N SER C 413 14.64 -32.32 51.66
CA SER C 413 16.06 -32.41 51.34
C SER C 413 16.45 -31.14 50.59
N GLY C 414 17.72 -30.76 50.71
CA GLY C 414 18.26 -29.59 50.04
C GLY C 414 17.35 -28.37 49.95
N GLY C 415 17.53 -27.58 48.91
CA GLY C 415 16.77 -26.36 48.74
C GLY C 415 17.25 -25.60 47.53
N TYR C 416 16.33 -24.89 46.88
CA TYR C 416 16.65 -24.06 45.73
C TYR C 416 17.25 -22.74 46.23
N VAL C 417 18.45 -22.41 45.74
CA VAL C 417 19.09 -21.17 46.19
C VAL C 417 18.20 -19.96 45.92
N ASN C 418 17.48 -19.97 44.79
CA ASN C 418 16.64 -18.86 44.39
C ASN C 418 15.37 -18.70 45.23
N PHE C 419 15.10 -19.58 46.19
CA PHE C 419 13.97 -19.40 47.08
C PHE C 419 14.42 -19.08 48.51
N MET C 420 15.69 -18.73 48.71
CA MET C 420 16.22 -18.49 50.05
C MET C 420 15.84 -17.11 50.58
N ASN C 421 15.42 -17.07 51.84
CA ASN C 421 14.96 -15.83 52.46
C ASN C 421 16.13 -15.11 53.11
N PRO C 422 15.93 -13.87 53.61
CA PRO C 422 17.08 -13.07 54.05
C PRO C 422 17.85 -13.65 55.23
N GLY C 423 17.29 -14.62 55.95
CA GLY C 423 17.93 -15.20 57.11
C GLY C 423 18.51 -16.58 56.91
N GLU C 424 18.64 -17.04 55.66
CA GLU C 424 19.07 -18.40 55.37
C GLU C 424 20.43 -18.44 54.69
N ALA C 425 21.31 -17.50 55.02
CA ALA C 425 22.67 -17.56 54.50
C ALA C 425 23.39 -18.84 54.92
N ASP C 426 22.97 -19.43 56.03
CA ASP C 426 23.58 -20.64 56.56
C ASP C 426 23.12 -21.91 55.88
N ARG C 427 22.28 -21.81 54.85
CA ARG C 427 21.79 -22.98 54.12
C ARG C 427 22.63 -23.31 52.90
N THR C 428 23.67 -22.52 52.61
CA THR C 428 24.36 -22.65 51.32
C THR C 428 25.07 -23.99 51.21
N ARG C 429 25.91 -24.33 52.18
CA ARG C 429 26.60 -25.63 52.18
C ARG C 429 25.60 -26.78 52.05
N GLU C 430 24.56 -26.78 52.90
CA GLU C 430 23.55 -27.83 52.83
C GLU C 430 22.91 -27.89 51.45
N ALA C 431 22.69 -26.72 50.83
CA ALA C 431 21.93 -26.69 49.59
C ALA C 431 22.69 -27.31 48.43
N TYR C 432 24.01 -27.05 48.36
CA TYR C 432 24.82 -27.52 47.23
C TYR C 432 25.41 -28.91 47.45
N GLY C 433 25.48 -29.38 48.69
CA GLY C 433 26.18 -30.62 48.98
C GLY C 433 27.69 -30.43 48.94
N ALA C 434 28.39 -31.40 49.56
CA ALA C 434 29.82 -31.22 49.82
C ALA C 434 30.62 -31.18 48.53
N ALA C 435 30.38 -32.12 47.61
CA ALA C 435 31.14 -32.17 46.37
C ALA C 435 30.97 -30.88 45.57
N LYS C 436 29.72 -30.49 45.32
CA LYS C 436 29.46 -29.26 44.57
C LYS C 436 30.07 -28.05 45.26
N PHE C 437 29.92 -27.97 46.58
CA PHE C 437 30.35 -26.78 47.30
C PHE C 437 31.87 -26.59 47.23
N GLU C 438 32.63 -27.70 47.21
CA GLU C 438 34.08 -27.58 47.14
C GLU C 438 34.57 -27.24 45.74
N ARG C 439 33.91 -27.75 44.69
CA ARG C 439 34.27 -27.30 43.35
C ARG C 439 33.96 -25.82 43.18
N LEU C 440 32.81 -25.37 43.69
CA LEU C 440 32.46 -23.96 43.61
C LEU C 440 33.49 -23.09 44.33
N GLN C 441 33.97 -23.53 45.49
CA GLN C 441 34.99 -22.78 46.21
C GLN C 441 36.28 -22.68 45.42
N GLY C 442 36.59 -23.68 44.60
CA GLY C 442 37.78 -23.61 43.77
C GLY C 442 37.62 -22.67 42.60
N VAL C 443 36.42 -22.60 42.02
CA VAL C 443 36.16 -21.63 40.96
C VAL C 443 36.09 -20.22 41.52
N LYS C 444 35.53 -20.08 42.73
CA LYS C 444 35.49 -18.78 43.40
C LYS C 444 36.91 -18.28 43.67
N ALA C 445 37.78 -19.14 44.21
CA ALA C 445 39.15 -18.75 44.48
C ALA C 445 39.89 -18.40 43.19
N LYS C 446 39.49 -18.97 42.06
CA LYS C 446 40.14 -18.62 40.80
C LYS C 446 39.64 -17.29 40.27
N TYR C 447 38.35 -16.99 40.41
CA TYR C 447 37.75 -15.86 39.71
C TYR C 447 37.27 -14.74 40.62
N ASP C 448 36.91 -15.01 41.86
CA ASP C 448 36.58 -13.96 42.84
C ASP C 448 37.31 -14.22 44.15
N PRO C 449 38.65 -14.20 44.12
CA PRO C 449 39.40 -14.51 45.36
C PRO C 449 39.07 -13.58 46.51
N THR C 450 38.78 -12.30 46.24
CA THR C 450 38.50 -11.34 47.30
C THR C 450 37.03 -11.33 47.73
N ASN C 451 36.20 -12.21 47.16
CA ASN C 451 34.77 -12.28 47.46
C ASN C 451 34.11 -10.92 47.29
N LEU C 452 34.41 -10.27 46.16
CA LEU C 452 33.74 -9.00 45.84
C LEU C 452 32.23 -9.21 45.69
N PHE C 453 31.84 -10.35 45.14
CA PHE C 453 30.43 -10.63 44.84
C PHE C 453 29.89 -11.55 45.94
N ARG C 454 29.37 -10.93 47.00
CA ARG C 454 28.96 -11.67 48.18
C ARG C 454 27.50 -11.46 48.58
N LEU C 455 26.76 -10.60 47.87
CA LEU C 455 25.31 -10.48 48.11
C LEU C 455 24.61 -11.43 47.16
N ASN C 456 24.61 -12.69 47.56
CA ASN C 456 24.11 -13.85 46.85
C ASN C 456 24.16 -14.98 47.86
N GLN C 457 23.55 -16.12 47.52
CA GLN C 457 23.79 -17.33 48.30
C GLN C 457 25.28 -17.66 48.19
N ASN C 458 26.07 -17.17 49.14
CA ASN C 458 27.48 -16.90 48.90
C ASN C 458 28.37 -18.13 49.11
N ILE C 459 29.29 -18.32 48.16
CA ILE C 459 30.34 -19.32 48.23
C ILE C 459 31.65 -18.64 48.59
N PRO C 460 32.12 -18.73 49.83
CA PRO C 460 33.43 -18.17 50.18
C PRO C 460 34.54 -18.94 49.50
N PRO C 461 35.58 -18.25 48.97
CA PRO C 461 36.68 -18.90 48.26
C PRO C 461 37.65 -19.65 49.17
N GLN D 2 -31.94 13.08 -2.20
CA GLN D 2 -31.66 12.22 -3.33
C GLN D 2 -32.34 10.85 -3.16
N PHE D 3 -33.48 10.86 -2.46
CA PHE D 3 -34.31 9.66 -2.30
C PHE D 3 -35.78 10.03 -2.48
N PRO D 4 -36.19 10.39 -3.71
CA PRO D 4 -37.62 10.55 -3.98
C PRO D 4 -38.25 9.20 -4.22
N GLN D 5 -39.51 9.07 -3.79
CA GLN D 5 -40.20 7.81 -4.00
C GLN D 5 -40.61 7.73 -5.48
N LEU D 6 -40.01 6.78 -6.18
CA LEU D 6 -40.24 6.56 -7.60
C LEU D 6 -41.27 5.44 -7.81
N ASP D 7 -42.07 5.59 -8.85
CA ASP D 7 -43.18 4.67 -9.09
C ASP D 7 -42.67 3.34 -9.61
N PRO D 8 -42.92 2.23 -8.92
CA PRO D 8 -42.44 0.92 -9.41
C PRO D 8 -42.69 0.65 -10.89
N ALA D 9 -43.91 0.88 -11.38
CA ALA D 9 -44.23 0.57 -12.76
C ALA D 9 -43.38 1.39 -13.72
N THR D 10 -43.19 2.68 -13.42
CA THR D 10 -42.44 3.56 -14.31
C THR D 10 -40.95 3.21 -14.30
N LEU D 11 -40.42 2.76 -13.17
CA LEU D 11 -39.03 2.36 -13.09
C LEU D 11 -38.82 0.97 -13.70
N ALA D 12 -39.76 0.06 -13.47
CA ALA D 12 -39.69 -1.26 -14.11
C ALA D 12 -39.77 -1.15 -15.63
N ALA D 13 -40.63 -0.25 -16.12
CA ALA D 13 -40.67 0.02 -17.55
C ALA D 13 -39.36 0.62 -18.03
N PHE D 14 -38.70 1.38 -17.15
CA PHE D 14 -37.39 1.95 -17.47
C PHE D 14 -36.34 0.84 -17.59
N SER D 15 -36.21 0.01 -16.55
CA SER D 15 -35.21 -1.05 -16.55
C SER D 15 -35.53 -2.17 -17.54
N ALA D 16 -36.79 -2.33 -17.94
CA ALA D 16 -37.08 -3.26 -19.03
C ALA D 16 -36.47 -2.78 -20.34
N ALA D 17 -36.41 -1.47 -20.55
CA ALA D 17 -35.94 -0.88 -21.79
C ALA D 17 -34.49 -0.44 -21.74
N PHE D 18 -33.85 -0.52 -20.57
CA PHE D 18 -32.57 0.13 -20.30
C PHE D 18 -31.51 -0.94 -20.07
N ARG D 19 -30.60 -1.09 -21.01
CA ARG D 19 -29.53 -2.07 -20.90
C ARG D 19 -28.26 -1.48 -20.30
N GLY D 20 -28.28 -0.20 -19.95
CA GLY D 20 -27.12 0.45 -19.37
C GLY D 20 -26.97 0.17 -17.89
N GLU D 21 -26.10 0.96 -17.26
CA GLU D 21 -25.75 0.78 -15.86
C GLU D 21 -26.40 1.88 -15.04
N LEU D 22 -27.13 1.49 -14.00
CA LEU D 22 -27.72 2.44 -13.08
C LEU D 22 -26.86 2.56 -11.82
N ILE D 23 -26.66 3.80 -11.38
CA ILE D 23 -25.82 4.10 -10.23
C ILE D 23 -26.71 4.83 -9.23
N TRP D 24 -27.02 4.17 -8.13
CA TRP D 24 -27.85 4.74 -7.09
C TRP D 24 -27.00 5.45 -6.06
N PRO D 25 -27.60 6.27 -5.19
CA PRO D 25 -26.80 6.94 -4.14
C PRO D 25 -26.13 5.98 -3.15
N SER D 26 -26.54 4.71 -3.10
CA SER D 26 -25.95 3.75 -2.17
C SER D 26 -24.84 2.91 -2.78
N ASP D 27 -24.69 2.93 -4.11
CA ASP D 27 -23.69 2.09 -4.75
C ASP D 27 -22.28 2.61 -4.45
N ALA D 28 -21.31 1.68 -4.46
CA ALA D 28 -19.91 2.08 -4.29
C ALA D 28 -19.55 3.20 -5.26
N ASP D 29 -19.93 3.02 -6.52
CA ASP D 29 -19.58 3.89 -7.65
C ASP D 29 -20.14 5.30 -7.61
N TYR D 30 -20.76 5.71 -6.51
CA TYR D 30 -21.67 6.85 -6.66
C TYR D 30 -21.00 8.20 -6.39
N ASP D 31 -20.11 8.30 -5.40
CA ASP D 31 -19.45 9.57 -5.15
C ASP D 31 -18.57 9.97 -6.32
N GLU D 32 -17.83 9.01 -6.88
CA GLU D 32 -16.98 9.34 -8.03
C GLU D 32 -17.80 9.63 -9.27
N ALA D 33 -18.97 9.00 -9.41
CA ALA D 33 -19.76 9.20 -10.63
C ALA D 33 -20.38 10.57 -10.67
N ARG D 34 -20.73 11.15 -9.52
CA ARG D 34 -21.35 12.46 -9.49
C ARG D 34 -20.35 13.60 -9.50
N ARG D 35 -19.05 13.28 -9.39
CA ARG D 35 -18.03 14.31 -9.45
C ARG D 35 -17.78 14.71 -10.90
N ILE D 36 -17.69 16.03 -11.12
CA ILE D 36 -17.36 16.53 -12.45
C ILE D 36 -16.06 17.33 -12.38
N TRP D 37 -15.63 17.86 -13.52
CA TRP D 37 -14.32 18.51 -13.59
C TRP D 37 -14.27 19.74 -12.68
N ASN D 38 -15.30 20.57 -12.73
CA ASN D 38 -15.41 21.71 -11.81
C ASN D 38 -15.76 21.19 -10.41
N GLY D 39 -14.74 20.95 -9.59
CA GLY D 39 -14.95 20.38 -8.27
C GLY D 39 -15.64 21.28 -7.26
N THR D 40 -15.91 22.54 -7.60
CA THR D 40 -16.77 23.36 -6.75
C THR D 40 -18.22 22.91 -6.78
N ILE D 41 -18.59 22.06 -7.73
CA ILE D 41 -19.96 21.61 -7.89
C ILE D 41 -20.09 20.28 -7.14
N ASP D 42 -20.59 20.34 -5.92
CA ASP D 42 -20.88 19.15 -5.13
C ASP D 42 -22.38 18.95 -5.14
N ARG D 43 -22.83 17.91 -5.85
CA ARG D 43 -24.25 17.66 -6.00
C ARG D 43 -24.55 16.17 -5.91
N ARG D 44 -25.79 15.87 -5.56
CA ARG D 44 -26.25 14.50 -5.35
C ARG D 44 -27.51 14.28 -6.16
N PRO D 45 -27.40 13.70 -7.35
CA PRO D 45 -28.59 13.25 -8.07
C PRO D 45 -29.26 12.10 -7.34
N ALA D 46 -30.50 11.84 -7.72
CA ALA D 46 -31.18 10.64 -7.26
C ALA D 46 -30.73 9.42 -8.08
N LEU D 47 -30.42 9.61 -9.36
CA LEU D 47 -30.03 8.52 -10.23
C LEU D 47 -28.99 9.02 -11.22
N ILE D 48 -27.96 8.21 -11.43
CA ILE D 48 -27.05 8.37 -12.55
C ILE D 48 -27.31 7.21 -13.50
N ALA D 49 -27.63 7.53 -14.75
CA ALA D 49 -27.99 6.54 -15.75
C ALA D 49 -26.91 6.53 -16.83
N ARG D 50 -25.99 5.58 -16.74
CA ARG D 50 -24.91 5.42 -17.70
C ARG D 50 -25.44 4.74 -18.95
N CYS D 51 -25.89 5.56 -19.90
CA CYS D 51 -26.43 5.03 -21.14
C CYS D 51 -25.35 4.39 -22.00
N THR D 52 -25.74 3.39 -22.79
CA THR D 52 -24.82 2.64 -23.63
C THR D 52 -25.23 2.63 -25.10
N SER D 53 -26.32 3.29 -25.46
CA SER D 53 -26.96 3.14 -26.75
C SER D 53 -28.00 4.23 -26.89
N THR D 54 -28.37 4.53 -28.13
CA THR D 54 -29.47 5.48 -28.35
C THR D 54 -30.78 5.02 -27.73
N PRO D 55 -31.18 3.73 -27.81
CA PRO D 55 -32.34 3.30 -27.02
C PRO D 55 -32.22 3.63 -25.54
N ASP D 56 -31.04 3.46 -24.96
CA ASP D 56 -30.84 3.76 -23.55
C ASP D 56 -31.13 5.22 -23.26
N VAL D 57 -30.79 6.12 -24.18
CA VAL D 57 -31.07 7.53 -23.97
C VAL D 57 -32.56 7.80 -24.14
N VAL D 58 -33.20 7.09 -25.09
CA VAL D 58 -34.64 7.19 -25.24
C VAL D 58 -35.34 6.87 -23.92
N ALA D 59 -35.01 5.72 -23.33
CA ALA D 59 -35.63 5.32 -22.08
C ALA D 59 -35.35 6.31 -20.97
N ALA D 60 -34.11 6.78 -20.86
CA ALA D 60 -33.74 7.69 -19.79
C ALA D 60 -34.46 9.02 -19.91
N VAL D 61 -34.57 9.55 -21.14
CA VAL D 61 -35.28 10.82 -21.34
C VAL D 61 -36.76 10.66 -21.07
N SER D 62 -37.37 9.56 -21.55
CA SER D 62 -38.77 9.32 -21.27
C SER D 62 -39.01 9.12 -19.78
N PHE D 63 -38.19 8.29 -19.12
CA PHE D 63 -38.34 8.08 -17.69
C PHE D 63 -38.26 9.40 -16.94
N ALA D 64 -37.23 10.19 -17.22
CA ALA D 64 -37.09 11.48 -16.56
C ALA D 64 -38.25 12.41 -16.88
N ARG D 65 -38.86 12.25 -18.04
CA ARG D 65 -40.02 13.07 -18.38
C ARG D 65 -41.26 12.63 -17.62
N LYS D 66 -41.48 11.31 -17.49
CA LYS D 66 -42.64 10.82 -16.76
C LYS D 66 -42.46 11.05 -15.26
N SER D 67 -41.27 10.72 -14.73
CA SER D 67 -41.00 10.83 -13.30
C SER D 67 -40.90 12.28 -12.81
N GLY D 68 -40.75 13.24 -13.72
CA GLY D 68 -40.54 14.61 -13.33
C GLY D 68 -39.13 14.98 -12.92
N LEU D 69 -38.17 14.05 -13.01
CA LEU D 69 -36.83 14.28 -12.50
C LEU D 69 -36.13 15.39 -13.28
N LEU D 70 -35.36 16.21 -12.56
CA LEU D 70 -34.57 17.26 -13.19
C LEU D 70 -33.43 16.64 -13.99
N VAL D 71 -33.35 16.97 -15.27
CA VAL D 71 -32.47 16.28 -16.20
C VAL D 71 -31.14 17.00 -16.30
N ALA D 72 -30.07 16.30 -15.96
CA ALA D 72 -28.71 16.73 -16.26
C ALA D 72 -28.12 15.77 -17.27
N VAL D 73 -27.55 16.31 -18.35
CA VAL D 73 -26.94 15.51 -19.40
C VAL D 73 -25.43 15.67 -19.30
N ARG D 74 -24.70 14.55 -19.42
CA ARG D 74 -23.26 14.54 -19.22
C ARG D 74 -22.58 13.82 -20.38
N GLY D 75 -21.72 14.55 -21.08
CA GLY D 75 -20.79 14.00 -22.04
C GLY D 75 -19.43 13.81 -21.39
N GLY D 76 -18.59 14.83 -21.45
CA GLY D 76 -17.29 14.74 -20.82
C GLY D 76 -17.21 15.27 -19.41
N GLY D 77 -18.24 15.98 -18.95
CA GLY D 77 -18.25 16.52 -17.61
C GLY D 77 -17.36 17.72 -17.38
N HIS D 78 -16.98 18.44 -18.42
CA HIS D 78 -16.10 19.59 -18.28
C HIS D 78 -16.84 20.92 -18.20
N SER D 79 -18.17 20.89 -18.03
CA SER D 79 -18.96 22.11 -17.98
C SER D 79 -18.44 23.04 -16.89
N MET D 80 -18.06 24.25 -17.28
CA MET D 80 -17.55 25.22 -16.33
C MET D 80 -18.65 25.88 -15.51
N ALA D 81 -19.92 25.60 -15.83
CA ALA D 81 -21.04 26.02 -15.01
C ALA D 81 -21.59 24.87 -14.15
N GLY D 82 -21.01 23.68 -14.27
CA GLY D 82 -21.46 22.56 -13.47
C GLY D 82 -22.76 21.93 -13.93
N HIS D 83 -23.12 22.10 -15.20
CA HIS D 83 -24.42 21.64 -15.70
C HIS D 83 -24.55 20.13 -15.82
N SER D 84 -23.46 19.36 -15.77
CA SER D 84 -23.56 17.93 -16.04
C SER D 84 -23.83 17.09 -14.79
N VAL D 85 -24.15 17.71 -13.66
CA VAL D 85 -24.62 16.99 -12.48
C VAL D 85 -25.66 17.86 -11.79
N CYS D 86 -26.62 17.21 -11.11
CA CYS D 86 -27.74 17.91 -10.52
C CYS D 86 -28.08 17.34 -9.15
N ASP D 87 -28.70 18.16 -8.31
CA ASP D 87 -29.26 17.70 -7.05
C ASP D 87 -30.65 17.12 -7.26
N GLY D 88 -30.86 15.88 -6.84
CA GLY D 88 -32.19 15.30 -6.83
C GLY D 88 -32.79 14.97 -8.17
N GLY D 89 -32.04 15.11 -9.27
CA GLY D 89 -32.50 14.76 -10.58
C GLY D 89 -31.88 13.49 -11.10
N ILE D 90 -31.86 13.37 -12.43
CA ILE D 90 -31.24 12.23 -13.10
C ILE D 90 -30.08 12.75 -13.93
N VAL D 91 -28.95 12.06 -13.89
CA VAL D 91 -27.82 12.34 -14.75
C VAL D 91 -27.90 11.40 -15.95
N ILE D 92 -28.24 11.93 -17.11
CA ILE D 92 -28.14 11.12 -18.32
C ILE D 92 -26.68 11.14 -18.76
N ASP D 93 -25.93 10.18 -18.24
CA ASP D 93 -24.49 10.08 -18.43
C ASP D 93 -24.21 9.35 -19.74
N LEU D 94 -23.49 10.01 -20.64
CA LEU D 94 -23.15 9.44 -21.93
C LEU D 94 -21.72 8.90 -21.99
N SER D 95 -20.99 8.95 -20.87
CA SER D 95 -19.54 8.70 -20.89
C SER D 95 -19.20 7.34 -21.47
N LEU D 96 -20.12 6.38 -21.40
CA LEU D 96 -19.87 5.06 -21.97
C LEU D 96 -20.20 4.97 -23.45
N MET D 97 -20.84 6.00 -24.01
CA MET D 97 -21.15 6.02 -25.44
C MET D 97 -20.00 6.73 -26.15
N ASN D 98 -18.93 5.95 -26.35
CA ASN D 98 -17.60 6.43 -26.71
C ASN D 98 -17.21 6.06 -28.13
N SER D 99 -18.10 5.44 -28.89
CA SER D 99 -17.70 4.70 -30.08
C SER D 99 -17.61 5.60 -31.31
N ILE D 100 -16.68 5.25 -32.18
CA ILE D 100 -16.32 6.06 -33.34
C ILE D 100 -16.20 5.17 -34.55
N LYS D 101 -16.71 5.64 -35.69
CA LYS D 101 -16.52 5.01 -36.98
C LYS D 101 -15.90 6.04 -37.90
N VAL D 102 -14.73 5.73 -38.46
CA VAL D 102 -14.04 6.61 -39.39
C VAL D 102 -13.98 5.93 -40.75
N SER D 103 -14.38 6.66 -41.79
CA SER D 103 -14.18 6.26 -43.17
C SER D 103 -13.03 7.08 -43.71
N ARG D 104 -11.91 6.42 -44.02
CA ARG D 104 -10.79 7.17 -44.58
C ARG D 104 -11.07 7.59 -46.02
N ARG D 105 -11.76 6.75 -46.79
CA ARG D 105 -12.04 7.10 -48.17
C ARG D 105 -13.03 8.27 -48.26
N LEU D 106 -14.05 8.28 -47.39
CA LEU D 106 -15.04 9.35 -47.39
C LEU D 106 -14.63 10.56 -46.56
N ARG D 107 -13.54 10.46 -45.79
CA ARG D 107 -13.10 11.52 -44.89
C ARG D 107 -14.24 11.96 -43.97
N ARG D 108 -14.76 10.98 -43.24
CA ARG D 108 -15.98 11.16 -42.47
C ARG D 108 -15.87 10.38 -41.17
N ALA D 109 -16.31 10.98 -40.08
CA ALA D 109 -16.30 10.34 -38.77
C ALA D 109 -17.68 10.45 -38.14
N ARG D 110 -18.15 9.35 -37.57
CA ARG D 110 -19.38 9.29 -36.82
C ARG D 110 -19.02 8.95 -35.37
N ALA D 111 -19.33 9.86 -34.45
CA ALA D 111 -18.94 9.73 -33.05
C ALA D 111 -20.18 9.83 -32.17
N GLN D 112 -20.28 8.93 -31.20
CA GLN D 112 -21.35 9.02 -30.22
C GLN D 112 -21.15 10.23 -29.32
N GLY D 113 -22.23 10.67 -28.68
CA GLY D 113 -22.24 11.91 -27.91
C GLY D 113 -21.44 11.88 -26.62
N GLY D 114 -21.01 10.71 -26.16
CA GLY D 114 -20.19 10.62 -24.97
C GLY D 114 -18.70 10.61 -25.21
N CYS D 115 -18.25 10.74 -26.45
CA CYS D 115 -16.83 10.63 -26.76
C CYS D 115 -16.02 11.71 -26.06
N LEU D 116 -14.84 11.32 -25.59
CA LEU D 116 -13.82 12.31 -25.27
C LEU D 116 -13.06 12.69 -26.53
N LEU D 117 -12.46 13.88 -26.52
CA LEU D 117 -11.75 14.36 -27.71
C LEU D 117 -10.62 13.42 -28.09
N GLY D 118 -9.89 12.88 -27.10
CA GLY D 118 -8.72 12.08 -27.39
C GLY D 118 -9.03 10.76 -28.08
N ALA D 119 -10.18 10.17 -27.75
CA ALA D 119 -10.60 8.97 -28.48
C ALA D 119 -10.97 9.32 -29.91
N PHE D 120 -11.60 10.48 -30.12
CA PHE D 120 -11.95 10.91 -31.46
C PHE D 120 -10.69 11.17 -32.28
N ASP D 121 -9.76 11.97 -31.77
CA ASP D 121 -8.57 12.27 -32.54
C ASP D 121 -7.70 11.03 -32.74
N THR D 122 -7.72 10.08 -31.81
CA THR D 122 -6.97 8.84 -32.03
C THR D 122 -7.54 8.08 -33.22
N ALA D 123 -8.87 7.97 -33.29
CA ALA D 123 -9.50 7.21 -34.37
C ALA D 123 -9.26 7.87 -35.73
N THR D 124 -9.45 9.19 -35.80
CA THR D 124 -9.24 9.87 -37.08
C THR D 124 -7.76 9.90 -37.45
N GLN D 125 -6.87 10.03 -36.47
CA GLN D 125 -5.45 10.11 -36.78
C GLN D 125 -4.83 8.75 -37.12
N ALA D 126 -5.57 7.65 -36.93
CA ALA D 126 -5.14 6.39 -37.55
C ALA D 126 -5.02 6.54 -39.06
N HIS D 127 -5.84 7.42 -39.66
CA HIS D 127 -5.88 7.62 -41.10
C HIS D 127 -5.27 8.97 -41.49
N MET D 128 -4.44 9.54 -40.62
CA MET D 128 -3.94 10.92 -40.73
C MET D 128 -5.05 11.92 -41.03
N LEU D 129 -6.21 11.70 -40.42
CA LEU D 129 -7.32 12.63 -40.56
C LEU D 129 -7.57 13.33 -39.24
N ALA D 130 -8.38 14.38 -39.31
CA ALA D 130 -8.67 15.22 -38.14
C ALA D 130 -9.76 16.20 -38.51
N THR D 131 -10.42 16.73 -37.49
CA THR D 131 -11.36 17.82 -37.62
C THR D 131 -11.27 18.67 -36.36
N PRO D 132 -11.63 19.95 -36.43
CA PRO D 132 -11.36 20.86 -35.29
C PRO D 132 -12.05 20.43 -34.00
N ALA D 133 -11.35 20.67 -32.89
CA ALA D 133 -11.88 20.44 -31.55
C ALA D 133 -10.97 21.14 -30.55
N GLY D 134 -11.39 21.12 -29.29
CA GLY D 134 -10.63 21.73 -28.21
C GLY D 134 -9.25 21.10 -28.04
N THR D 135 -8.47 21.73 -27.15
CA THR D 135 -7.04 21.44 -27.03
C THR D 135 -6.71 20.44 -25.92
N VAL D 136 -7.65 20.09 -25.06
CA VAL D 136 -7.40 19.20 -23.94
C VAL D 136 -8.14 17.88 -24.18
N SER D 137 -7.40 16.77 -24.10
CA SER D 137 -7.86 15.50 -24.67
C SER D 137 -9.12 14.94 -23.99
N HIS D 138 -9.28 15.16 -22.68
CA HIS D 138 -10.36 14.52 -21.94
C HIS D 138 -11.62 15.36 -21.87
N THR D 139 -11.66 16.50 -22.56
CA THR D 139 -12.91 17.23 -22.72
C THR D 139 -13.89 16.36 -23.51
N GLY D 140 -15.16 16.43 -23.12
CA GLY D 140 -16.19 15.73 -23.87
C GLY D 140 -16.47 16.42 -25.20
N LEU D 141 -16.57 15.62 -26.25
CA LEU D 141 -16.91 16.16 -27.56
C LEU D 141 -18.33 16.71 -27.58
N GLY D 142 -19.23 16.15 -26.78
CA GLY D 142 -20.63 16.49 -26.83
C GLY D 142 -20.92 17.94 -26.47
N GLY D 143 -20.51 18.36 -25.28
CA GLY D 143 -20.69 19.75 -24.90
C GLY D 143 -19.88 20.70 -25.74
N LEU D 144 -18.65 20.32 -26.08
CA LEU D 144 -17.77 21.21 -26.85
C LEU D 144 -18.36 21.52 -28.22
N VAL D 145 -18.76 20.49 -28.95
CA VAL D 145 -19.30 20.71 -30.30
C VAL D 145 -20.59 21.53 -30.22
N LEU D 146 -21.52 21.12 -29.35
CA LEU D 146 -22.82 21.80 -29.29
C LEU D 146 -22.69 23.27 -28.95
N GLY D 147 -21.61 23.67 -28.28
CA GLY D 147 -21.38 25.08 -28.06
C GLY D 147 -20.59 25.77 -29.14
N GLY D 148 -20.16 25.03 -30.17
CA GLY D 148 -19.36 25.60 -31.24
C GLY D 148 -18.04 24.88 -31.44
N GLY D 149 -17.15 24.99 -30.44
CA GLY D 149 -15.89 24.26 -30.42
C GLY D 149 -14.77 24.86 -31.25
N PHE D 150 -13.72 25.37 -30.60
CA PHE D 150 -12.54 25.83 -31.32
C PHE D 150 -11.26 25.21 -30.74
N GLY D 151 -10.24 25.18 -31.58
CA GLY D 151 -8.97 24.61 -31.20
C GLY D 151 -7.90 24.85 -32.26
N TRP D 152 -6.87 23.98 -32.25
CA TRP D 152 -5.68 24.22 -33.05
C TRP D 152 -5.98 24.30 -34.54
N LEU D 153 -6.95 23.51 -35.02
CA LEU D 153 -7.31 23.50 -36.43
C LEU D 153 -8.37 24.53 -36.79
N SER D 154 -8.78 25.38 -35.86
CA SER D 154 -9.97 26.20 -36.10
C SER D 154 -9.68 27.32 -37.12
N ARG D 155 -8.52 27.97 -37.00
CA ARG D 155 -8.22 29.03 -37.96
C ARG D 155 -8.15 28.48 -39.39
N LYS D 156 -7.73 27.24 -39.56
CA LYS D 156 -7.64 26.62 -40.87
C LYS D 156 -8.95 25.97 -41.34
N TYR D 157 -9.73 25.38 -40.43
CA TYR D 157 -10.86 24.54 -40.84
C TYR D 157 -12.19 24.85 -40.14
N GLY D 158 -12.27 25.94 -39.38
CA GLY D 158 -13.52 26.39 -38.81
C GLY D 158 -13.74 25.86 -37.40
N LEU D 159 -14.94 26.14 -36.88
CA LEU D 159 -15.34 25.54 -35.63
C LEU D 159 -15.67 24.07 -35.84
N SER D 160 -15.69 23.31 -34.74
CA SER D 160 -16.18 21.95 -34.81
C SER D 160 -17.53 21.89 -35.55
N ILE D 161 -18.42 22.84 -35.27
CA ILE D 161 -19.73 22.84 -35.90
C ILE D 161 -19.63 23.13 -37.39
N ASP D 162 -18.58 23.82 -37.82
CA ASP D 162 -18.43 24.11 -39.25
C ASP D 162 -18.08 22.87 -40.05
N ASN D 163 -17.79 21.76 -39.38
CA ASN D 163 -17.49 20.50 -40.02
C ASN D 163 -18.52 19.43 -39.72
N LEU D 164 -19.59 19.78 -39.01
CA LEU D 164 -20.65 18.87 -38.64
C LEU D 164 -21.68 18.81 -39.76
N THR D 165 -22.10 17.58 -40.10
CA THR D 165 -23.04 17.38 -41.19
C THR D 165 -24.38 16.81 -40.75
N SER D 166 -24.43 16.09 -39.63
CA SER D 166 -25.70 15.59 -39.12
C SER D 166 -25.51 15.20 -37.67
N VAL D 167 -26.63 15.08 -36.97
CA VAL D 167 -26.66 14.55 -35.62
C VAL D 167 -27.82 13.57 -35.52
N GLU D 168 -27.65 12.56 -34.68
CA GLU D 168 -28.78 11.81 -34.15
C GLU D 168 -29.07 12.38 -32.78
N ILE D 169 -30.33 12.77 -32.55
CA ILE D 169 -30.69 13.49 -31.34
C ILE D 169 -31.97 12.91 -30.78
N VAL D 170 -32.02 12.79 -29.46
CA VAL D 170 -33.20 12.31 -28.74
C VAL D 170 -33.88 13.55 -28.18
N THR D 171 -35.10 13.83 -28.66
CA THR D 171 -35.83 15.01 -28.20
C THR D 171 -36.57 14.69 -26.88
N ALA D 172 -37.17 15.74 -26.30
CA ALA D 172 -37.74 15.64 -24.96
C ALA D 172 -38.91 14.68 -24.89
N ASP D 173 -39.67 14.55 -25.97
CA ASP D 173 -40.76 13.58 -26.02
C ASP D 173 -40.26 12.16 -26.19
N GLY D 174 -38.95 11.95 -26.30
CA GLY D 174 -38.40 10.63 -26.44
C GLY D 174 -38.21 10.16 -27.86
N GLY D 175 -38.62 10.96 -28.84
CA GLY D 175 -38.41 10.56 -30.23
C GLY D 175 -36.96 10.76 -30.65
N VAL D 176 -36.52 9.92 -31.59
CA VAL D 176 -35.19 10.01 -32.19
C VAL D 176 -35.32 10.71 -33.53
N LEU D 177 -34.52 11.75 -33.73
CA LEU D 177 -34.51 12.49 -34.98
C LEU D 177 -33.10 12.52 -35.55
N THR D 178 -33.03 12.60 -36.88
CA THR D 178 -31.83 13.04 -37.58
C THR D 178 -32.01 14.51 -37.92
N ALA D 179 -30.96 15.30 -37.70
CA ALA D 179 -30.93 16.71 -38.03
C ALA D 179 -29.70 17.00 -38.86
N SER D 180 -29.91 17.55 -40.03
CA SER D 180 -28.83 17.84 -40.93
C SER D 180 -29.22 19.03 -41.80
N ASP D 181 -28.47 19.27 -42.84
CA ASP D 181 -28.80 20.35 -43.74
C ASP D 181 -30.06 20.12 -44.59
N THR D 182 -30.41 18.86 -44.78
CA THR D 182 -31.56 18.45 -45.52
C THR D 182 -32.64 17.71 -44.74
N GLU D 183 -32.59 17.71 -43.42
CA GLU D 183 -33.59 17.03 -42.63
C GLU D 183 -33.64 17.75 -41.31
N ASN D 184 -34.78 18.33 -40.97
CA ASN D 184 -34.99 19.21 -39.80
C ASN D 184 -33.91 20.29 -39.75
N PRO D 185 -33.89 21.19 -40.74
CA PRO D 185 -32.86 22.23 -40.79
C PRO D 185 -32.87 23.17 -39.58
N ASP D 186 -34.06 23.53 -39.09
CA ASP D 186 -34.14 24.43 -37.95
C ASP D 186 -33.47 23.84 -36.72
N LEU D 187 -33.61 22.53 -36.52
CA LEU D 187 -32.91 21.87 -35.42
C LEU D 187 -31.42 21.77 -35.70
N PHE D 188 -31.06 21.55 -36.96
CA PHE D 188 -29.63 21.46 -37.29
C PHE D 188 -28.95 22.81 -37.12
N TRP D 189 -29.66 23.90 -37.42
CA TRP D 189 -29.14 25.22 -37.11
C TRP D 189 -28.97 25.41 -35.61
N ALA D 190 -29.85 24.81 -34.80
CA ALA D 190 -29.90 25.13 -33.38
C ALA D 190 -28.86 24.37 -32.57
N VAL D 191 -28.60 23.10 -32.89
CA VAL D 191 -27.60 22.35 -32.16
C VAL D 191 -26.19 22.85 -32.46
N ARG D 192 -26.01 23.55 -33.58
CA ARG D 192 -24.70 24.06 -33.97
C ARG D 192 -24.44 25.40 -33.28
N GLY D 193 -24.22 25.32 -31.97
CA GLY D 193 -23.96 26.48 -31.14
C GLY D 193 -24.97 26.70 -30.02
N GLY D 194 -26.09 25.98 -30.00
CA GLY D 194 -27.12 26.20 -28.99
C GLY D 194 -27.13 25.17 -27.88
N GLY D 195 -26.01 24.50 -27.64
CA GLY D 195 -25.89 23.58 -26.51
C GLY D 195 -26.89 22.43 -26.55
N GLY D 196 -27.07 21.83 -25.38
CA GLY D 196 -27.97 20.70 -25.22
C GLY D 196 -29.41 21.11 -24.99
N ASN D 197 -29.75 22.32 -25.39
CA ASN D 197 -31.09 22.88 -25.17
C ASN D 197 -32.19 22.13 -25.93
N PHE D 198 -31.85 21.28 -26.88
CA PHE D 198 -32.86 20.77 -27.81
C PHE D 198 -32.91 19.25 -27.85
N GLY D 199 -32.27 18.57 -26.92
CA GLY D 199 -32.26 17.12 -26.91
C GLY D 199 -30.87 16.56 -26.65
N VAL D 200 -30.80 15.27 -26.38
CA VAL D 200 -29.52 14.59 -26.18
C VAL D 200 -29.02 14.09 -27.54
N VAL D 201 -27.86 14.57 -27.96
CA VAL D 201 -27.27 14.18 -29.23
C VAL D 201 -26.49 12.89 -29.00
N THR D 202 -26.97 11.80 -29.57
CA THR D 202 -26.35 10.50 -29.37
C THR D 202 -25.30 10.14 -30.41
N ALA D 203 -25.16 10.94 -31.48
CA ALA D 203 -24.15 10.68 -32.49
C ALA D 203 -23.94 11.93 -33.33
N PHE D 204 -22.67 12.30 -33.53
CA PHE D 204 -22.25 13.40 -34.40
C PHE D 204 -21.57 12.82 -35.66
N GLU D 205 -21.78 13.46 -36.80
CA GLU D 205 -21.07 13.14 -38.03
C GLU D 205 -20.26 14.35 -38.48
N PHE D 206 -18.97 14.14 -38.80
CA PHE D 206 -18.06 15.21 -39.17
C PHE D 206 -17.39 14.93 -40.50
N ASP D 207 -17.23 15.99 -41.31
CA ASP D 207 -16.22 15.97 -42.36
C ASP D 207 -14.83 16.04 -41.74
N LEU D 208 -13.87 15.36 -42.35
CA LEU D 208 -12.51 15.34 -41.85
C LEU D 208 -11.54 15.88 -42.89
N HIS D 209 -10.35 16.25 -42.42
CA HIS D 209 -9.30 16.82 -43.24
C HIS D 209 -8.01 16.06 -42.99
N ARG D 210 -7.11 16.10 -43.97
CA ARG D 210 -5.81 15.45 -43.82
C ARG D 210 -4.83 16.42 -43.16
N VAL D 211 -4.34 16.04 -41.98
CA VAL D 211 -3.42 16.87 -41.20
C VAL D 211 -2.18 16.03 -40.93
N GLY D 212 -1.11 16.29 -41.68
CA GLY D 212 0.15 15.63 -41.44
C GLY D 212 0.89 16.22 -40.26
N PRO D 213 2.20 16.01 -40.21
CA PRO D 213 2.99 16.53 -39.08
C PRO D 213 2.88 18.03 -38.94
N VAL D 214 2.76 18.48 -37.70
CA VAL D 214 2.56 19.89 -37.36
C VAL D 214 3.83 20.39 -36.68
N ARG D 215 4.42 21.46 -37.22
CA ARG D 215 5.55 22.10 -36.55
C ARG D 215 5.01 22.93 -35.40
N PHE D 216 5.50 22.67 -34.20
CA PHE D 216 4.91 23.19 -32.98
C PHE D 216 6.01 23.82 -32.13
N ALA D 217 5.65 24.86 -31.40
CA ALA D 217 6.59 25.53 -30.52
C ALA D 217 5.85 26.02 -29.29
N SER D 218 6.51 25.89 -28.14
CA SER D 218 6.02 26.43 -26.87
C SER D 218 7.21 27.04 -26.15
N THR D 219 7.00 28.22 -25.57
CA THR D 219 8.06 28.91 -24.86
C THR D 219 7.41 29.90 -23.89
N TYR D 220 8.24 30.43 -22.99
CA TYR D 220 7.77 31.32 -21.93
C TYR D 220 8.57 32.61 -21.95
N TYR D 221 7.89 33.74 -21.88
CA TYR D 221 8.52 35.04 -21.78
C TYR D 221 8.37 35.59 -20.38
N SER D 222 9.38 36.31 -19.92
CA SER D 222 9.28 37.02 -18.65
C SER D 222 8.25 38.15 -18.76
N LEU D 223 7.61 38.45 -17.64
CA LEU D 223 6.53 39.43 -17.66
C LEU D 223 7.05 40.83 -18.01
N ASP D 224 8.30 41.16 -17.65
CA ASP D 224 8.76 42.51 -17.95
C ASP D 224 8.92 42.75 -19.45
N GLU D 225 8.98 41.69 -20.25
CA GLU D 225 8.86 41.82 -21.70
C GLU D 225 7.43 41.61 -22.17
N GLY D 226 6.47 41.51 -21.24
CA GLY D 226 5.07 41.34 -21.55
C GLY D 226 4.51 42.34 -22.55
N PRO D 227 4.72 43.64 -22.29
CA PRO D 227 4.20 44.66 -23.24
C PRO D 227 4.57 44.38 -24.68
N GLN D 228 5.85 44.15 -24.99
CA GLN D 228 6.22 43.97 -26.39
C GLN D 228 5.71 42.64 -26.94
N VAL D 229 5.73 41.59 -26.13
CA VAL D 229 5.27 40.28 -26.62
C VAL D 229 3.80 40.34 -27.02
N ILE D 230 2.93 40.82 -26.12
CA ILE D 230 1.51 40.81 -26.43
C ILE D 230 1.20 41.75 -27.59
N ARG D 231 1.92 42.87 -27.67
CA ARG D 231 1.70 43.78 -28.79
C ARG D 231 2.15 43.16 -30.11
N ALA D 232 3.27 42.41 -30.09
CA ALA D 232 3.69 41.69 -31.29
C ALA D 232 2.66 40.65 -31.70
N TRP D 233 2.16 39.86 -30.73
CA TRP D 233 1.10 38.90 -30.98
C TRP D 233 -0.11 39.55 -31.63
N ARG D 234 -0.60 40.63 -31.01
CA ARG D 234 -1.79 41.33 -31.49
C ARG D 234 -1.61 41.81 -32.93
N ASP D 235 -0.48 42.48 -33.19
CA ASP D 235 -0.25 43.03 -34.53
C ASP D 235 -0.11 41.91 -35.56
N HIS D 236 0.60 40.85 -35.21
CA HIS D 236 0.86 39.81 -36.20
C HIS D 236 -0.41 39.06 -36.58
N MET D 237 -1.20 38.65 -35.58
CA MET D 237 -2.34 37.79 -35.88
C MET D 237 -3.38 38.49 -36.74
N ALA D 238 -3.48 39.83 -36.64
CA ALA D 238 -4.41 40.59 -37.46
C ALA D 238 -4.21 40.34 -38.95
N THR D 239 -3.01 39.89 -39.35
CA THR D 239 -2.69 39.69 -40.75
C THR D 239 -2.19 38.28 -41.05
N ALA D 240 -2.09 37.41 -40.05
CA ALA D 240 -1.39 36.15 -40.22
C ALA D 240 -2.17 35.19 -41.11
N PRO D 241 -1.46 34.29 -41.80
CA PRO D 241 -2.16 33.25 -42.58
C PRO D 241 -2.96 32.31 -41.70
N ASP D 242 -4.01 31.72 -42.29
CA ASP D 242 -4.86 30.77 -41.60
C ASP D 242 -4.07 29.64 -40.97
N GLU D 243 -2.97 29.25 -41.59
CA GLU D 243 -2.21 28.08 -41.16
C GLU D 243 -1.51 28.29 -39.83
N LEU D 244 -1.29 29.54 -39.44
CA LEU D 244 -0.63 29.84 -38.17
C LEU D 244 -1.68 29.97 -37.07
N THR D 245 -1.42 29.29 -35.95
CA THR D 245 -2.18 29.53 -34.73
C THR D 245 -1.19 29.85 -33.63
N TRP D 246 -1.51 30.88 -32.85
CA TRP D 246 -0.64 31.38 -31.79
C TRP D 246 -1.53 31.78 -30.62
N ALA D 247 -1.23 31.23 -29.44
CA ALA D 247 -2.01 31.48 -28.24
C ALA D 247 -1.08 31.91 -27.12
N LEU D 248 -1.61 32.73 -26.20
CA LEU D 248 -0.84 33.26 -25.08
C LEU D 248 -1.56 32.91 -23.79
N TYR D 249 -0.85 32.23 -22.89
CA TYR D 249 -1.39 31.85 -21.58
C TYR D 249 -0.53 32.49 -20.50
N LEU D 250 -1.09 33.45 -19.78
CA LEU D 250 -0.38 34.10 -18.70
C LEU D 250 -0.54 33.25 -17.44
N ARG D 251 0.59 32.75 -16.93
CA ARG D 251 0.63 31.73 -15.89
C ARG D 251 1.72 32.08 -14.90
N LEU D 252 1.81 31.28 -13.84
CA LEU D 252 3.10 31.12 -13.18
C LEU D 252 3.90 30.10 -13.96
N ALA D 253 5.21 30.29 -14.00
CA ALA D 253 6.04 29.38 -14.76
C ALA D 253 6.19 28.05 -14.01
N PRO D 254 6.00 26.92 -14.68
CA PRO D 254 6.06 25.64 -13.97
C PRO D 254 7.49 25.31 -13.58
N PRO D 255 7.69 24.56 -12.50
CA PRO D 255 9.05 24.14 -12.11
C PRO D 255 9.58 23.03 -13.01
N LEU D 256 9.89 23.40 -14.27
CA LEU D 256 10.31 22.50 -15.33
C LEU D 256 11.80 22.63 -15.60
N PRO D 257 12.48 21.53 -15.96
CA PRO D 257 13.94 21.63 -16.16
C PRO D 257 14.33 22.58 -17.27
N GLU D 258 13.47 22.76 -18.27
CA GLU D 258 13.79 23.64 -19.40
C GLU D 258 13.72 25.12 -19.04
N LEU D 259 13.19 25.47 -17.87
CA LEU D 259 13.06 26.85 -17.44
C LEU D 259 14.04 27.15 -16.32
N PRO D 260 14.74 28.28 -16.39
CA PRO D 260 15.71 28.62 -15.33
C PRO D 260 15.03 28.63 -13.96
N ALA D 261 15.69 28.01 -12.99
CA ALA D 261 15.11 27.85 -11.66
C ALA D 261 14.56 29.17 -11.13
N ASP D 262 15.26 30.27 -11.41
CA ASP D 262 14.85 31.59 -10.94
C ASP D 262 13.52 32.05 -11.53
N MET D 263 13.02 31.39 -12.58
CA MET D 263 11.70 31.71 -13.11
C MET D 263 10.59 30.89 -12.50
N HIS D 264 10.92 29.80 -11.81
CA HIS D 264 9.91 28.90 -11.24
C HIS D 264 8.92 29.69 -10.39
N GLY D 265 7.64 29.40 -10.59
CA GLY D 265 6.58 29.98 -9.79
C GLY D 265 6.37 31.47 -9.96
N LYS D 266 7.00 32.10 -10.94
CA LYS D 266 6.79 33.53 -11.09
C LYS D 266 5.99 33.83 -12.35
N PRO D 267 5.20 34.91 -12.35
CA PRO D 267 4.31 35.17 -13.49
C PRO D 267 5.07 35.35 -14.79
N VAL D 268 4.61 34.63 -15.82
CA VAL D 268 5.24 34.62 -17.13
C VAL D 268 4.15 34.64 -18.19
N ILE D 269 4.56 34.61 -19.45
CA ILE D 269 3.68 34.42 -20.58
C ILE D 269 4.09 33.13 -21.28
N CYS D 270 3.21 32.14 -21.27
CA CYS D 270 3.41 30.92 -22.03
C CYS D 270 2.83 31.14 -23.43
N ALA D 271 3.67 31.04 -24.45
CA ALA D 271 3.28 31.27 -25.84
C ALA D 271 3.34 29.95 -26.58
N MET D 272 2.18 29.46 -27.01
CA MET D 272 2.07 28.20 -27.74
C MET D 272 1.63 28.50 -29.15
N SER D 273 2.29 27.87 -30.12
CA SER D 273 1.95 28.13 -31.51
C SER D 273 2.29 26.93 -32.38
N CYS D 274 1.72 26.95 -33.58
CA CYS D 274 1.87 25.84 -34.50
C CYS D 274 1.52 26.30 -35.91
N TRP D 275 1.93 25.50 -36.88
CA TRP D 275 1.64 25.74 -38.29
C TRP D 275 0.97 24.51 -38.86
N ILE D 276 -0.27 24.67 -39.35
CA ILE D 276 -1.04 23.55 -39.88
C ILE D 276 -0.75 23.49 -41.38
N GLY D 277 0.23 22.68 -41.73
CA GLY D 277 0.69 22.55 -43.11
C GLY D 277 2.11 22.01 -43.14
N ASP D 278 2.83 22.40 -44.17
CA ASP D 278 4.18 21.92 -44.38
C ASP D 278 5.08 22.36 -43.23
N PRO D 279 5.83 21.43 -42.61
CA PRO D 279 6.67 21.81 -41.47
C PRO D 279 7.90 22.65 -41.83
N HIS D 280 8.36 22.64 -43.09
CA HIS D 280 9.45 23.55 -43.45
C HIS D 280 8.94 24.98 -43.53
N GLU D 281 7.78 25.18 -44.14
CA GLU D 281 7.08 26.46 -44.03
C GLU D 281 6.84 26.81 -42.56
N GLY D 282 6.39 25.81 -41.78
CA GLY D 282 6.13 26.06 -40.37
C GLY D 282 7.34 26.56 -39.62
N GLU D 283 8.49 25.89 -39.81
CA GLU D 283 9.70 26.29 -39.08
C GLU D 283 10.06 27.74 -39.36
N ARG D 284 9.76 28.22 -40.56
CA ARG D 284 10.03 29.62 -40.88
C ARG D 284 8.98 30.55 -40.29
N GLN D 285 7.71 30.18 -40.38
CA GLN D 285 6.65 31.01 -39.82
C GLN D 285 6.77 31.12 -38.30
N LEU D 286 7.27 30.08 -37.64
CA LEU D 286 7.37 30.10 -36.18
C LEU D 286 8.60 30.86 -35.72
N GLU D 287 9.74 30.68 -36.39
CA GLU D 287 10.97 31.29 -35.93
C GLU D 287 10.98 32.80 -36.11
N SER D 288 10.09 33.33 -36.94
CA SER D 288 9.99 34.77 -37.11
C SER D 288 9.39 35.44 -35.88
N ILE D 289 8.49 34.75 -35.19
CA ILE D 289 7.69 35.34 -34.12
C ILE D 289 8.07 34.82 -32.75
N LEU D 290 8.93 33.81 -32.66
CA LEU D 290 9.31 33.26 -31.37
C LEU D 290 10.18 34.22 -30.56
N HIS D 291 10.78 35.21 -31.23
CA HIS D 291 11.71 36.14 -30.59
C HIS D 291 11.10 37.54 -30.45
N ALA D 292 9.80 37.59 -30.16
CA ALA D 292 9.21 38.85 -29.71
C ALA D 292 9.74 39.26 -28.34
N GLY D 293 10.16 38.27 -27.54
CA GLY D 293 10.95 38.48 -26.34
C GLY D 293 12.02 37.40 -26.30
N LYS D 294 12.69 37.20 -25.15
CA LYS D 294 13.63 36.10 -25.03
C LYS D 294 12.88 34.82 -24.70
N PRO D 295 12.85 33.85 -25.62
CA PRO D 295 12.07 32.63 -25.39
C PRO D 295 12.73 31.65 -24.43
N HIS D 296 12.29 31.63 -23.17
CA HIS D 296 12.80 30.70 -22.18
C HIS D 296 12.06 29.37 -22.25
N GLY D 297 12.78 28.30 -21.93
CA GLY D 297 12.19 26.97 -21.98
C GLY D 297 11.63 26.62 -23.34
N LEU D 298 12.30 27.04 -24.41
CA LEU D 298 11.76 26.87 -25.74
C LEU D 298 11.76 25.40 -26.14
N THR D 299 10.62 24.93 -26.64
CA THR D 299 10.41 23.56 -27.09
C THR D 299 9.90 23.59 -28.52
N LYS D 300 10.60 22.92 -29.42
CA LYS D 300 10.23 22.90 -30.84
C LYS D 300 10.22 21.46 -31.33
N ALA D 301 9.06 21.01 -31.82
CA ALA D 301 8.93 19.65 -32.29
C ALA D 301 8.09 19.60 -33.56
N THR D 302 8.38 18.60 -34.39
CA THR D 302 7.45 18.17 -35.42
C THR D 302 6.60 17.05 -34.84
N LEU D 303 5.29 17.26 -34.78
CA LEU D 303 4.41 16.38 -34.03
C LEU D 303 3.28 15.88 -34.93
N PRO D 304 2.92 14.60 -34.84
CA PRO D 304 1.61 14.19 -35.35
C PRO D 304 0.54 15.00 -34.63
N TYR D 305 -0.53 15.29 -35.35
CA TYR D 305 -1.54 16.19 -34.80
C TYR D 305 -2.15 15.65 -33.51
N ARG D 306 -2.18 14.32 -33.35
CA ARG D 306 -2.70 13.75 -32.11
C ARG D 306 -1.79 14.07 -30.92
N ALA D 307 -0.48 14.15 -31.16
CA ALA D 307 0.42 14.58 -30.08
C ALA D 307 0.19 16.05 -29.73
N LEU D 308 -0.09 16.88 -30.74
CA LEU D 308 -0.40 18.29 -30.49
C LEU D 308 -1.68 18.43 -29.69
N GLN D 309 -2.69 17.61 -30.00
CA GLN D 309 -3.93 17.61 -29.22
C GLN D 309 -3.69 17.14 -27.80
N ALA D 310 -2.76 16.22 -27.61
CA ALA D 310 -2.48 15.66 -26.30
C ALA D 310 -1.52 16.52 -25.49
N TYR D 311 -0.98 17.59 -26.07
CA TYR D 311 0.09 18.31 -25.38
C TYR D 311 -0.43 19.16 -24.23
N SER D 312 -1.51 19.91 -24.44
CA SER D 312 -2.00 20.83 -23.43
C SER D 312 -2.58 20.06 -22.25
N PHE D 313 -2.06 20.28 -21.05
CA PHE D 313 -0.83 21.05 -20.82
C PHE D 313 0.05 20.15 -19.94
N PRO D 314 1.37 20.25 -20.08
CA PRO D 314 2.23 19.53 -19.14
C PRO D 314 2.11 20.12 -17.75
N GLY D 315 1.82 19.28 -16.78
CA GLY D 315 1.60 19.73 -15.43
C GLY D 315 1.55 18.54 -14.50
N ALA D 316 2.06 18.68 -13.29
CA ALA D 316 2.14 17.53 -12.40
C ALA D 316 0.78 17.18 -11.82
N VAL D 317 -0.09 18.16 -11.58
CA VAL D 317 -1.31 17.98 -10.80
C VAL D 317 -2.49 18.56 -11.56
N VAL D 318 -3.60 17.82 -11.59
CA VAL D 318 -4.84 18.30 -12.20
C VAL D 318 -5.63 19.06 -11.12
N PRO D 319 -6.09 20.27 -11.42
CA PRO D 319 -6.75 21.08 -10.38
C PRO D 319 -8.17 20.63 -10.09
N ASP D 320 -8.49 20.58 -8.80
CA ASP D 320 -9.82 20.16 -8.36
C ASP D 320 -10.88 21.23 -8.57
N ARG D 321 -10.49 22.50 -8.61
CA ARG D 321 -11.40 23.59 -8.27
C ARG D 321 -11.14 24.77 -9.19
N ILE D 322 -12.16 25.20 -9.93
CA ILE D 322 -11.97 26.12 -11.05
C ILE D 322 -13.04 27.20 -11.05
N TYR D 323 -12.70 28.32 -11.69
CA TYR D 323 -13.63 29.43 -11.86
C TYR D 323 -13.17 30.25 -13.06
N THR D 324 -14.07 30.48 -14.00
CA THR D 324 -13.71 31.15 -15.24
C THR D 324 -14.62 32.34 -15.51
N LYS D 325 -14.00 33.43 -15.95
CA LYS D 325 -14.69 34.62 -16.47
C LYS D 325 -14.12 34.90 -17.84
N SER D 326 -14.97 34.92 -18.87
CA SER D 326 -14.48 35.01 -20.23
C SER D 326 -15.38 35.91 -21.08
N GLY D 327 -14.83 36.35 -22.20
CA GLY D 327 -15.55 37.20 -23.12
C GLY D 327 -14.71 37.47 -24.34
N TYR D 328 -15.37 37.99 -25.37
CA TYR D 328 -14.72 38.28 -26.64
C TYR D 328 -14.21 39.72 -26.67
N LEU D 329 -13.24 39.96 -27.55
CA LEU D 329 -12.72 41.29 -27.83
C LEU D 329 -12.71 41.51 -29.33
N ASN D 330 -13.07 42.73 -29.74
CA ASN D 330 -12.92 43.09 -31.14
C ASN D 330 -11.53 43.65 -31.43
N GLU D 331 -10.87 44.21 -30.42
CA GLU D 331 -9.52 44.74 -30.54
C GLU D 331 -8.85 44.63 -29.19
N LEU D 332 -7.54 44.42 -29.20
CA LEU D 332 -6.74 44.45 -27.99
C LEU D 332 -6.00 45.78 -28.01
N SER D 333 -6.47 46.72 -27.19
CA SER D 333 -5.82 48.01 -27.03
C SER D 333 -4.64 47.86 -26.05
N ASP D 334 -3.93 48.97 -25.84
CA ASP D 334 -2.84 48.99 -24.89
C ASP D 334 -3.34 49.06 -23.45
N GLU D 335 -4.45 49.79 -23.24
CA GLU D 335 -5.13 49.78 -21.95
C GLU D 335 -5.50 48.37 -21.54
N ALA D 336 -5.92 47.55 -22.50
CA ALA D 336 -6.26 46.17 -22.22
C ALA D 336 -5.01 45.34 -21.98
N THR D 337 -3.98 45.53 -22.82
CA THR D 337 -2.71 44.86 -22.61
C THR D 337 -2.16 45.14 -21.21
N ASP D 338 -2.06 46.42 -20.85
CA ASP D 338 -1.56 46.77 -19.53
C ASP D 338 -2.44 46.16 -18.44
N THR D 339 -3.76 46.23 -18.62
CA THR D 339 -4.68 45.59 -17.68
C THR D 339 -4.38 44.11 -17.53
N VAL D 340 -4.22 43.41 -18.66
CA VAL D 340 -3.95 41.97 -18.62
C VAL D 340 -2.70 41.69 -17.80
N LEU D 341 -1.64 42.47 -18.04
CA LEU D 341 -0.37 42.22 -17.37
C LEU D 341 -0.45 42.52 -15.87
N GLU D 342 -1.05 43.67 -15.52
CA GLU D 342 -1.32 44.01 -14.13
C GLU D 342 -1.92 42.84 -13.37
N HIS D 343 -3.01 42.29 -13.89
CA HIS D 343 -3.73 41.23 -13.20
C HIS D 343 -2.98 39.91 -13.28
N ALA D 344 -2.30 39.65 -14.40
CA ALA D 344 -1.44 38.48 -14.49
C ALA D 344 -0.39 38.47 -13.41
N ALA D 345 0.09 39.64 -13.00
CA ALA D 345 1.09 39.73 -11.94
C ALA D 345 0.56 39.27 -10.59
N ASP D 346 -0.76 39.17 -10.43
CA ASP D 346 -1.37 38.77 -9.16
C ASP D 346 -1.86 37.33 -9.17
N ILE D 347 -1.46 36.53 -10.16
CA ILE D 347 -1.76 35.11 -10.13
C ILE D 347 -1.03 34.47 -8.96
N ALA D 348 -1.78 33.78 -8.10
CA ALA D 348 -1.21 33.14 -6.92
C ALA D 348 -1.35 31.62 -6.93
N SER D 349 -2.06 31.07 -7.88
CA SER D 349 -2.22 29.65 -8.05
C SER D 349 -1.33 29.17 -9.18
N PRO D 350 -0.47 28.17 -8.97
CA PRO D 350 0.28 27.60 -10.10
C PRO D 350 -0.63 27.08 -11.21
N PHE D 351 -1.92 26.88 -10.95
CA PHE D 351 -2.85 26.31 -11.92
C PHE D 351 -3.65 27.36 -12.70
N THR D 352 -3.58 28.64 -12.32
CA THR D 352 -4.45 29.66 -12.90
C THR D 352 -3.85 30.24 -14.17
N GLN D 353 -4.68 30.36 -15.21
CA GLN D 353 -4.27 30.87 -16.52
C GLN D 353 -5.10 32.12 -16.87
N LEU D 354 -4.43 33.14 -17.39
CA LEU D 354 -5.11 34.24 -18.09
C LEU D 354 -4.86 34.04 -19.57
N GLU D 355 -5.83 33.42 -20.24
CA GLU D 355 -5.65 33.01 -21.62
C GLU D 355 -5.99 34.14 -22.57
N LEU D 356 -5.21 34.24 -23.64
CA LEU D 356 -5.43 35.20 -24.72
C LEU D 356 -5.37 34.43 -26.02
N LEU D 357 -6.52 34.20 -26.64
CA LEU D 357 -6.61 33.37 -27.82
C LEU D 357 -6.97 34.24 -29.02
N TYR D 358 -6.60 33.77 -30.21
CA TYR D 358 -6.93 34.47 -31.45
C TYR D 358 -7.58 33.48 -32.41
N LEU D 359 -8.84 33.75 -32.76
CA LEU D 359 -9.58 32.88 -33.67
C LEU D 359 -9.62 33.47 -35.06
N GLY D 360 -10.77 34.02 -35.43
CA GLY D 360 -10.94 34.54 -36.78
C GLY D 360 -10.65 33.50 -37.82
N GLY D 361 -9.90 33.91 -38.84
CA GLY D 361 -9.52 32.99 -39.89
C GLY D 361 -10.74 32.39 -40.57
N ALA D 362 -10.75 31.06 -40.69
CA ALA D 362 -11.89 30.37 -41.26
C ALA D 362 -13.13 30.47 -40.39
N VAL D 363 -12.99 30.76 -39.10
CA VAL D 363 -14.17 30.92 -38.26
C VAL D 363 -14.92 32.18 -38.66
N ALA D 364 -14.20 33.26 -38.98
CA ALA D 364 -14.84 34.52 -39.33
C ALA D 364 -15.39 34.55 -40.76
N ARG D 365 -15.10 33.54 -41.58
CA ARG D 365 -15.61 33.52 -42.94
C ARG D 365 -16.90 32.72 -43.07
N VAL D 366 -17.44 32.21 -41.97
CA VAL D 366 -18.79 31.66 -41.97
C VAL D 366 -19.74 32.80 -41.62
N PRO D 367 -20.80 33.03 -42.40
CA PRO D 367 -21.74 34.10 -42.09
C PRO D 367 -22.31 33.99 -40.68
N ASP D 368 -22.42 35.15 -40.01
CA ASP D 368 -22.89 35.19 -38.64
C ASP D 368 -24.22 34.46 -38.45
N ASP D 369 -25.01 34.32 -39.52
CA ASP D 369 -26.36 33.78 -39.42
C ASP D 369 -26.46 32.31 -39.82
N ALA D 370 -25.33 31.67 -40.17
CA ALA D 370 -25.38 30.31 -40.68
C ALA D 370 -25.44 29.23 -39.60
N THR D 371 -25.00 29.55 -38.37
CA THR D 371 -25.12 28.67 -37.22
C THR D 371 -25.67 29.49 -36.05
N ALA D 372 -25.91 28.82 -34.93
CA ALA D 372 -26.29 29.51 -33.71
C ALA D 372 -25.10 30.10 -32.98
N TYR D 373 -23.90 29.93 -33.50
CA TYR D 373 -22.70 30.40 -32.82
C TYR D 373 -22.59 31.92 -32.96
N PRO D 374 -22.57 32.67 -31.87
CA PRO D 374 -22.40 34.11 -31.97
C PRO D 374 -20.94 34.52 -31.90
N ASN D 375 -20.68 35.76 -32.32
CA ASN D 375 -19.41 36.48 -32.14
C ASN D 375 -18.32 36.04 -33.10
N ARG D 376 -18.69 35.56 -34.29
CA ARG D 376 -17.67 35.10 -35.24
C ARG D 376 -16.73 36.21 -35.70
N GLN D 377 -17.15 37.47 -35.60
CA GLN D 377 -16.34 38.58 -36.10
C GLN D 377 -15.45 39.19 -35.03
N SER D 378 -15.57 38.74 -33.78
CA SER D 378 -14.60 39.11 -32.76
C SER D 378 -13.50 38.07 -32.78
N PRO D 379 -12.25 38.43 -33.14
CA PRO D 379 -11.18 37.42 -33.19
C PRO D 379 -10.54 37.12 -31.84
N PHE D 380 -10.68 37.98 -30.83
CA PHE D 380 -9.99 37.77 -29.57
C PHE D 380 -10.91 37.13 -28.54
N VAL D 381 -10.35 36.24 -27.73
CA VAL D 381 -11.00 35.71 -26.54
C VAL D 381 -10.05 35.90 -25.38
N THR D 382 -10.56 36.46 -24.28
CA THR D 382 -9.88 36.40 -22.99
C THR D 382 -10.60 35.41 -22.11
N ASN D 383 -9.85 34.53 -21.48
CA ASN D 383 -10.38 33.59 -20.52
C ASN D 383 -9.58 33.75 -19.24
N LEU D 384 -10.21 34.28 -18.20
CA LEU D 384 -9.62 34.29 -16.86
C LEU D 384 -10.02 32.98 -16.21
N ALA D 385 -9.13 32.00 -16.26
CA ALA D 385 -9.42 30.64 -15.80
C ALA D 385 -8.65 30.41 -14.50
N ALA D 386 -9.25 30.84 -13.40
CA ALA D 386 -8.67 30.55 -12.08
C ALA D 386 -8.88 29.08 -11.75
N ALA D 387 -7.83 28.46 -11.22
CA ALA D 387 -7.90 27.07 -10.77
C ALA D 387 -7.00 26.91 -9.57
N TRP D 388 -7.39 26.02 -8.66
CA TRP D 388 -6.66 25.83 -7.41
C TRP D 388 -7.16 24.55 -6.75
N MET D 389 -6.59 24.24 -5.59
CA MET D 389 -6.86 23.02 -4.85
C MET D 389 -7.76 23.25 -3.64
N ASP D 390 -7.42 24.26 -2.85
CA ASP D 390 -7.85 24.35 -1.48
C ASP D 390 -9.25 24.95 -1.40
N PRO D 391 -10.26 24.21 -0.90
CA PRO D 391 -11.60 24.80 -0.79
C PRO D 391 -11.62 26.02 0.09
N THR D 392 -10.72 26.07 1.09
CA THR D 392 -10.70 27.20 2.01
C THR D 392 -10.29 28.50 1.33
N GLU D 393 -9.65 28.46 0.17
CA GLU D 393 -9.18 29.67 -0.49
C GLU D 393 -10.03 30.09 -1.69
N ASP D 394 -11.28 29.60 -1.77
CA ASP D 394 -12.12 29.85 -2.94
C ASP D 394 -12.24 31.34 -3.27
N ALA D 395 -12.47 32.17 -2.24
CA ALA D 395 -12.81 33.57 -2.48
C ALA D 395 -11.65 34.33 -3.10
N ARG D 396 -10.43 34.10 -2.61
CA ARG D 396 -9.23 34.70 -3.19
C ARG D 396 -9.19 34.47 -4.70
N HIS D 397 -9.25 33.20 -5.12
CA HIS D 397 -9.04 32.87 -6.52
C HIS D 397 -10.24 33.30 -7.38
N THR D 398 -11.45 33.08 -6.90
CA THR D 398 -12.63 33.55 -7.62
C THR D 398 -12.61 35.07 -7.76
N ALA D 399 -12.23 35.79 -6.69
CA ALA D 399 -12.18 37.24 -6.77
C ALA D 399 -11.19 37.71 -7.83
N TRP D 400 -10.06 37.00 -7.99
CA TRP D 400 -9.08 37.42 -8.98
C TRP D 400 -9.69 37.45 -10.38
N ALA D 401 -10.44 36.41 -10.73
CA ALA D 401 -11.00 36.34 -12.08
C ALA D 401 -12.07 37.39 -12.30
N ARG D 402 -12.89 37.73 -11.35
CA ARG D 402 -13.92 38.74 -11.57
C ARG D 402 -13.49 40.18 -11.67
N GLU D 403 -12.44 40.52 -10.95
CA GLU D 403 -11.91 41.82 -10.97
C GLU D 403 -11.28 42.10 -12.28
N GLY D 404 -10.60 41.10 -12.80
CA GLY D 404 -9.93 41.17 -14.06
C GLY D 404 -10.91 41.36 -15.16
N TYR D 405 -12.01 40.65 -15.09
CA TYR D 405 -13.04 40.75 -16.08
C TYR D 405 -13.67 42.14 -16.15
N ARG D 406 -13.86 42.76 -15.00
CA ARG D 406 -14.39 44.09 -14.90
C ARG D 406 -13.47 45.11 -15.50
N ALA D 407 -12.22 44.95 -15.19
CA ALA D 407 -11.21 45.86 -15.65
C ALA D 407 -11.16 45.94 -17.15
N LEU D 408 -11.35 44.83 -17.82
CA LEU D 408 -11.39 44.74 -19.25
C LEU D 408 -12.77 44.83 -19.85
N ALA D 409 -13.80 45.05 -19.07
CA ALA D 409 -15.19 45.06 -19.55
C ALA D 409 -15.57 46.10 -20.54
N GLY D 410 -14.91 47.22 -20.50
CA GLY D 410 -15.11 48.25 -21.44
C GLY D 410 -14.52 47.70 -22.70
N HIS D 411 -13.78 46.64 -22.61
CA HIS D 411 -13.31 46.21 -23.92
C HIS D 411 -13.96 44.92 -24.38
N LEU D 412 -14.69 44.24 -23.50
CA LEU D 412 -15.22 42.92 -23.77
C LEU D 412 -16.62 43.00 -24.37
N SER D 413 -16.91 42.10 -25.30
CA SER D 413 -18.25 41.94 -25.84
C SER D 413 -18.57 40.45 -25.93
N GLY D 414 -19.87 40.14 -25.95
CA GLY D 414 -20.32 38.78 -26.11
C GLY D 414 -19.80 37.84 -25.04
N GLY D 415 -19.65 36.58 -25.43
CA GLY D 415 -19.21 35.53 -24.52
C GLY D 415 -19.41 34.15 -25.11
N TYR D 416 -18.45 33.26 -24.86
CA TYR D 416 -18.54 31.88 -25.30
C TYR D 416 -19.34 31.07 -24.29
N VAL D 417 -20.41 30.41 -24.74
CA VAL D 417 -21.29 29.69 -23.82
C VAL D 417 -20.51 28.64 -23.04
N ASN D 418 -19.57 27.97 -23.70
CA ASN D 418 -18.76 26.92 -23.09
C ASN D 418 -17.71 27.46 -22.13
N PHE D 419 -17.66 28.76 -21.85
CA PHE D 419 -16.79 29.32 -20.82
C PHE D 419 -17.57 29.99 -19.69
N MET D 420 -18.89 29.87 -19.68
CA MET D 420 -19.69 30.44 -18.60
C MET D 420 -19.49 29.65 -17.30
N ASN D 421 -19.60 30.35 -16.18
CA ASN D 421 -19.42 29.79 -14.85
C ASN D 421 -20.79 29.58 -14.18
N PRO D 422 -20.84 28.88 -13.03
CA PRO D 422 -22.14 28.57 -12.43
C PRO D 422 -23.02 29.79 -12.17
N GLY D 423 -22.44 30.98 -12.05
CA GLY D 423 -23.19 32.18 -11.75
C GLY D 423 -23.61 33.02 -12.94
N GLU D 424 -23.37 32.57 -14.17
CA GLU D 424 -23.65 33.38 -15.34
C GLU D 424 -24.85 32.86 -16.13
N ALA D 425 -25.82 32.25 -15.44
CA ALA D 425 -27.01 31.73 -16.10
C ALA D 425 -27.73 32.81 -16.91
N ASP D 426 -27.49 34.08 -16.58
CA ASP D 426 -28.20 35.21 -17.16
C ASP D 426 -27.35 36.00 -18.14
N ARG D 427 -26.15 35.55 -18.44
CA ARG D 427 -25.39 36.14 -19.54
C ARG D 427 -25.79 35.58 -20.89
N THR D 428 -26.84 34.75 -20.92
CA THR D 428 -27.14 33.95 -22.11
C THR D 428 -27.53 34.84 -23.29
N ARG D 429 -28.40 35.82 -23.07
CA ARG D 429 -28.86 36.60 -24.21
C ARG D 429 -27.79 37.61 -24.69
N GLU D 430 -27.08 38.26 -23.77
CA GLU D 430 -25.91 39.04 -24.22
C GLU D 430 -24.96 38.18 -25.02
N ALA D 431 -24.86 36.89 -24.66
CA ALA D 431 -23.97 35.98 -25.38
C ALA D 431 -24.43 35.77 -26.81
N TYR D 432 -25.69 35.37 -26.99
CA TYR D 432 -26.18 35.06 -28.33
C TYR D 432 -26.51 36.30 -29.15
N GLY D 433 -26.88 37.40 -28.50
CA GLY D 433 -27.41 38.54 -29.22
C GLY D 433 -28.88 38.34 -29.49
N ALA D 434 -29.65 39.44 -29.58
CA ALA D 434 -31.11 39.33 -29.51
C ALA D 434 -31.68 38.52 -30.67
N ALA D 435 -31.13 38.67 -31.87
CA ALA D 435 -31.72 38.00 -33.03
C ALA D 435 -31.49 36.49 -32.99
N LYS D 436 -30.29 36.07 -32.58
CA LYS D 436 -30.03 34.64 -32.39
C LYS D 436 -30.91 34.07 -31.30
N PHE D 437 -30.90 34.70 -30.11
CA PHE D 437 -31.66 34.21 -28.98
C PHE D 437 -33.12 33.97 -29.36
N GLU D 438 -33.72 34.88 -30.13
CA GLU D 438 -35.13 34.73 -30.47
C GLU D 438 -35.36 33.54 -31.41
N ARG D 439 -34.52 33.39 -32.44
CA ARG D 439 -34.65 32.23 -33.31
C ARG D 439 -34.43 30.94 -32.54
N LEU D 440 -33.49 30.94 -31.59
CA LEU D 440 -33.28 29.77 -30.74
C LEU D 440 -34.53 29.49 -29.91
N GLN D 441 -35.13 30.54 -29.33
CA GLN D 441 -36.35 30.38 -28.55
C GLN D 441 -37.47 29.77 -29.37
N GLY D 442 -37.52 30.10 -30.66
CA GLY D 442 -38.49 29.48 -31.55
C GLY D 442 -38.20 28.01 -31.81
N VAL D 443 -36.92 27.64 -31.88
CA VAL D 443 -36.59 26.23 -32.03
C VAL D 443 -36.84 25.48 -30.73
N LYS D 444 -36.63 26.13 -29.58
CA LYS D 444 -36.92 25.48 -28.30
C LYS D 444 -38.41 25.20 -28.15
N ALA D 445 -39.26 26.15 -28.56
CA ALA D 445 -40.71 25.97 -28.46
C ALA D 445 -41.17 24.72 -29.18
N LYS D 446 -40.53 24.38 -30.30
CA LYS D 446 -40.96 23.24 -31.11
C LYS D 446 -40.43 21.91 -30.57
N TYR D 447 -39.17 21.87 -30.12
CA TYR D 447 -38.55 20.61 -29.74
C TYR D 447 -38.45 20.39 -28.23
N ASP D 448 -38.50 21.45 -27.43
CA ASP D 448 -38.47 21.33 -25.97
C ASP D 448 -39.37 22.40 -25.37
N PRO D 449 -40.69 22.27 -25.55
CA PRO D 449 -41.60 23.31 -25.05
C PRO D 449 -41.73 23.30 -23.53
N THR D 450 -41.60 22.14 -22.89
CA THR D 450 -41.62 22.09 -21.44
C THR D 450 -40.28 22.42 -20.81
N ASN D 451 -39.28 22.76 -21.63
CA ASN D 451 -37.92 23.05 -21.17
C ASN D 451 -37.36 21.89 -20.33
N LEU D 452 -37.51 20.67 -20.84
CA LEU D 452 -37.00 19.51 -20.14
C LEU D 452 -35.48 19.59 -19.97
N PHE D 453 -34.79 20.24 -20.91
CA PHE D 453 -33.33 20.34 -20.91
C PHE D 453 -32.96 21.77 -20.54
N ARG D 454 -32.85 22.05 -19.24
CA ARG D 454 -32.54 23.38 -18.77
C ARG D 454 -31.22 23.47 -18.02
N LEU D 455 -30.52 22.36 -17.76
CA LEU D 455 -29.20 22.41 -17.15
C LEU D 455 -28.18 22.62 -18.26
N ASN D 456 -28.14 23.85 -18.75
CA ASN D 456 -27.26 24.32 -19.80
C ASN D 456 -27.39 25.83 -19.83
N GLN D 457 -26.62 26.49 -20.70
CA GLN D 457 -26.83 27.90 -20.94
C GLN D 457 -28.20 28.06 -21.59
N ASN D 458 -29.24 28.19 -20.76
CA ASN D 458 -30.57 27.81 -21.19
C ASN D 458 -31.27 28.86 -22.04
N ILE D 459 -31.96 28.39 -23.08
CA ILE D 459 -32.87 29.19 -23.90
C ILE D 459 -34.31 28.78 -23.59
N PRO D 460 -35.04 29.53 -22.77
CA PRO D 460 -36.42 29.15 -22.48
C PRO D 460 -37.28 29.23 -23.73
N PRO D 461 -38.35 28.43 -23.80
CA PRO D 461 -39.20 28.30 -25.00
C PRO D 461 -40.15 29.47 -25.24
PA FAD E . -6.18 -7.18 -34.35
O1A FAD E . -5.85 -7.41 -35.77
O2A FAD E . -7.56 -6.55 -34.12
O5B FAD E . -6.10 -8.48 -33.48
C5B FAD E . -4.85 -9.17 -33.28
C4B FAD E . -5.13 -10.53 -32.68
O4B FAD E . -5.72 -10.38 -31.37
C3B FAD E . -6.07 -11.43 -33.46
O3B FAD E . -5.66 -12.79 -33.39
C2B FAD E . -7.42 -11.17 -32.80
O2B FAD E . -8.26 -12.31 -32.91
C1B FAD E . -7.00 -10.97 -31.34
N9A FAD E . -7.88 -10.11 -30.55
C8A FAD E . -7.99 -8.74 -30.63
N7A FAD E . -8.83 -8.22 -29.78
C5A FAD E . -9.32 -9.31 -29.08
C6A FAD E . -10.26 -9.44 -28.05
N6A FAD E . -10.90 -8.40 -27.50
N1A FAD E . -10.54 -10.68 -27.58
C2A FAD E . -9.90 -11.72 -28.13
N3A FAD E . -8.99 -11.73 -29.10
C4A FAD E . -8.74 -10.49 -29.55
N1 FAD E . 2.92 -4.33 -29.48
C2 FAD E . 3.51 -3.98 -28.30
O2 FAD E . 3.61 -4.78 -27.37
N3 FAD E . 4.00 -2.69 -28.14
C4 FAD E . 3.97 -1.69 -29.07
O4 FAD E . 4.45 -0.58 -28.82
C4X FAD E . 3.34 -2.07 -30.32
N5 FAD E . 3.25 -1.17 -31.26
C5X FAD E . 2.64 -1.54 -32.45
C6 FAD E . 2.54 -0.59 -33.46
C7 FAD E . 1.93 -0.92 -34.68
C7M FAD E . 1.83 0.12 -35.77
C8 FAD E . 1.42 -2.22 -34.86
C8M FAD E . 0.79 -2.62 -36.15
C9 FAD E . 1.52 -3.15 -33.85
C9A FAD E . 2.12 -2.82 -32.65
N10 FAD E . 2.23 -3.76 -31.60
C10 FAD E . 2.84 -3.42 -30.42
C1' FAD E . 1.74 -5.13 -31.78
C2' FAD E . 0.33 -5.33 -31.24
O2' FAD E . 0.38 -5.64 -29.85
C3' FAD E . -0.33 -6.49 -31.99
O3' FAD E . -0.28 -6.23 -33.39
C4' FAD E . -1.78 -6.70 -31.58
O4' FAD E . -2.23 -7.96 -32.04
C5' FAD E . -2.64 -5.59 -32.16
O5' FAD E . -3.96 -5.68 -31.60
P FAD E . -5.22 -5.27 -32.45
O1P FAD E . -6.47 -5.63 -31.64
O2P FAD E . -5.03 -3.88 -32.89
O3P FAD E . -5.09 -6.24 -33.69
PA FAD F . 8.66 -1.07 11.67
O1A FAD F . 8.60 -1.88 10.43
O2A FAD F . 9.88 -1.30 12.57
O5B FAD F . 8.55 0.45 11.32
C5B FAD F . 7.31 1.01 10.85
C4B FAD F . 7.49 2.46 10.48
O4B FAD F . 7.73 3.24 11.68
C3B FAD F . 8.65 2.77 9.55
O3B FAD F . 8.28 3.83 8.66
C2B FAD F . 9.78 3.14 10.52
O2B FAD F . 10.73 4.02 9.93
C1B FAD F . 9.00 3.85 11.62
N9A FAD F . 9.59 3.77 12.96
C8A FAD F . 9.59 2.67 13.78
N7A FAD F . 10.16 2.89 14.95
C5A FAD F . 10.55 4.21 14.89
C6A FAD F . 11.22 5.06 15.81
N6A FAD F . 11.61 4.66 17.02
N1A FAD F . 11.46 6.33 15.43
C2A FAD F . 11.06 6.73 14.22
N3A FAD F . 10.43 6.03 13.26
C4A FAD F . 10.21 4.78 13.66
N1 FAD F . -1.43 -1.32 15.04
C2 FAD F . -2.28 -0.90 16.02
O2 FAD F . -2.55 0.31 16.15
N3 FAD F . -2.85 -1.82 16.87
C4 FAD F . -2.65 -3.19 16.86
O4 FAD F . -3.22 -3.91 17.67
C4X FAD F . -1.75 -3.62 15.80
N5 FAD F . -1.50 -4.90 15.71
C5X FAD F . -0.64 -5.31 14.73
C6 FAD F . -0.36 -6.68 14.61
C7 FAD F . 0.50 -7.13 13.62
C7M FAD F . 0.80 -8.61 13.50
C8 FAD F . 1.10 -6.21 12.75
C8M FAD F . 2.03 -6.65 11.67
C9 FAD F . 0.82 -4.86 12.85
C9A FAD F . -0.04 -4.41 13.84
N10 FAD F . -0.33 -3.04 13.97
C10 FAD F . -1.18 -2.61 14.95
C1' FAD F . 0.27 -2.06 13.05
C2' FAD F . 1.53 -1.43 13.62
O2' FAD F . 1.21 -0.27 14.39
C3' FAD F . 2.47 -1.04 12.48
O3' FAD F . 2.81 -2.22 11.76
C4' FAD F . 3.77 -0.43 13.01
O4' FAD F . 4.46 0.20 11.93
C5' FAD F . 4.63 -1.49 13.67
O5' FAD F . 5.76 -0.85 14.29
P FAD F . 7.21 -1.42 14.11
O1P FAD F . 8.22 -0.50 14.78
O2P FAD F . 7.21 -2.85 14.52
O3P FAD F . 7.36 -1.32 12.53
PA FAD G . 17.77 -10.05 41.67
O1A FAD G . 17.48 -9.64 43.05
O2A FAD G . 18.03 -8.92 40.67
O5B FAD G . 19.03 -11.01 41.60
C5B FAD G . 19.12 -12.20 42.40
C4B FAD G . 20.57 -12.61 42.59
O4B FAD G . 21.18 -12.87 41.31
C3B FAD G . 21.47 -11.61 43.30
O3B FAD G . 22.41 -12.31 44.11
C2B FAD G . 22.16 -10.88 42.14
O2B FAD G . 23.46 -10.45 42.52
C1B FAD G . 22.29 -12.00 41.11
N9A FAD G . 22.25 -11.56 39.71
C8A FAD G . 21.17 -11.09 39.03
N7A FAD G . 21.41 -10.78 37.78
C5A FAD G . 22.76 -11.09 37.62
C6A FAD G . 23.64 -10.99 36.53
N6A FAD G . 23.27 -10.56 35.31
N1A FAD G . 24.92 -11.38 36.71
C2A FAD G . 25.28 -11.82 37.92
N3A FAD G . 24.55 -11.95 39.03
C4A FAD G . 23.28 -11.57 38.81
N1 FAD G . 12.38 -19.15 40.24
C2 FAD G . 12.22 -20.22 39.40
O2 FAD G . 13.13 -21.02 39.20
N3 FAD G . 11.00 -20.42 38.78
C4 FAD G . 9.89 -19.63 38.90
O4 FAD G . 8.86 -19.91 38.30
C4X FAD G . 10.07 -18.50 39.79
N5 FAD G . 9.06 -17.69 39.97
C5X FAD G . 9.24 -16.61 40.81
C6 FAD G . 8.17 -15.73 41.01
C7 FAD G . 8.30 -14.63 41.85
C7M FAD G . 7.12 -13.70 42.05
C8 FAD G . 9.52 -14.40 42.50
C8M FAD G . 9.70 -13.23 43.43
C9 FAD G . 10.59 -15.27 42.30
C9A FAD G . 10.45 -16.36 41.46
N10 FAD G . 11.52 -17.26 41.24
C10 FAD G . 11.35 -18.34 40.41
C1' FAD G . 12.81 -17.07 41.92
C2' FAD G . 13.87 -16.42 41.05
O2' FAD G . 14.52 -17.40 40.24
C3' FAD G . 14.92 -15.77 41.93
O3' FAD G . 14.26 -14.88 42.83
C4' FAD G . 15.96 -14.98 41.15
O4' FAD G . 17.18 -14.93 41.90
C5' FAD G . 15.47 -13.57 40.89
O5' FAD G . 16.25 -12.97 39.84
P FAD G . 16.26 -11.42 39.64
O1P FAD G . 17.41 -11.00 38.72
O2P FAD G . 14.89 -11.02 39.28
O3P FAD G . 16.59 -10.95 41.13
PA FAD H . -20.44 18.39 -19.91
O1A FAD H . -20.52 16.91 -19.95
O2A FAD H . -20.31 18.97 -18.51
O5B FAD H . -21.63 19.06 -20.70
C5B FAD H . -21.64 20.48 -20.99
C4B FAD H . -23.01 20.91 -21.48
O4B FAD H . -23.31 20.27 -22.74
C3B FAD H . -24.17 20.55 -20.57
O3B FAD H . -25.19 21.56 -20.67
C2B FAD H . -24.65 19.20 -21.12
O2B FAD H . -26.02 18.97 -20.83
C1B FAD H . -24.42 19.41 -22.61
N9A FAD H . -24.13 18.19 -23.37
C8A FAD H . -22.99 17.45 -23.33
N7A FAD H . -23.00 16.41 -24.13
C5A FAD H . -24.24 16.48 -24.74
C6A FAD H . -24.86 15.67 -25.71
N6A FAD H . -24.31 14.58 -26.25
N1A FAD H . -26.11 16.01 -26.11
C2A FAD H . -26.68 17.10 -25.57
N3A FAD H . -26.18 17.94 -24.67
C4A FAD H . -24.95 17.57 -24.29
N1 FAD H . -13.72 24.59 -25.44
C2 FAD H . -13.21 24.85 -26.68
O2 FAD H . -13.91 25.28 -27.59
N3 FAD H . -11.86 24.64 -26.92
C4 FAD H . -10.94 24.19 -26.02
O4 FAD H . -9.76 24.03 -26.35
C4X FAD H . -11.49 23.90 -24.72
N5 FAD H . -10.68 23.45 -23.81
C5X FAD H . -11.20 23.18 -22.57
C6 FAD H . -10.33 22.70 -21.58
C7 FAD H . -10.80 22.40 -20.30
C7M FAD H . -9.83 21.89 -19.26
C8 FAD H . -12.16 22.60 -20.01
C8M FAD H . -12.70 22.32 -18.64
C9 FAD H . -13.02 23.08 -20.99
C9A FAD H . -12.55 23.37 -22.25
N10 FAD H . -13.40 23.84 -23.26
C10 FAD H . -12.89 24.13 -24.51
C1' FAD H . -14.82 24.11 -23.00
C2' FAD H . -15.75 22.98 -23.41
O2' FAD H . -16.18 23.16 -24.76
C3' FAD H . -17.01 23.02 -22.54
O3' FAD H . -16.62 22.77 -21.19
C4' FAD H . -17.99 21.93 -22.94
O4' FAD H . -19.31 22.27 -22.49
C5' FAD H . -17.52 20.63 -22.32
O5' FAD H . -18.31 19.53 -22.84
P FAD H . -18.49 18.23 -21.99
O1P FAD H . -19.45 17.22 -22.62
O2P FAD H . -17.11 17.77 -21.65
O3P FAD H . -19.16 18.89 -20.72
#